data_1TIA
# 
_entry.id   1TIA 
# 
_audit_conform.dict_name       mmcif_pdbx.dic 
_audit_conform.dict_version    5.386 
_audit_conform.dict_location   http://mmcif.pdb.org/dictionaries/ascii/mmcif_pdbx.dic 
# 
loop_
_database_2.database_id 
_database_2.database_code 
_database_2.pdbx_database_accession 
_database_2.pdbx_DOI 
PDB   1TIA         pdb_00001tia 10.2210/pdb1tia/pdb 
WWPDB D_1000176694 ?            ?                   
# 
loop_
_pdbx_audit_revision_history.ordinal 
_pdbx_audit_revision_history.data_content_type 
_pdbx_audit_revision_history.major_revision 
_pdbx_audit_revision_history.minor_revision 
_pdbx_audit_revision_history.revision_date 
1 'Structure model' 1 0 1995-01-26 
2 'Structure model' 1 1 2008-03-24 
3 'Structure model' 1 2 2011-07-13 
4 'Structure model' 1 3 2019-07-17 
5 'Structure model' 1 4 2019-08-14 
6 'Structure model' 1 5 2024-02-14 
# 
_pdbx_audit_revision_details.ordinal             1 
_pdbx_audit_revision_details.revision_ordinal    1 
_pdbx_audit_revision_details.data_content_type   'Structure model' 
_pdbx_audit_revision_details.provider            repository 
_pdbx_audit_revision_details.type                'Initial release' 
_pdbx_audit_revision_details.description         ? 
_pdbx_audit_revision_details.details             ? 
# 
loop_
_pdbx_audit_revision_group.ordinal 
_pdbx_audit_revision_group.revision_ordinal 
_pdbx_audit_revision_group.data_content_type 
_pdbx_audit_revision_group.group 
1 2 'Structure model' 'Version format compliance' 
2 3 'Structure model' 'Version format compliance' 
3 4 'Structure model' 'Data collection'           
4 4 'Structure model' Other                       
5 4 'Structure model' 'Refinement description'    
6 5 'Structure model' 'Data collection'           
7 5 'Structure model' 'Refinement description'    
8 6 'Structure model' 'Data collection'           
9 6 'Structure model' 'Database references'       
# 
loop_
_pdbx_audit_revision_category.ordinal 
_pdbx_audit_revision_category.revision_ordinal 
_pdbx_audit_revision_category.data_content_type 
_pdbx_audit_revision_category.category 
1 4 'Structure model' pdbx_database_status 
2 4 'Structure model' software             
3 5 'Structure model' software             
4 6 'Structure model' chem_comp_atom       
5 6 'Structure model' chem_comp_bond       
6 6 'Structure model' database_2           
# 
loop_
_pdbx_audit_revision_item.ordinal 
_pdbx_audit_revision_item.revision_ordinal 
_pdbx_audit_revision_item.data_content_type 
_pdbx_audit_revision_item.item 
1 4 'Structure model' '_pdbx_database_status.process_site'  
2 4 'Structure model' '_software.classification'            
3 5 'Structure model' '_software.classification'            
4 6 'Structure model' '_database_2.pdbx_DOI'                
5 6 'Structure model' '_database_2.pdbx_database_accession' 
# 
_pdbx_database_status.status_code                     REL 
_pdbx_database_status.entry_id                        1TIA 
_pdbx_database_status.recvd_initial_deposition_date   1993-12-06 
_pdbx_database_status.deposit_site                    ? 
_pdbx_database_status.process_site                    BNL 
_pdbx_database_status.SG_entry                        . 
_pdbx_database_status.pdb_format_compatible           Y 
_pdbx_database_status.status_code_mr                  ? 
_pdbx_database_status.status_code_sf                  ? 
_pdbx_database_status.status_code_cs                  ? 
_pdbx_database_status.methods_development_category    ? 
_pdbx_database_status.status_code_nmr_data            ? 
# 
loop_
_audit_author.name 
_audit_author.pdbx_ordinal 
'Derewenda, U.'   1 
'Swenson, L.'     2 
'Yamaguchi, S.'   3 
'Wei, Y.'         4 
'Derewenda, Z.S.' 5 
# 
loop_
_citation.id 
_citation.title 
_citation.journal_abbrev 
_citation.journal_volume 
_citation.page_first 
_citation.page_last 
_citation.year 
_citation.journal_id_ASTM 
_citation.country 
_citation.journal_id_ISSN 
_citation.journal_id_CSD 
_citation.book_publisher 
_citation.pdbx_database_id_PubMed 
_citation.pdbx_database_id_DOI 
primary 'An unusual buried polar cluster in a family of fungal lipases.'                     Nat.Struct.Biol. 1 36  47 1994 NSBIEW 
US 1072-8368 2024 ? 7656005 10.1038/nsb0194-36 
1       'Current Progress in Crystallographic Studies of New Lipases from Filamentous Fungi' 'Protein Eng.'   7 551 ?  1994 PRENE9 
UK 0269-2139 0859 ? ?       ?                  
# 
loop_
_citation_author.citation_id 
_citation_author.name 
_citation_author.ordinal 
_citation_author.identifier_ORCID 
primary 'Derewenda, U.'   1  ? 
primary 'Swenson, L.'     2  ? 
primary 'Green, R.'       3  ? 
primary 'Wei, Y.'         4  ? 
primary 'Dodson, G.G.'    5  ? 
primary 'Yamaguchi, S.'   6  ? 
primary 'Haas, M.J.'      7  ? 
primary 'Derewenda, Z.S.' 8  ? 
1       'Derewenda, U.'   9  ? 
1       'Swenson, L.'     10 ? 
1       'Green, R.'       11 ? 
1       'Wei, Y.'         12 ? 
1       'Yamaguchi, S.'   13 ? 
1       'Joerger, R.'     14 ? 
1       'Haas, M.J.'      15 ? 
1       'Derewenda, Z.S.' 16 ? 
# 
_entity.id                         1 
_entity.type                       polymer 
_entity.src_method                 man 
_entity.pdbx_description           LIPASE 
_entity.formula_weight             30205.533 
_entity.pdbx_number_of_molecules   1 
_entity.pdbx_ec                    3.1.1.3 
_entity.pdbx_mutation              ? 
_entity.pdbx_fragment              ? 
_entity.details                    ? 
# 
_entity_poly.entity_id                      1 
_entity_poly.type                           'polypeptide(L)' 
_entity_poly.nstd_linkage                   no 
_entity_poly.nstd_monomer                   no 
_entity_poly.pdbx_seq_one_letter_code       
;DVSTSELDQFEFWVQYAAASYYEADYTAQVGDKLSCSKGNCPEVEATGATVSYDFSDSTITDTAGYIAVDHTNSAVVLAF
RGSYSVRNWVADATFVHTNPGLCDGCLAELGFWSSWKLVRDDIIKELKEVVAQNPNYELVVVGHSLGAAVATLAATDLRG
KGYPSAKLYAYASPRVGNAALAKYITAQGNNFRFTHTNDPVPKLPLLSMGYVHVSPEYWITSPNNATVSTSDIKVIDGDV
SFDGNTGTGLPLLTDFEAHIWYFVQVDAGKGPGLPFKRV
;
_entity_poly.pdbx_seq_one_letter_code_can   
;DVSTSELDQFEFWVQYAAASYYEADYTAQVGDKLSCSKGNCPEVEATGATVSYDFSDSTITDTAGYIAVDHTNSAVVLAF
RGSYSVRNWVADATFVHTNPGLCDGCLAELGFWSSWKLVRDDIIKELKEVVAQNPNYELVVVGHSLGAAVATLAATDLRG
KGYPSAKLYAYASPRVGNAALAKYITAQGNNFRFTHTNDPVPKLPLLSMGYVHVSPEYWITSPNNATVSTSDIKVIDGDV
SFDGNTGTGLPLLTDFEAHIWYFVQVDAGKGPGLPFKRV
;
_entity_poly.pdbx_strand_id                 A 
_entity_poly.pdbx_target_identifier         ? 
# 
loop_
_entity_poly_seq.entity_id 
_entity_poly_seq.num 
_entity_poly_seq.mon_id 
_entity_poly_seq.hetero 
1 1   ASP n 
1 2   VAL n 
1 3   SER n 
1 4   THR n 
1 5   SER n 
1 6   GLU n 
1 7   LEU n 
1 8   ASP n 
1 9   GLN n 
1 10  PHE n 
1 11  GLU n 
1 12  PHE n 
1 13  TRP n 
1 14  VAL n 
1 15  GLN n 
1 16  TYR n 
1 17  ALA n 
1 18  ALA n 
1 19  ALA n 
1 20  SER n 
1 21  TYR n 
1 22  TYR n 
1 23  GLU n 
1 24  ALA n 
1 25  ASP n 
1 26  TYR n 
1 27  THR n 
1 28  ALA n 
1 29  GLN n 
1 30  VAL n 
1 31  GLY n 
1 32  ASP n 
1 33  LYS n 
1 34  LEU n 
1 35  SER n 
1 36  CYS n 
1 37  SER n 
1 38  LYS n 
1 39  GLY n 
1 40  ASN n 
1 41  CYS n 
1 42  PRO n 
1 43  GLU n 
1 44  VAL n 
1 45  GLU n 
1 46  ALA n 
1 47  THR n 
1 48  GLY n 
1 49  ALA n 
1 50  THR n 
1 51  VAL n 
1 52  SER n 
1 53  TYR n 
1 54  ASP n 
1 55  PHE n 
1 56  SER n 
1 57  ASP n 
1 58  SER n 
1 59  THR n 
1 60  ILE n 
1 61  THR n 
1 62  ASP n 
1 63  THR n 
1 64  ALA n 
1 65  GLY n 
1 66  TYR n 
1 67  ILE n 
1 68  ALA n 
1 69  VAL n 
1 70  ASP n 
1 71  HIS n 
1 72  THR n 
1 73  ASN n 
1 74  SER n 
1 75  ALA n 
1 76  VAL n 
1 77  VAL n 
1 78  LEU n 
1 79  ALA n 
1 80  PHE n 
1 81  ARG n 
1 82  GLY n 
1 83  SER n 
1 84  TYR n 
1 85  SER n 
1 86  VAL n 
1 87  ARG n 
1 88  ASN n 
1 89  TRP n 
1 90  VAL n 
1 91  ALA n 
1 92  ASP n 
1 93  ALA n 
1 94  THR n 
1 95  PHE n 
1 96  VAL n 
1 97  HIS n 
1 98  THR n 
1 99  ASN n 
1 100 PRO n 
1 101 GLY n 
1 102 LEU n 
1 103 CYS n 
1 104 ASP n 
1 105 GLY n 
1 106 CYS n 
1 107 LEU n 
1 108 ALA n 
1 109 GLU n 
1 110 LEU n 
1 111 GLY n 
1 112 PHE n 
1 113 TRP n 
1 114 SER n 
1 115 SER n 
1 116 TRP n 
1 117 LYS n 
1 118 LEU n 
1 119 VAL n 
1 120 ARG n 
1 121 ASP n 
1 122 ASP n 
1 123 ILE n 
1 124 ILE n 
1 125 LYS n 
1 126 GLU n 
1 127 LEU n 
1 128 LYS n 
1 129 GLU n 
1 130 VAL n 
1 131 VAL n 
1 132 ALA n 
1 133 GLN n 
1 134 ASN n 
1 135 PRO n 
1 136 ASN n 
1 137 TYR n 
1 138 GLU n 
1 139 LEU n 
1 140 VAL n 
1 141 VAL n 
1 142 VAL n 
1 143 GLY n 
1 144 HIS n 
1 145 SER n 
1 146 LEU n 
1 147 GLY n 
1 148 ALA n 
1 149 ALA n 
1 150 VAL n 
1 151 ALA n 
1 152 THR n 
1 153 LEU n 
1 154 ALA n 
1 155 ALA n 
1 156 THR n 
1 157 ASP n 
1 158 LEU n 
1 159 ARG n 
1 160 GLY n 
1 161 LYS n 
1 162 GLY n 
1 163 TYR n 
1 164 PRO n 
1 165 SER n 
1 166 ALA n 
1 167 LYS n 
1 168 LEU n 
1 169 TYR n 
1 170 ALA n 
1 171 TYR n 
1 172 ALA n 
1 173 SER n 
1 174 PRO n 
1 175 ARG n 
1 176 VAL n 
1 177 GLY n 
1 178 ASN n 
1 179 ALA n 
1 180 ALA n 
1 181 LEU n 
1 182 ALA n 
1 183 LYS n 
1 184 TYR n 
1 185 ILE n 
1 186 THR n 
1 187 ALA n 
1 188 GLN n 
1 189 GLY n 
1 190 ASN n 
1 191 ASN n 
1 192 PHE n 
1 193 ARG n 
1 194 PHE n 
1 195 THR n 
1 196 HIS n 
1 197 THR n 
1 198 ASN n 
1 199 ASP n 
1 200 PRO n 
1 201 VAL n 
1 202 PRO n 
1 203 LYS n 
1 204 LEU n 
1 205 PRO n 
1 206 LEU n 
1 207 LEU n 
1 208 SER n 
1 209 MET n 
1 210 GLY n 
1 211 TYR n 
1 212 VAL n 
1 213 HIS n 
1 214 VAL n 
1 215 SER n 
1 216 PRO n 
1 217 GLU n 
1 218 TYR n 
1 219 TRP n 
1 220 ILE n 
1 221 THR n 
1 222 SER n 
1 223 PRO n 
1 224 ASN n 
1 225 ASN n 
1 226 ALA n 
1 227 THR n 
1 228 VAL n 
1 229 SER n 
1 230 THR n 
1 231 SER n 
1 232 ASP n 
1 233 ILE n 
1 234 LYS n 
1 235 VAL n 
1 236 ILE n 
1 237 ASP n 
1 238 GLY n 
1 239 ASP n 
1 240 VAL n 
1 241 SER n 
1 242 PHE n 
1 243 ASP n 
1 244 GLY n 
1 245 ASN n 
1 246 THR n 
1 247 GLY n 
1 248 THR n 
1 249 GLY n 
1 250 LEU n 
1 251 PRO n 
1 252 LEU n 
1 253 LEU n 
1 254 THR n 
1 255 ASP n 
1 256 PHE n 
1 257 GLU n 
1 258 ALA n 
1 259 HIS n 
1 260 ILE n 
1 261 TRP n 
1 262 TYR n 
1 263 PHE n 
1 264 VAL n 
1 265 GLN n 
1 266 VAL n 
1 267 ASP n 
1 268 ALA n 
1 269 GLY n 
1 270 LYS n 
1 271 GLY n 
1 272 PRO n 
1 273 GLY n 
1 274 LEU n 
1 275 PRO n 
1 276 PHE n 
1 277 LYS n 
1 278 ARG n 
1 279 VAL n 
# 
_entity_src_gen.entity_id                          1 
_entity_src_gen.pdbx_src_id                        1 
_entity_src_gen.pdbx_alt_source_flag               sample 
_entity_src_gen.pdbx_seq_type                      ? 
_entity_src_gen.pdbx_beg_seq_num                   ? 
_entity_src_gen.pdbx_end_seq_num                   ? 
_entity_src_gen.gene_src_common_name               ? 
_entity_src_gen.gene_src_genus                     Penicillium 
_entity_src_gen.pdbx_gene_src_gene                 ? 
_entity_src_gen.gene_src_species                   ? 
_entity_src_gen.gene_src_strain                    ? 
_entity_src_gen.gene_src_tissue                    ? 
_entity_src_gen.gene_src_tissue_fraction           ? 
_entity_src_gen.gene_src_details                   ? 
_entity_src_gen.pdbx_gene_src_fragment             ? 
_entity_src_gen.pdbx_gene_src_scientific_name      'Penicillium camemberti' 
_entity_src_gen.pdbx_gene_src_ncbi_taxonomy_id     5075 
_entity_src_gen.pdbx_gene_src_variant              ? 
_entity_src_gen.pdbx_gene_src_cell_line            ? 
_entity_src_gen.pdbx_gene_src_atcc                 ? 
_entity_src_gen.pdbx_gene_src_organ                ? 
_entity_src_gen.pdbx_gene_src_organelle            ? 
_entity_src_gen.pdbx_gene_src_cell                 ? 
_entity_src_gen.pdbx_gene_src_cellular_location    ? 
_entity_src_gen.host_org_common_name               ? 
_entity_src_gen.pdbx_host_org_scientific_name      ? 
_entity_src_gen.pdbx_host_org_ncbi_taxonomy_id     ? 
_entity_src_gen.host_org_genus                     ? 
_entity_src_gen.pdbx_host_org_gene                 ? 
_entity_src_gen.pdbx_host_org_organ                ? 
_entity_src_gen.host_org_species                   ? 
_entity_src_gen.pdbx_host_org_tissue               ? 
_entity_src_gen.pdbx_host_org_tissue_fraction      ? 
_entity_src_gen.pdbx_host_org_strain               ? 
_entity_src_gen.pdbx_host_org_variant              ? 
_entity_src_gen.pdbx_host_org_cell_line            ? 
_entity_src_gen.pdbx_host_org_atcc                 ? 
_entity_src_gen.pdbx_host_org_culture_collection   ? 
_entity_src_gen.pdbx_host_org_cell                 ? 
_entity_src_gen.pdbx_host_org_organelle            ? 
_entity_src_gen.pdbx_host_org_cellular_location    ? 
_entity_src_gen.pdbx_host_org_vector_type          ? 
_entity_src_gen.pdbx_host_org_vector               ? 
_entity_src_gen.host_org_details                   ? 
_entity_src_gen.expression_system_id               ? 
_entity_src_gen.plasmid_name                       ? 
_entity_src_gen.plasmid_details                    ? 
_entity_src_gen.pdbx_description                   ? 
# 
loop_
_chem_comp.id 
_chem_comp.type 
_chem_comp.mon_nstd_flag 
_chem_comp.name 
_chem_comp.pdbx_synonyms 
_chem_comp.formula 
_chem_comp.formula_weight 
ALA 'L-peptide linking' y ALANINE         ? 'C3 H7 N O2'     89.093  
ARG 'L-peptide linking' y ARGININE        ? 'C6 H15 N4 O2 1' 175.209 
ASN 'L-peptide linking' y ASPARAGINE      ? 'C4 H8 N2 O3'    132.118 
ASP 'L-peptide linking' y 'ASPARTIC ACID' ? 'C4 H7 N O4'     133.103 
CYS 'L-peptide linking' y CYSTEINE        ? 'C3 H7 N O2 S'   121.158 
GLN 'L-peptide linking' y GLUTAMINE       ? 'C5 H10 N2 O3'   146.144 
GLU 'L-peptide linking' y 'GLUTAMIC ACID' ? 'C5 H9 N O4'     147.129 
GLY 'peptide linking'   y GLYCINE         ? 'C2 H5 N O2'     75.067  
HIS 'L-peptide linking' y HISTIDINE       ? 'C6 H10 N3 O2 1' 156.162 
ILE 'L-peptide linking' y ISOLEUCINE      ? 'C6 H13 N O2'    131.173 
LEU 'L-peptide linking' y LEUCINE         ? 'C6 H13 N O2'    131.173 
LYS 'L-peptide linking' y LYSINE          ? 'C6 H15 N2 O2 1' 147.195 
MET 'L-peptide linking' y METHIONINE      ? 'C5 H11 N O2 S'  149.211 
PHE 'L-peptide linking' y PHENYLALANINE   ? 'C9 H11 N O2'    165.189 
PRO 'L-peptide linking' y PROLINE         ? 'C5 H9 N O2'     115.130 
SER 'L-peptide linking' y SERINE          ? 'C3 H7 N O3'     105.093 
THR 'L-peptide linking' y THREONINE       ? 'C4 H9 N O3'     119.119 
TRP 'L-peptide linking' y TRYPTOPHAN      ? 'C11 H12 N2 O2'  204.225 
TYR 'L-peptide linking' y TYROSINE        ? 'C9 H11 N O3'    181.189 
VAL 'L-peptide linking' y VALINE          ? 'C5 H11 N O2'    117.146 
# 
loop_
_pdbx_poly_seq_scheme.asym_id 
_pdbx_poly_seq_scheme.entity_id 
_pdbx_poly_seq_scheme.seq_id 
_pdbx_poly_seq_scheme.mon_id 
_pdbx_poly_seq_scheme.ndb_seq_num 
_pdbx_poly_seq_scheme.pdb_seq_num 
_pdbx_poly_seq_scheme.auth_seq_num 
_pdbx_poly_seq_scheme.pdb_mon_id 
_pdbx_poly_seq_scheme.auth_mon_id 
_pdbx_poly_seq_scheme.pdb_strand_id 
_pdbx_poly_seq_scheme.pdb_ins_code 
_pdbx_poly_seq_scheme.hetero 
A 1 1   ASP 1   1   1   ASP ASP A . n 
A 1 2   VAL 2   2   2   VAL VAL A . n 
A 1 3   SER 3   3   3   SER SER A . n 
A 1 4   THR 4   4   4   THR THR A . n 
A 1 5   SER 5   5   5   SER SER A . n 
A 1 6   GLU 6   6   6   GLU GLU A . n 
A 1 7   LEU 7   7   7   LEU LEU A . n 
A 1 8   ASP 8   8   8   ASP ASP A . n 
A 1 9   GLN 9   9   9   GLN GLN A . n 
A 1 10  PHE 10  10  10  PHE PHE A . n 
A 1 11  GLU 11  11  11  GLU GLU A . n 
A 1 12  PHE 12  12  12  PHE PHE A . n 
A 1 13  TRP 13  13  13  TRP TRP A . n 
A 1 14  VAL 14  14  14  VAL VAL A . n 
A 1 15  GLN 15  15  15  GLN GLN A . n 
A 1 16  TYR 16  16  16  TYR TYR A . n 
A 1 17  ALA 17  17  17  ALA ALA A . n 
A 1 18  ALA 18  18  18  ALA ALA A . n 
A 1 19  ALA 19  19  19  ALA ALA A . n 
A 1 20  SER 20  20  20  SER SER A . n 
A 1 21  TYR 21  21  21  TYR TYR A . n 
A 1 22  TYR 22  22  22  TYR TYR A . n 
A 1 23  GLU 23  23  23  GLU GLU A . n 
A 1 24  ALA 24  24  24  ALA ALA A . n 
A 1 25  ASP 25  25  25  ASP ASP A . n 
A 1 26  TYR 26  26  26  TYR TYR A . n 
A 1 27  THR 27  27  27  THR THR A . n 
A 1 28  ALA 28  28  28  ALA ALA A . n 
A 1 29  GLN 29  29  29  GLN GLN A . n 
A 1 30  VAL 30  30  30  VAL VAL A . n 
A 1 31  GLY 31  31  31  GLY GLY A . n 
A 1 32  ASP 32  32  32  ASP ASP A . n 
A 1 33  LYS 33  33  33  LYS LYS A . n 
A 1 34  LEU 34  34  34  LEU LEU A . n 
A 1 35  SER 35  35  35  SER SER A . n 
A 1 36  CYS 36  36  36  CYS CYS A . n 
A 1 37  SER 37  37  37  SER SER A . n 
A 1 38  LYS 38  38  38  LYS LYS A . n 
A 1 39  GLY 39  39  39  GLY GLY A . n 
A 1 40  ASN 40  40  40  ASN ASN A . n 
A 1 41  CYS 41  41  41  CYS CYS A . n 
A 1 42  PRO 42  42  42  PRO PRO A . n 
A 1 43  GLU 43  43  43  GLU GLU A . n 
A 1 44  VAL 44  44  44  VAL VAL A . n 
A 1 45  GLU 45  45  45  GLU GLU A . n 
A 1 46  ALA 46  46  46  ALA ALA A . n 
A 1 47  THR 47  47  47  THR THR A . n 
A 1 48  GLY 48  48  48  GLY GLY A . n 
A 1 49  ALA 49  49  49  ALA ALA A . n 
A 1 50  THR 50  50  50  THR THR A . n 
A 1 51  VAL 51  51  51  VAL VAL A . n 
A 1 52  SER 52  52  52  SER SER A . n 
A 1 53  TYR 53  53  53  TYR TYR A . n 
A 1 54  ASP 54  54  54  ASP ASP A . n 
A 1 55  PHE 55  55  55  PHE PHE A . n 
A 1 56  SER 56  56  56  SER SER A . n 
A 1 57  ASP 57  57  57  ASP ASP A . n 
A 1 58  SER 58  58  58  SER SER A . n 
A 1 59  THR 59  59  59  THR THR A . n 
A 1 60  ILE 60  60  60  ILE ILE A . n 
A 1 61  THR 61  61  61  THR THR A . n 
A 1 62  ASP 62  62  62  ASP ASP A . n 
A 1 63  THR 63  63  63  THR THR A . n 
A 1 64  ALA 64  64  64  ALA ALA A . n 
A 1 65  GLY 65  65  65  GLY GLY A . n 
A 1 66  TYR 66  66  66  TYR TYR A . n 
A 1 67  ILE 67  67  67  ILE ILE A . n 
A 1 68  ALA 68  68  68  ALA ALA A . n 
A 1 69  VAL 69  69  69  VAL VAL A . n 
A 1 70  ASP 70  70  70  ASP ASP A . n 
A 1 71  HIS 71  71  71  HIS HIS A . n 
A 1 72  THR 72  72  72  THR THR A . n 
A 1 73  ASN 73  73  73  ASN ASN A . n 
A 1 74  SER 74  74  74  SER SER A . n 
A 1 75  ALA 75  75  75  ALA ALA A . n 
A 1 76  VAL 76  76  76  VAL VAL A . n 
A 1 77  VAL 77  77  77  VAL VAL A . n 
A 1 78  LEU 78  78  78  LEU LEU A . n 
A 1 79  ALA 79  79  79  ALA ALA A . n 
A 1 80  PHE 80  80  80  PHE PHE A . n 
A 1 81  ARG 81  81  81  ARG ARG A . n 
A 1 82  GLY 82  82  82  GLY GLY A . n 
A 1 83  SER 83  83  83  SER SER A . n 
A 1 84  TYR 84  84  84  TYR TYR A . n 
A 1 85  SER 85  85  85  SER SER A . n 
A 1 86  VAL 86  86  86  VAL VAL A . n 
A 1 87  ARG 87  87  87  ARG ARG A . n 
A 1 88  ASN 88  88  88  ASN ASN A . n 
A 1 89  TRP 89  89  89  TRP TRP A . n 
A 1 90  VAL 90  90  90  VAL VAL A . n 
A 1 91  ALA 91  91  91  ALA ALA A . n 
A 1 92  ASP 92  92  92  ASP ASP A . n 
A 1 93  ALA 93  93  93  ALA ALA A . n 
A 1 94  THR 94  94  94  THR THR A . n 
A 1 95  PHE 95  95  95  PHE PHE A . n 
A 1 96  VAL 96  96  96  VAL VAL A . n 
A 1 97  HIS 97  97  97  HIS HIS A . n 
A 1 98  THR 98  98  98  THR THR A . n 
A 1 99  ASN 99  99  99  ASN ASN A . n 
A 1 100 PRO 100 100 100 PRO PRO A . n 
A 1 101 GLY 101 101 101 GLY GLY A . n 
A 1 102 LEU 102 102 102 LEU LEU A . n 
A 1 103 CYS 103 103 103 CYS CYS A . n 
A 1 104 ASP 104 104 104 ASP ASP A . n 
A 1 105 GLY 105 105 105 GLY GLY A . n 
A 1 106 CYS 106 106 106 CYS CYS A . n 
A 1 107 LEU 107 107 107 LEU LEU A . n 
A 1 108 ALA 108 108 108 ALA ALA A . n 
A 1 109 GLU 109 109 109 GLU GLU A . n 
A 1 110 LEU 110 110 110 LEU LEU A . n 
A 1 111 GLY 111 111 111 GLY GLY A . n 
A 1 112 PHE 112 112 112 PHE PHE A . n 
A 1 113 TRP 113 113 113 TRP TRP A . n 
A 1 114 SER 114 114 114 SER SER A . n 
A 1 115 SER 115 115 115 SER SER A . n 
A 1 116 TRP 116 116 116 TRP TRP A . n 
A 1 117 LYS 117 117 117 LYS LYS A . n 
A 1 118 LEU 118 118 118 LEU LEU A . n 
A 1 119 VAL 119 119 119 VAL VAL A . n 
A 1 120 ARG 120 120 120 ARG ARG A . n 
A 1 121 ASP 121 121 121 ASP ASP A . n 
A 1 122 ASP 122 122 122 ASP ASP A . n 
A 1 123 ILE 123 123 123 ILE ILE A . n 
A 1 124 ILE 124 124 124 ILE ILE A . n 
A 1 125 LYS 125 125 125 LYS LYS A . n 
A 1 126 GLU 126 126 126 GLU GLU A . n 
A 1 127 LEU 127 127 127 LEU LEU A . n 
A 1 128 LYS 128 128 128 LYS LYS A . n 
A 1 129 GLU 129 129 129 GLU GLU A . n 
A 1 130 VAL 130 130 130 VAL VAL A . n 
A 1 131 VAL 131 131 131 VAL VAL A . n 
A 1 132 ALA 132 132 132 ALA ALA A . n 
A 1 133 GLN 133 133 133 GLN GLN A . n 
A 1 134 ASN 134 134 134 ASN ASN A . n 
A 1 135 PRO 135 135 135 PRO PRO A . n 
A 1 136 ASN 136 136 136 ASN ASN A . n 
A 1 137 TYR 137 137 137 TYR TYR A . n 
A 1 138 GLU 138 138 138 GLU GLU A . n 
A 1 139 LEU 139 139 139 LEU LEU A . n 
A 1 140 VAL 140 140 140 VAL VAL A . n 
A 1 141 VAL 141 141 141 VAL VAL A . n 
A 1 142 VAL 142 142 142 VAL VAL A . n 
A 1 143 GLY 143 143 143 GLY GLY A . n 
A 1 144 HIS 144 144 144 HIS HIS A . n 
A 1 145 SER 145 145 145 SER SER A . n 
A 1 146 LEU 146 146 146 LEU LEU A . n 
A 1 147 GLY 147 147 147 GLY GLY A . n 
A 1 148 ALA 148 148 148 ALA ALA A . n 
A 1 149 ALA 149 149 149 ALA ALA A . n 
A 1 150 VAL 150 150 150 VAL VAL A . n 
A 1 151 ALA 151 151 151 ALA ALA A . n 
A 1 152 THR 152 152 152 THR THR A . n 
A 1 153 LEU 153 153 153 LEU LEU A . n 
A 1 154 ALA 154 154 154 ALA ALA A . n 
A 1 155 ALA 155 155 155 ALA ALA A . n 
A 1 156 THR 156 156 156 THR THR A . n 
A 1 157 ASP 157 157 157 ASP ASP A . n 
A 1 158 LEU 158 158 158 LEU LEU A . n 
A 1 159 ARG 159 159 159 ARG ARG A . n 
A 1 160 GLY 160 160 160 GLY GLY A . n 
A 1 161 LYS 161 161 161 LYS LYS A . n 
A 1 162 GLY 162 162 162 GLY GLY A . n 
A 1 163 TYR 163 163 163 TYR TYR A . n 
A 1 164 PRO 164 164 164 PRO PRO A . n 
A 1 165 SER 165 165 165 SER SER A . n 
A 1 166 ALA 166 166 166 ALA ALA A . n 
A 1 167 LYS 167 167 167 LYS LYS A . n 
A 1 168 LEU 168 168 168 LEU LEU A . n 
A 1 169 TYR 169 169 169 TYR TYR A . n 
A 1 170 ALA 170 170 170 ALA ALA A . n 
A 1 171 TYR 171 171 171 TYR TYR A . n 
A 1 172 ALA 172 172 172 ALA ALA A . n 
A 1 173 SER 173 173 173 SER SER A . n 
A 1 174 PRO 174 174 174 PRO PRO A . n 
A 1 175 ARG 175 175 175 ARG ARG A . n 
A 1 176 VAL 176 176 176 VAL VAL A . n 
A 1 177 GLY 177 177 177 GLY GLY A . n 
A 1 178 ASN 178 178 178 ASN ASN A . n 
A 1 179 ALA 179 179 179 ALA ALA A . n 
A 1 180 ALA 180 180 180 ALA ALA A . n 
A 1 181 LEU 181 181 181 LEU LEU A . n 
A 1 182 ALA 182 182 182 ALA ALA A . n 
A 1 183 LYS 183 183 183 LYS LYS A . n 
A 1 184 TYR 184 184 184 TYR TYR A . n 
A 1 185 ILE 185 185 185 ILE ILE A . n 
A 1 186 THR 186 186 186 THR THR A . n 
A 1 187 ALA 187 187 187 ALA ALA A . n 
A 1 188 GLN 188 188 188 GLN GLN A . n 
A 1 189 GLY 189 189 189 GLY GLY A . n 
A 1 190 ASN 190 190 190 ASN ASN A . n 
A 1 191 ASN 191 191 191 ASN ASN A . n 
A 1 192 PHE 192 192 192 PHE PHE A . n 
A 1 193 ARG 193 193 193 ARG ARG A . n 
A 1 194 PHE 194 194 194 PHE PHE A . n 
A 1 195 THR 195 195 195 THR THR A . n 
A 1 196 HIS 196 196 196 HIS HIS A . n 
A 1 197 THR 197 197 197 THR THR A . n 
A 1 198 ASN 198 198 198 ASN ASN A . n 
A 1 199 ASP 199 199 199 ASP ASP A . n 
A 1 200 PRO 200 200 200 PRO PRO A . n 
A 1 201 VAL 201 201 201 VAL VAL A . n 
A 1 202 PRO 202 202 202 PRO PRO A . n 
A 1 203 LYS 203 203 203 LYS LYS A . n 
A 1 204 LEU 204 204 204 LEU LEU A . n 
A 1 205 PRO 205 205 205 PRO PRO A . n 
A 1 206 LEU 206 206 206 LEU LEU A . n 
A 1 207 LEU 207 207 207 LEU LEU A . n 
A 1 208 SER 208 208 208 SER SER A . n 
A 1 209 MET 209 209 209 MET MET A . n 
A 1 210 GLY 210 210 210 GLY GLY A . n 
A 1 211 TYR 211 211 211 TYR TYR A . n 
A 1 212 VAL 212 212 212 VAL VAL A . n 
A 1 213 HIS 213 213 213 HIS HIS A . n 
A 1 214 VAL 214 214 214 VAL VAL A . n 
A 1 215 SER 215 215 215 SER SER A . n 
A 1 216 PRO 216 216 216 PRO PRO A . n 
A 1 217 GLU 217 217 217 GLU GLU A . n 
A 1 218 TYR 218 218 218 TYR TYR A . n 
A 1 219 TRP 219 219 219 TRP TRP A . n 
A 1 220 ILE 220 220 220 ILE ILE A . n 
A 1 221 THR 221 221 221 THR THR A . n 
A 1 222 SER 222 222 222 SER SER A . n 
A 1 223 PRO 223 223 223 PRO PRO A . n 
A 1 224 ASN 224 224 224 ASN ASN A . n 
A 1 225 ASN 225 225 225 ASN ASN A . n 
A 1 226 ALA 226 226 226 ALA ALA A . n 
A 1 227 THR 227 227 227 THR THR A . n 
A 1 228 VAL 228 228 228 VAL VAL A . n 
A 1 229 SER 229 229 229 SER SER A . n 
A 1 230 THR 230 230 230 THR THR A . n 
A 1 231 SER 231 231 231 SER SER A . n 
A 1 232 ASP 232 232 232 ASP ASP A . n 
A 1 233 ILE 233 233 233 ILE ILE A . n 
A 1 234 LYS 234 234 234 LYS LYS A . n 
A 1 235 VAL 235 235 235 VAL VAL A . n 
A 1 236 ILE 236 236 236 ILE ILE A . n 
A 1 237 ASP 237 237 237 ASP ASP A . n 
A 1 238 GLY 238 238 238 GLY GLY A . n 
A 1 239 ASP 239 239 239 ASP ASP A . n 
A 1 240 VAL 240 240 240 VAL VAL A . n 
A 1 241 SER 241 241 241 SER SER A . n 
A 1 242 PHE 242 242 242 PHE PHE A . n 
A 1 243 ASP 243 243 243 ASP ASP A . n 
A 1 244 GLY 244 244 244 GLY GLY A . n 
A 1 245 ASN 245 245 245 ASN ASN A . n 
A 1 246 THR 246 246 246 THR THR A . n 
A 1 247 GLY 247 247 247 GLY GLY A . n 
A 1 248 THR 248 248 248 THR THR A . n 
A 1 249 GLY 249 249 249 GLY GLY A . n 
A 1 250 LEU 250 250 250 LEU LEU A . n 
A 1 251 PRO 251 251 251 PRO PRO A . n 
A 1 252 LEU 252 252 252 LEU LEU A . n 
A 1 253 LEU 253 253 253 LEU LEU A . n 
A 1 254 THR 254 254 254 THR THR A . n 
A 1 255 ASP 255 255 255 ASP ASP A . n 
A 1 256 PHE 256 256 256 PHE PHE A . n 
A 1 257 GLU 257 257 257 GLU GLU A . n 
A 1 258 ALA 258 258 258 ALA ALA A . n 
A 1 259 HIS 259 259 259 HIS HIS A . n 
A 1 260 ILE 260 260 260 ILE ILE A . n 
A 1 261 TRP 261 261 261 TRP TRP A . n 
A 1 262 TYR 262 262 262 TYR TYR A . n 
A 1 263 PHE 263 263 263 PHE PHE A . n 
A 1 264 VAL 264 264 264 VAL VAL A . n 
A 1 265 GLN 265 265 265 GLN GLN A . n 
A 1 266 VAL 266 266 266 VAL VAL A . n 
A 1 267 ASP 267 267 267 ASP ASP A . n 
A 1 268 ALA 268 268 268 ALA ALA A . n 
A 1 269 GLY 269 269 269 GLY GLY A . n 
A 1 270 LYS 270 270 270 LYS LYS A . n 
A 1 271 GLY 271 271 271 GLY GLY A . n 
A 1 272 PRO 272 272 ?   ?   ?   A . n 
A 1 273 GLY 273 273 ?   ?   ?   A . n 
A 1 274 LEU 274 274 ?   ?   ?   A . n 
A 1 275 PRO 275 275 ?   ?   ?   A . n 
A 1 276 PHE 276 276 ?   ?   ?   A . n 
A 1 277 LYS 277 277 ?   ?   ?   A . n 
A 1 278 ARG 278 278 ?   ?   ?   A . n 
A 1 279 VAL 279 279 ?   ?   ?   A . n 
# 
loop_
_pdbx_unobs_or_zero_occ_atoms.id 
_pdbx_unobs_or_zero_occ_atoms.PDB_model_num 
_pdbx_unobs_or_zero_occ_atoms.polymer_flag 
_pdbx_unobs_or_zero_occ_atoms.occupancy_flag 
_pdbx_unobs_or_zero_occ_atoms.auth_asym_id 
_pdbx_unobs_or_zero_occ_atoms.auth_comp_id 
_pdbx_unobs_or_zero_occ_atoms.auth_seq_id 
_pdbx_unobs_or_zero_occ_atoms.PDB_ins_code 
_pdbx_unobs_or_zero_occ_atoms.auth_atom_id 
_pdbx_unobs_or_zero_occ_atoms.label_alt_id 
_pdbx_unobs_or_zero_occ_atoms.label_asym_id 
_pdbx_unobs_or_zero_occ_atoms.label_comp_id 
_pdbx_unobs_or_zero_occ_atoms.label_seq_id 
_pdbx_unobs_or_zero_occ_atoms.label_atom_id 
1    1 Y 1 A ASP 1   ? N   ? A ASP 1   N   
2    1 Y 1 A ASP 1   ? C   ? A ASP 1   C   
3    1 Y 1 A ASP 1   ? O   ? A ASP 1   O   
4    1 Y 1 A ASP 1   ? CB  ? A ASP 1   CB  
5    1 Y 1 A ASP 1   ? CG  ? A ASP 1   CG  
6    1 Y 1 A ASP 1   ? OD1 ? A ASP 1   OD1 
7    1 Y 1 A ASP 1   ? OD2 ? A ASP 1   OD2 
8    1 Y 1 A VAL 2   ? N   ? A VAL 2   N   
9    1 Y 1 A VAL 2   ? C   ? A VAL 2   C   
10   1 Y 1 A VAL 2   ? O   ? A VAL 2   O   
11   1 Y 1 A VAL 2   ? CB  ? A VAL 2   CB  
12   1 Y 1 A VAL 2   ? CG1 ? A VAL 2   CG1 
13   1 Y 1 A VAL 2   ? CG2 ? A VAL 2   CG2 
14   1 Y 1 A SER 3   ? N   ? A SER 3   N   
15   1 Y 1 A SER 3   ? C   ? A SER 3   C   
16   1 Y 1 A SER 3   ? O   ? A SER 3   O   
17   1 Y 1 A SER 3   ? CB  ? A SER 3   CB  
18   1 Y 1 A SER 3   ? OG  ? A SER 3   OG  
19   1 Y 1 A THR 4   ? N   ? A THR 4   N   
20   1 Y 1 A THR 4   ? C   ? A THR 4   C   
21   1 Y 1 A THR 4   ? O   ? A THR 4   O   
22   1 Y 1 A THR 4   ? CB  ? A THR 4   CB  
23   1 Y 1 A THR 4   ? OG1 ? A THR 4   OG1 
24   1 Y 1 A THR 4   ? CG2 ? A THR 4   CG2 
25   1 Y 1 A SER 5   ? N   ? A SER 5   N   
26   1 Y 1 A SER 5   ? C   ? A SER 5   C   
27   1 Y 1 A SER 5   ? O   ? A SER 5   O   
28   1 Y 1 A SER 5   ? CB  ? A SER 5   CB  
29   1 Y 1 A SER 5   ? OG  ? A SER 5   OG  
30   1 Y 1 A GLU 6   ? N   ? A GLU 6   N   
31   1 Y 1 A GLU 6   ? C   ? A GLU 6   C   
32   1 Y 1 A GLU 6   ? O   ? A GLU 6   O   
33   1 Y 1 A GLU 6   ? CB  ? A GLU 6   CB  
34   1 Y 1 A GLU 6   ? CG  ? A GLU 6   CG  
35   1 Y 1 A GLU 6   ? CD  ? A GLU 6   CD  
36   1 Y 1 A GLU 6   ? OE1 ? A GLU 6   OE1 
37   1 Y 1 A GLU 6   ? OE2 ? A GLU 6   OE2 
38   1 Y 1 A LEU 7   ? N   ? A LEU 7   N   
39   1 Y 1 A LEU 7   ? C   ? A LEU 7   C   
40   1 Y 1 A LEU 7   ? O   ? A LEU 7   O   
41   1 Y 1 A LEU 7   ? CB  ? A LEU 7   CB  
42   1 Y 1 A LEU 7   ? CG  ? A LEU 7   CG  
43   1 Y 1 A LEU 7   ? CD1 ? A LEU 7   CD1 
44   1 Y 1 A LEU 7   ? CD2 ? A LEU 7   CD2 
45   1 Y 1 A ASP 8   ? N   ? A ASP 8   N   
46   1 Y 1 A ASP 8   ? C   ? A ASP 8   C   
47   1 Y 1 A ASP 8   ? O   ? A ASP 8   O   
48   1 Y 1 A ASP 8   ? CB  ? A ASP 8   CB  
49   1 Y 1 A ASP 8   ? CG  ? A ASP 8   CG  
50   1 Y 1 A ASP 8   ? OD1 ? A ASP 8   OD1 
51   1 Y 1 A ASP 8   ? OD2 ? A ASP 8   OD2 
52   1 Y 1 A GLN 9   ? N   ? A GLN 9   N   
53   1 Y 1 A GLN 9   ? C   ? A GLN 9   C   
54   1 Y 1 A GLN 9   ? O   ? A GLN 9   O   
55   1 Y 1 A GLN 9   ? CB  ? A GLN 9   CB  
56   1 Y 1 A GLN 9   ? CG  ? A GLN 9   CG  
57   1 Y 1 A GLN 9   ? CD  ? A GLN 9   CD  
58   1 Y 1 A GLN 9   ? OE1 ? A GLN 9   OE1 
59   1 Y 1 A GLN 9   ? NE2 ? A GLN 9   NE2 
60   1 Y 1 A PHE 10  ? N   ? A PHE 10  N   
61   1 Y 1 A PHE 10  ? C   ? A PHE 10  C   
62   1 Y 1 A PHE 10  ? O   ? A PHE 10  O   
63   1 Y 1 A PHE 10  ? CB  ? A PHE 10  CB  
64   1 Y 1 A PHE 10  ? CG  ? A PHE 10  CG  
65   1 Y 1 A PHE 10  ? CD1 ? A PHE 10  CD1 
66   1 Y 1 A PHE 10  ? CD2 ? A PHE 10  CD2 
67   1 Y 1 A PHE 10  ? CE1 ? A PHE 10  CE1 
68   1 Y 1 A PHE 10  ? CE2 ? A PHE 10  CE2 
69   1 Y 1 A PHE 10  ? CZ  ? A PHE 10  CZ  
70   1 Y 1 A GLU 11  ? N   ? A GLU 11  N   
71   1 Y 1 A GLU 11  ? C   ? A GLU 11  C   
72   1 Y 1 A GLU 11  ? O   ? A GLU 11  O   
73   1 Y 1 A GLU 11  ? CB  ? A GLU 11  CB  
74   1 Y 1 A GLU 11  ? CG  ? A GLU 11  CG  
75   1 Y 1 A GLU 11  ? CD  ? A GLU 11  CD  
76   1 Y 1 A GLU 11  ? OE1 ? A GLU 11  OE1 
77   1 Y 1 A GLU 11  ? OE2 ? A GLU 11  OE2 
78   1 Y 1 A PHE 12  ? N   ? A PHE 12  N   
79   1 Y 1 A PHE 12  ? C   ? A PHE 12  C   
80   1 Y 1 A PHE 12  ? O   ? A PHE 12  O   
81   1 Y 1 A PHE 12  ? CB  ? A PHE 12  CB  
82   1 Y 1 A PHE 12  ? CG  ? A PHE 12  CG  
83   1 Y 1 A PHE 12  ? CD1 ? A PHE 12  CD1 
84   1 Y 1 A PHE 12  ? CD2 ? A PHE 12  CD2 
85   1 Y 1 A PHE 12  ? CE1 ? A PHE 12  CE1 
86   1 Y 1 A PHE 12  ? CE2 ? A PHE 12  CE2 
87   1 Y 1 A PHE 12  ? CZ  ? A PHE 12  CZ  
88   1 Y 1 A TRP 13  ? N   ? A TRP 13  N   
89   1 Y 1 A TRP 13  ? C   ? A TRP 13  C   
90   1 Y 1 A TRP 13  ? O   ? A TRP 13  O   
91   1 Y 1 A TRP 13  ? CB  ? A TRP 13  CB  
92   1 Y 1 A TRP 13  ? CG  ? A TRP 13  CG  
93   1 Y 1 A TRP 13  ? CD1 ? A TRP 13  CD1 
94   1 Y 1 A TRP 13  ? CD2 ? A TRP 13  CD2 
95   1 Y 1 A TRP 13  ? NE1 ? A TRP 13  NE1 
96   1 Y 1 A TRP 13  ? CE2 ? A TRP 13  CE2 
97   1 Y 1 A TRP 13  ? CE3 ? A TRP 13  CE3 
98   1 Y 1 A TRP 13  ? CZ2 ? A TRP 13  CZ2 
99   1 Y 1 A TRP 13  ? CZ3 ? A TRP 13  CZ3 
100  1 Y 1 A TRP 13  ? CH2 ? A TRP 13  CH2 
101  1 Y 1 A VAL 14  ? N   ? A VAL 14  N   
102  1 Y 1 A VAL 14  ? C   ? A VAL 14  C   
103  1 Y 1 A VAL 14  ? O   ? A VAL 14  O   
104  1 Y 1 A VAL 14  ? CB  ? A VAL 14  CB  
105  1 Y 1 A VAL 14  ? CG1 ? A VAL 14  CG1 
106  1 Y 1 A VAL 14  ? CG2 ? A VAL 14  CG2 
107  1 Y 1 A GLN 15  ? N   ? A GLN 15  N   
108  1 Y 1 A GLN 15  ? C   ? A GLN 15  C   
109  1 Y 1 A GLN 15  ? O   ? A GLN 15  O   
110  1 Y 1 A GLN 15  ? CB  ? A GLN 15  CB  
111  1 Y 1 A GLN 15  ? CG  ? A GLN 15  CG  
112  1 Y 1 A GLN 15  ? CD  ? A GLN 15  CD  
113  1 Y 1 A GLN 15  ? OE1 ? A GLN 15  OE1 
114  1 Y 1 A GLN 15  ? NE2 ? A GLN 15  NE2 
115  1 Y 1 A TYR 16  ? N   ? A TYR 16  N   
116  1 Y 1 A TYR 16  ? C   ? A TYR 16  C   
117  1 Y 1 A TYR 16  ? O   ? A TYR 16  O   
118  1 Y 1 A TYR 16  ? CB  ? A TYR 16  CB  
119  1 Y 1 A TYR 16  ? CG  ? A TYR 16  CG  
120  1 Y 1 A TYR 16  ? CD1 ? A TYR 16  CD1 
121  1 Y 1 A TYR 16  ? CD2 ? A TYR 16  CD2 
122  1 Y 1 A TYR 16  ? CE1 ? A TYR 16  CE1 
123  1 Y 1 A TYR 16  ? CE2 ? A TYR 16  CE2 
124  1 Y 1 A TYR 16  ? CZ  ? A TYR 16  CZ  
125  1 Y 1 A TYR 16  ? OH  ? A TYR 16  OH  
126  1 Y 1 A ALA 17  ? N   ? A ALA 17  N   
127  1 Y 1 A ALA 17  ? C   ? A ALA 17  C   
128  1 Y 1 A ALA 17  ? O   ? A ALA 17  O   
129  1 Y 1 A ALA 17  ? CB  ? A ALA 17  CB  
130  1 Y 1 A ALA 18  ? N   ? A ALA 18  N   
131  1 Y 1 A ALA 18  ? C   ? A ALA 18  C   
132  1 Y 1 A ALA 18  ? O   ? A ALA 18  O   
133  1 Y 1 A ALA 18  ? CB  ? A ALA 18  CB  
134  1 Y 1 A ALA 19  ? N   ? A ALA 19  N   
135  1 Y 1 A ALA 19  ? C   ? A ALA 19  C   
136  1 Y 1 A ALA 19  ? O   ? A ALA 19  O   
137  1 Y 1 A ALA 19  ? CB  ? A ALA 19  CB  
138  1 Y 1 A SER 20  ? N   ? A SER 20  N   
139  1 Y 1 A SER 20  ? C   ? A SER 20  C   
140  1 Y 1 A SER 20  ? O   ? A SER 20  O   
141  1 Y 1 A SER 20  ? CB  ? A SER 20  CB  
142  1 Y 1 A SER 20  ? OG  ? A SER 20  OG  
143  1 Y 1 A TYR 21  ? N   ? A TYR 21  N   
144  1 Y 1 A TYR 21  ? C   ? A TYR 21  C   
145  1 Y 1 A TYR 21  ? O   ? A TYR 21  O   
146  1 Y 1 A TYR 21  ? CB  ? A TYR 21  CB  
147  1 Y 1 A TYR 21  ? CG  ? A TYR 21  CG  
148  1 Y 1 A TYR 21  ? CD1 ? A TYR 21  CD1 
149  1 Y 1 A TYR 21  ? CD2 ? A TYR 21  CD2 
150  1 Y 1 A TYR 21  ? CE1 ? A TYR 21  CE1 
151  1 Y 1 A TYR 21  ? CE2 ? A TYR 21  CE2 
152  1 Y 1 A TYR 21  ? CZ  ? A TYR 21  CZ  
153  1 Y 1 A TYR 21  ? OH  ? A TYR 21  OH  
154  1 Y 1 A TYR 22  ? N   ? A TYR 22  N   
155  1 Y 1 A TYR 22  ? C   ? A TYR 22  C   
156  1 Y 1 A TYR 22  ? O   ? A TYR 22  O   
157  1 Y 1 A TYR 22  ? CB  ? A TYR 22  CB  
158  1 Y 1 A TYR 22  ? CG  ? A TYR 22  CG  
159  1 Y 1 A TYR 22  ? CD1 ? A TYR 22  CD1 
160  1 Y 1 A TYR 22  ? CD2 ? A TYR 22  CD2 
161  1 Y 1 A TYR 22  ? CE1 ? A TYR 22  CE1 
162  1 Y 1 A TYR 22  ? CE2 ? A TYR 22  CE2 
163  1 Y 1 A TYR 22  ? CZ  ? A TYR 22  CZ  
164  1 Y 1 A TYR 22  ? OH  ? A TYR 22  OH  
165  1 Y 1 A GLU 23  ? N   ? A GLU 23  N   
166  1 Y 1 A GLU 23  ? C   ? A GLU 23  C   
167  1 Y 1 A GLU 23  ? O   ? A GLU 23  O   
168  1 Y 1 A GLU 23  ? CB  ? A GLU 23  CB  
169  1 Y 1 A GLU 23  ? CG  ? A GLU 23  CG  
170  1 Y 1 A GLU 23  ? CD  ? A GLU 23  CD  
171  1 Y 1 A GLU 23  ? OE1 ? A GLU 23  OE1 
172  1 Y 1 A GLU 23  ? OE2 ? A GLU 23  OE2 
173  1 Y 1 A ALA 24  ? N   ? A ALA 24  N   
174  1 Y 1 A ALA 24  ? C   ? A ALA 24  C   
175  1 Y 1 A ALA 24  ? O   ? A ALA 24  O   
176  1 Y 1 A ALA 24  ? CB  ? A ALA 24  CB  
177  1 Y 1 A ASP 25  ? N   ? A ASP 25  N   
178  1 Y 1 A ASP 25  ? C   ? A ASP 25  C   
179  1 Y 1 A ASP 25  ? O   ? A ASP 25  O   
180  1 Y 1 A ASP 25  ? CB  ? A ASP 25  CB  
181  1 Y 1 A ASP 25  ? CG  ? A ASP 25  CG  
182  1 Y 1 A ASP 25  ? OD1 ? A ASP 25  OD1 
183  1 Y 1 A ASP 25  ? OD2 ? A ASP 25  OD2 
184  1 Y 1 A TYR 26  ? N   ? A TYR 26  N   
185  1 Y 1 A TYR 26  ? C   ? A TYR 26  C   
186  1 Y 1 A TYR 26  ? O   ? A TYR 26  O   
187  1 Y 1 A TYR 26  ? CB  ? A TYR 26  CB  
188  1 Y 1 A TYR 26  ? CG  ? A TYR 26  CG  
189  1 Y 1 A TYR 26  ? CD1 ? A TYR 26  CD1 
190  1 Y 1 A TYR 26  ? CD2 ? A TYR 26  CD2 
191  1 Y 1 A TYR 26  ? CE1 ? A TYR 26  CE1 
192  1 Y 1 A TYR 26  ? CE2 ? A TYR 26  CE2 
193  1 Y 1 A TYR 26  ? CZ  ? A TYR 26  CZ  
194  1 Y 1 A TYR 26  ? OH  ? A TYR 26  OH  
195  1 Y 1 A THR 27  ? N   ? A THR 27  N   
196  1 Y 1 A THR 27  ? C   ? A THR 27  C   
197  1 Y 1 A THR 27  ? O   ? A THR 27  O   
198  1 Y 1 A THR 27  ? CB  ? A THR 27  CB  
199  1 Y 1 A THR 27  ? OG1 ? A THR 27  OG1 
200  1 Y 1 A THR 27  ? CG2 ? A THR 27  CG2 
201  1 Y 1 A ALA 28  ? N   ? A ALA 28  N   
202  1 Y 1 A ALA 28  ? C   ? A ALA 28  C   
203  1 Y 1 A ALA 28  ? O   ? A ALA 28  O   
204  1 Y 1 A ALA 28  ? CB  ? A ALA 28  CB  
205  1 Y 1 A GLN 29  ? N   ? A GLN 29  N   
206  1 Y 1 A GLN 29  ? C   ? A GLN 29  C   
207  1 Y 1 A GLN 29  ? O   ? A GLN 29  O   
208  1 Y 1 A GLN 29  ? CB  ? A GLN 29  CB  
209  1 Y 1 A GLN 29  ? CG  ? A GLN 29  CG  
210  1 Y 1 A GLN 29  ? CD  ? A GLN 29  CD  
211  1 Y 1 A GLN 29  ? OE1 ? A GLN 29  OE1 
212  1 Y 1 A GLN 29  ? NE2 ? A GLN 29  NE2 
213  1 Y 1 A VAL 30  ? N   ? A VAL 30  N   
214  1 Y 1 A VAL 30  ? C   ? A VAL 30  C   
215  1 Y 1 A VAL 30  ? O   ? A VAL 30  O   
216  1 Y 1 A VAL 30  ? CB  ? A VAL 30  CB  
217  1 Y 1 A VAL 30  ? CG1 ? A VAL 30  CG1 
218  1 Y 1 A VAL 30  ? CG2 ? A VAL 30  CG2 
219  1 Y 1 A GLY 31  ? N   ? A GLY 31  N   
220  1 Y 1 A GLY 31  ? C   ? A GLY 31  C   
221  1 Y 1 A GLY 31  ? O   ? A GLY 31  O   
222  1 Y 1 A ASP 32  ? N   ? A ASP 32  N   
223  1 Y 1 A ASP 32  ? C   ? A ASP 32  C   
224  1 Y 1 A ASP 32  ? O   ? A ASP 32  O   
225  1 Y 1 A ASP 32  ? CB  ? A ASP 32  CB  
226  1 Y 1 A ASP 32  ? CG  ? A ASP 32  CG  
227  1 Y 1 A ASP 32  ? OD1 ? A ASP 32  OD1 
228  1 Y 1 A ASP 32  ? OD2 ? A ASP 32  OD2 
229  1 Y 1 A LYS 33  ? N   ? A LYS 33  N   
230  1 Y 1 A LYS 33  ? C   ? A LYS 33  C   
231  1 Y 1 A LYS 33  ? O   ? A LYS 33  O   
232  1 Y 1 A LYS 33  ? CB  ? A LYS 33  CB  
233  1 Y 1 A LYS 33  ? CG  ? A LYS 33  CG  
234  1 Y 1 A LYS 33  ? CD  ? A LYS 33  CD  
235  1 Y 1 A LYS 33  ? CE  ? A LYS 33  CE  
236  1 Y 1 A LYS 33  ? NZ  ? A LYS 33  NZ  
237  1 Y 1 A LEU 34  ? N   ? A LEU 34  N   
238  1 Y 1 A LEU 34  ? C   ? A LEU 34  C   
239  1 Y 1 A LEU 34  ? O   ? A LEU 34  O   
240  1 Y 1 A LEU 34  ? CB  ? A LEU 34  CB  
241  1 Y 1 A LEU 34  ? CG  ? A LEU 34  CG  
242  1 Y 1 A LEU 34  ? CD1 ? A LEU 34  CD1 
243  1 Y 1 A LEU 34  ? CD2 ? A LEU 34  CD2 
244  1 Y 1 A SER 35  ? N   ? A SER 35  N   
245  1 Y 1 A SER 35  ? C   ? A SER 35  C   
246  1 Y 1 A SER 35  ? O   ? A SER 35  O   
247  1 Y 1 A SER 35  ? CB  ? A SER 35  CB  
248  1 Y 1 A SER 35  ? OG  ? A SER 35  OG  
249  1 Y 1 A CYS 36  ? N   ? A CYS 36  N   
250  1 Y 1 A CYS 36  ? C   ? A CYS 36  C   
251  1 Y 1 A CYS 36  ? O   ? A CYS 36  O   
252  1 Y 1 A CYS 36  ? CB  ? A CYS 36  CB  
253  1 Y 1 A CYS 36  ? SG  ? A CYS 36  SG  
254  1 Y 1 A SER 37  ? N   ? A SER 37  N   
255  1 Y 1 A SER 37  ? C   ? A SER 37  C   
256  1 Y 1 A SER 37  ? O   ? A SER 37  O   
257  1 Y 1 A SER 37  ? CB  ? A SER 37  CB  
258  1 Y 1 A SER 37  ? OG  ? A SER 37  OG  
259  1 Y 1 A LYS 38  ? N   ? A LYS 38  N   
260  1 Y 1 A LYS 38  ? C   ? A LYS 38  C   
261  1 Y 1 A LYS 38  ? O   ? A LYS 38  O   
262  1 Y 1 A LYS 38  ? CB  ? A LYS 38  CB  
263  1 Y 1 A LYS 38  ? CG  ? A LYS 38  CG  
264  1 Y 1 A LYS 38  ? CD  ? A LYS 38  CD  
265  1 Y 1 A LYS 38  ? CE  ? A LYS 38  CE  
266  1 Y 1 A LYS 38  ? NZ  ? A LYS 38  NZ  
267  1 Y 1 A GLY 39  ? N   ? A GLY 39  N   
268  1 Y 1 A GLY 39  ? C   ? A GLY 39  C   
269  1 Y 1 A GLY 39  ? O   ? A GLY 39  O   
270  1 Y 1 A ASN 40  ? N   ? A ASN 40  N   
271  1 Y 1 A ASN 40  ? C   ? A ASN 40  C   
272  1 Y 1 A ASN 40  ? O   ? A ASN 40  O   
273  1 Y 1 A ASN 40  ? CB  ? A ASN 40  CB  
274  1 Y 1 A ASN 40  ? CG  ? A ASN 40  CG  
275  1 Y 1 A ASN 40  ? OD1 ? A ASN 40  OD1 
276  1 Y 1 A ASN 40  ? ND2 ? A ASN 40  ND2 
277  1 Y 1 A CYS 41  ? N   ? A CYS 41  N   
278  1 Y 1 A CYS 41  ? C   ? A CYS 41  C   
279  1 Y 1 A CYS 41  ? O   ? A CYS 41  O   
280  1 Y 1 A CYS 41  ? CB  ? A CYS 41  CB  
281  1 Y 1 A CYS 41  ? SG  ? A CYS 41  SG  
282  1 Y 1 A PRO 42  ? N   ? A PRO 42  N   
283  1 Y 1 A PRO 42  ? C   ? A PRO 42  C   
284  1 Y 1 A PRO 42  ? O   ? A PRO 42  O   
285  1 Y 1 A PRO 42  ? CB  ? A PRO 42  CB  
286  1 Y 1 A PRO 42  ? CG  ? A PRO 42  CG  
287  1 Y 1 A PRO 42  ? CD  ? A PRO 42  CD  
288  1 Y 1 A GLU 43  ? N   ? A GLU 43  N   
289  1 Y 1 A GLU 43  ? C   ? A GLU 43  C   
290  1 Y 1 A GLU 43  ? O   ? A GLU 43  O   
291  1 Y 1 A GLU 43  ? CB  ? A GLU 43  CB  
292  1 Y 1 A GLU 43  ? CG  ? A GLU 43  CG  
293  1 Y 1 A GLU 43  ? CD  ? A GLU 43  CD  
294  1 Y 1 A GLU 43  ? OE1 ? A GLU 43  OE1 
295  1 Y 1 A GLU 43  ? OE2 ? A GLU 43  OE2 
296  1 Y 1 A VAL 44  ? N   ? A VAL 44  N   
297  1 Y 1 A VAL 44  ? C   ? A VAL 44  C   
298  1 Y 1 A VAL 44  ? O   ? A VAL 44  O   
299  1 Y 1 A VAL 44  ? CB  ? A VAL 44  CB  
300  1 Y 1 A VAL 44  ? CG1 ? A VAL 44  CG1 
301  1 Y 1 A VAL 44  ? CG2 ? A VAL 44  CG2 
302  1 Y 1 A GLU 45  ? N   ? A GLU 45  N   
303  1 Y 1 A GLU 45  ? C   ? A GLU 45  C   
304  1 Y 1 A GLU 45  ? O   ? A GLU 45  O   
305  1 Y 1 A GLU 45  ? CB  ? A GLU 45  CB  
306  1 Y 1 A GLU 45  ? CG  ? A GLU 45  CG  
307  1 Y 1 A GLU 45  ? CD  ? A GLU 45  CD  
308  1 Y 1 A GLU 45  ? OE1 ? A GLU 45  OE1 
309  1 Y 1 A GLU 45  ? OE2 ? A GLU 45  OE2 
310  1 Y 1 A ALA 46  ? N   ? A ALA 46  N   
311  1 Y 1 A ALA 46  ? C   ? A ALA 46  C   
312  1 Y 1 A ALA 46  ? O   ? A ALA 46  O   
313  1 Y 1 A ALA 46  ? CB  ? A ALA 46  CB  
314  1 Y 1 A THR 47  ? N   ? A THR 47  N   
315  1 Y 1 A THR 47  ? C   ? A THR 47  C   
316  1 Y 1 A THR 47  ? O   ? A THR 47  O   
317  1 Y 1 A THR 47  ? CB  ? A THR 47  CB  
318  1 Y 1 A THR 47  ? OG1 ? A THR 47  OG1 
319  1 Y 1 A THR 47  ? CG2 ? A THR 47  CG2 
320  1 Y 1 A GLY 48  ? N   ? A GLY 48  N   
321  1 Y 1 A GLY 48  ? C   ? A GLY 48  C   
322  1 Y 1 A GLY 48  ? O   ? A GLY 48  O   
323  1 Y 1 A ALA 49  ? N   ? A ALA 49  N   
324  1 Y 1 A ALA 49  ? C   ? A ALA 49  C   
325  1 Y 1 A ALA 49  ? O   ? A ALA 49  O   
326  1 Y 1 A ALA 49  ? CB  ? A ALA 49  CB  
327  1 Y 1 A THR 50  ? N   ? A THR 50  N   
328  1 Y 1 A THR 50  ? C   ? A THR 50  C   
329  1 Y 1 A THR 50  ? O   ? A THR 50  O   
330  1 Y 1 A THR 50  ? CB  ? A THR 50  CB  
331  1 Y 1 A THR 50  ? OG1 ? A THR 50  OG1 
332  1 Y 1 A THR 50  ? CG2 ? A THR 50  CG2 
333  1 Y 1 A VAL 51  ? N   ? A VAL 51  N   
334  1 Y 1 A VAL 51  ? C   ? A VAL 51  C   
335  1 Y 1 A VAL 51  ? O   ? A VAL 51  O   
336  1 Y 1 A VAL 51  ? CB  ? A VAL 51  CB  
337  1 Y 1 A VAL 51  ? CG1 ? A VAL 51  CG1 
338  1 Y 1 A VAL 51  ? CG2 ? A VAL 51  CG2 
339  1 Y 1 A SER 52  ? N   ? A SER 52  N   
340  1 Y 1 A SER 52  ? C   ? A SER 52  C   
341  1 Y 1 A SER 52  ? O   ? A SER 52  O   
342  1 Y 1 A SER 52  ? CB  ? A SER 52  CB  
343  1 Y 1 A SER 52  ? OG  ? A SER 52  OG  
344  1 Y 1 A TYR 53  ? N   ? A TYR 53  N   
345  1 Y 1 A TYR 53  ? C   ? A TYR 53  C   
346  1 Y 1 A TYR 53  ? O   ? A TYR 53  O   
347  1 Y 1 A TYR 53  ? CB  ? A TYR 53  CB  
348  1 Y 1 A TYR 53  ? CG  ? A TYR 53  CG  
349  1 Y 1 A TYR 53  ? CD1 ? A TYR 53  CD1 
350  1 Y 1 A TYR 53  ? CD2 ? A TYR 53  CD2 
351  1 Y 1 A TYR 53  ? CE1 ? A TYR 53  CE1 
352  1 Y 1 A TYR 53  ? CE2 ? A TYR 53  CE2 
353  1 Y 1 A TYR 53  ? CZ  ? A TYR 53  CZ  
354  1 Y 1 A TYR 53  ? OH  ? A TYR 53  OH  
355  1 Y 1 A ASP 54  ? N   ? A ASP 54  N   
356  1 Y 1 A ASP 54  ? C   ? A ASP 54  C   
357  1 Y 1 A ASP 54  ? O   ? A ASP 54  O   
358  1 Y 1 A ASP 54  ? CB  ? A ASP 54  CB  
359  1 Y 1 A ASP 54  ? CG  ? A ASP 54  CG  
360  1 Y 1 A ASP 54  ? OD1 ? A ASP 54  OD1 
361  1 Y 1 A ASP 54  ? OD2 ? A ASP 54  OD2 
362  1 Y 1 A PHE 55  ? N   ? A PHE 55  N   
363  1 Y 1 A PHE 55  ? C   ? A PHE 55  C   
364  1 Y 1 A PHE 55  ? O   ? A PHE 55  O   
365  1 Y 1 A PHE 55  ? CB  ? A PHE 55  CB  
366  1 Y 1 A PHE 55  ? CG  ? A PHE 55  CG  
367  1 Y 1 A PHE 55  ? CD1 ? A PHE 55  CD1 
368  1 Y 1 A PHE 55  ? CD2 ? A PHE 55  CD2 
369  1 Y 1 A PHE 55  ? CE1 ? A PHE 55  CE1 
370  1 Y 1 A PHE 55  ? CE2 ? A PHE 55  CE2 
371  1 Y 1 A PHE 55  ? CZ  ? A PHE 55  CZ  
372  1 Y 1 A SER 56  ? N   ? A SER 56  N   
373  1 Y 1 A SER 56  ? C   ? A SER 56  C   
374  1 Y 1 A SER 56  ? O   ? A SER 56  O   
375  1 Y 1 A SER 56  ? CB  ? A SER 56  CB  
376  1 Y 1 A SER 56  ? OG  ? A SER 56  OG  
377  1 Y 1 A ASP 57  ? N   ? A ASP 57  N   
378  1 Y 1 A ASP 57  ? C   ? A ASP 57  C   
379  1 Y 1 A ASP 57  ? O   ? A ASP 57  O   
380  1 Y 1 A ASP 57  ? CB  ? A ASP 57  CB  
381  1 Y 1 A ASP 57  ? CG  ? A ASP 57  CG  
382  1 Y 1 A ASP 57  ? OD1 ? A ASP 57  OD1 
383  1 Y 1 A ASP 57  ? OD2 ? A ASP 57  OD2 
384  1 Y 1 A SER 58  ? N   ? A SER 58  N   
385  1 Y 1 A SER 58  ? C   ? A SER 58  C   
386  1 Y 1 A SER 58  ? O   ? A SER 58  O   
387  1 Y 1 A SER 58  ? CB  ? A SER 58  CB  
388  1 Y 1 A SER 58  ? OG  ? A SER 58  OG  
389  1 Y 1 A THR 59  ? N   ? A THR 59  N   
390  1 Y 1 A THR 59  ? C   ? A THR 59  C   
391  1 Y 1 A THR 59  ? O   ? A THR 59  O   
392  1 Y 1 A THR 59  ? CB  ? A THR 59  CB  
393  1 Y 1 A THR 59  ? OG1 ? A THR 59  OG1 
394  1 Y 1 A THR 59  ? CG2 ? A THR 59  CG2 
395  1 Y 1 A ILE 60  ? N   ? A ILE 60  N   
396  1 Y 1 A ILE 60  ? C   ? A ILE 60  C   
397  1 Y 1 A ILE 60  ? O   ? A ILE 60  O   
398  1 Y 1 A ILE 60  ? CB  ? A ILE 60  CB  
399  1 Y 1 A ILE 60  ? CG1 ? A ILE 60  CG1 
400  1 Y 1 A ILE 60  ? CG2 ? A ILE 60  CG2 
401  1 Y 1 A ILE 60  ? CD1 ? A ILE 60  CD1 
402  1 Y 1 A THR 61  ? N   ? A THR 61  N   
403  1 Y 1 A THR 61  ? C   ? A THR 61  C   
404  1 Y 1 A THR 61  ? O   ? A THR 61  O   
405  1 Y 1 A THR 61  ? CB  ? A THR 61  CB  
406  1 Y 1 A THR 61  ? OG1 ? A THR 61  OG1 
407  1 Y 1 A THR 61  ? CG2 ? A THR 61  CG2 
408  1 Y 1 A ASP 62  ? N   ? A ASP 62  N   
409  1 Y 1 A ASP 62  ? C   ? A ASP 62  C   
410  1 Y 1 A ASP 62  ? O   ? A ASP 62  O   
411  1 Y 1 A ASP 62  ? CB  ? A ASP 62  CB  
412  1 Y 1 A ASP 62  ? CG  ? A ASP 62  CG  
413  1 Y 1 A ASP 62  ? OD1 ? A ASP 62  OD1 
414  1 Y 1 A ASP 62  ? OD2 ? A ASP 62  OD2 
415  1 Y 1 A THR 63  ? N   ? A THR 63  N   
416  1 Y 1 A THR 63  ? C   ? A THR 63  C   
417  1 Y 1 A THR 63  ? O   ? A THR 63  O   
418  1 Y 1 A THR 63  ? CB  ? A THR 63  CB  
419  1 Y 1 A THR 63  ? OG1 ? A THR 63  OG1 
420  1 Y 1 A THR 63  ? CG2 ? A THR 63  CG2 
421  1 Y 1 A ALA 64  ? N   ? A ALA 64  N   
422  1 Y 1 A ALA 64  ? C   ? A ALA 64  C   
423  1 Y 1 A ALA 64  ? O   ? A ALA 64  O   
424  1 Y 1 A ALA 64  ? CB  ? A ALA 64  CB  
425  1 Y 1 A GLY 65  ? N   ? A GLY 65  N   
426  1 Y 1 A GLY 65  ? C   ? A GLY 65  C   
427  1 Y 1 A GLY 65  ? O   ? A GLY 65  O   
428  1 Y 1 A TYR 66  ? N   ? A TYR 66  N   
429  1 Y 1 A TYR 66  ? C   ? A TYR 66  C   
430  1 Y 1 A TYR 66  ? O   ? A TYR 66  O   
431  1 Y 1 A TYR 66  ? CB  ? A TYR 66  CB  
432  1 Y 1 A TYR 66  ? CG  ? A TYR 66  CG  
433  1 Y 1 A TYR 66  ? CD1 ? A TYR 66  CD1 
434  1 Y 1 A TYR 66  ? CD2 ? A TYR 66  CD2 
435  1 Y 1 A TYR 66  ? CE1 ? A TYR 66  CE1 
436  1 Y 1 A TYR 66  ? CE2 ? A TYR 66  CE2 
437  1 Y 1 A TYR 66  ? CZ  ? A TYR 66  CZ  
438  1 Y 1 A TYR 66  ? OH  ? A TYR 66  OH  
439  1 Y 1 A ILE 67  ? N   ? A ILE 67  N   
440  1 Y 1 A ILE 67  ? C   ? A ILE 67  C   
441  1 Y 1 A ILE 67  ? O   ? A ILE 67  O   
442  1 Y 1 A ILE 67  ? CB  ? A ILE 67  CB  
443  1 Y 1 A ILE 67  ? CG1 ? A ILE 67  CG1 
444  1 Y 1 A ILE 67  ? CG2 ? A ILE 67  CG2 
445  1 Y 1 A ILE 67  ? CD1 ? A ILE 67  CD1 
446  1 Y 1 A ALA 68  ? N   ? A ALA 68  N   
447  1 Y 1 A ALA 68  ? C   ? A ALA 68  C   
448  1 Y 1 A ALA 68  ? O   ? A ALA 68  O   
449  1 Y 1 A ALA 68  ? CB  ? A ALA 68  CB  
450  1 Y 1 A VAL 69  ? N   ? A VAL 69  N   
451  1 Y 1 A VAL 69  ? C   ? A VAL 69  C   
452  1 Y 1 A VAL 69  ? O   ? A VAL 69  O   
453  1 Y 1 A VAL 69  ? CB  ? A VAL 69  CB  
454  1 Y 1 A VAL 69  ? CG1 ? A VAL 69  CG1 
455  1 Y 1 A VAL 69  ? CG2 ? A VAL 69  CG2 
456  1 Y 1 A ASP 70  ? N   ? A ASP 70  N   
457  1 Y 1 A ASP 70  ? C   ? A ASP 70  C   
458  1 Y 1 A ASP 70  ? O   ? A ASP 70  O   
459  1 Y 1 A ASP 70  ? CB  ? A ASP 70  CB  
460  1 Y 1 A ASP 70  ? CG  ? A ASP 70  CG  
461  1 Y 1 A ASP 70  ? OD1 ? A ASP 70  OD1 
462  1 Y 1 A ASP 70  ? OD2 ? A ASP 70  OD2 
463  1 Y 1 A HIS 71  ? N   ? A HIS 71  N   
464  1 Y 1 A HIS 71  ? C   ? A HIS 71  C   
465  1 Y 1 A HIS 71  ? O   ? A HIS 71  O   
466  1 Y 1 A HIS 71  ? CB  ? A HIS 71  CB  
467  1 Y 1 A HIS 71  ? CG  ? A HIS 71  CG  
468  1 Y 1 A HIS 71  ? ND1 ? A HIS 71  ND1 
469  1 Y 1 A HIS 71  ? CD2 ? A HIS 71  CD2 
470  1 Y 1 A HIS 71  ? CE1 ? A HIS 71  CE1 
471  1 Y 1 A HIS 71  ? NE2 ? A HIS 71  NE2 
472  1 Y 1 A THR 72  ? N   ? A THR 72  N   
473  1 Y 1 A THR 72  ? C   ? A THR 72  C   
474  1 Y 1 A THR 72  ? O   ? A THR 72  O   
475  1 Y 1 A THR 72  ? CB  ? A THR 72  CB  
476  1 Y 1 A THR 72  ? OG1 ? A THR 72  OG1 
477  1 Y 1 A THR 72  ? CG2 ? A THR 72  CG2 
478  1 Y 1 A ASN 73  ? N   ? A ASN 73  N   
479  1 Y 1 A ASN 73  ? C   ? A ASN 73  C   
480  1 Y 1 A ASN 73  ? O   ? A ASN 73  O   
481  1 Y 1 A ASN 73  ? CB  ? A ASN 73  CB  
482  1 Y 1 A ASN 73  ? CG  ? A ASN 73  CG  
483  1 Y 1 A ASN 73  ? OD1 ? A ASN 73  OD1 
484  1 Y 1 A ASN 73  ? ND2 ? A ASN 73  ND2 
485  1 Y 1 A SER 74  ? N   ? A SER 74  N   
486  1 Y 1 A SER 74  ? C   ? A SER 74  C   
487  1 Y 1 A SER 74  ? O   ? A SER 74  O   
488  1 Y 1 A SER 74  ? CB  ? A SER 74  CB  
489  1 Y 1 A SER 74  ? OG  ? A SER 74  OG  
490  1 Y 1 A ALA 75  ? N   ? A ALA 75  N   
491  1 Y 1 A ALA 75  ? C   ? A ALA 75  C   
492  1 Y 1 A ALA 75  ? O   ? A ALA 75  O   
493  1 Y 1 A ALA 75  ? CB  ? A ALA 75  CB  
494  1 Y 1 A VAL 76  ? N   ? A VAL 76  N   
495  1 Y 1 A VAL 76  ? C   ? A VAL 76  C   
496  1 Y 1 A VAL 76  ? O   ? A VAL 76  O   
497  1 Y 1 A VAL 76  ? CB  ? A VAL 76  CB  
498  1 Y 1 A VAL 76  ? CG1 ? A VAL 76  CG1 
499  1 Y 1 A VAL 76  ? CG2 ? A VAL 76  CG2 
500  1 Y 1 A VAL 77  ? N   ? A VAL 77  N   
501  1 Y 1 A VAL 77  ? C   ? A VAL 77  C   
502  1 Y 1 A VAL 77  ? O   ? A VAL 77  O   
503  1 Y 1 A VAL 77  ? CB  ? A VAL 77  CB  
504  1 Y 1 A VAL 77  ? CG1 ? A VAL 77  CG1 
505  1 Y 1 A VAL 77  ? CG2 ? A VAL 77  CG2 
506  1 Y 1 A LEU 78  ? N   ? A LEU 78  N   
507  1 Y 1 A LEU 78  ? C   ? A LEU 78  C   
508  1 Y 1 A LEU 78  ? O   ? A LEU 78  O   
509  1 Y 1 A LEU 78  ? CB  ? A LEU 78  CB  
510  1 Y 1 A LEU 78  ? CG  ? A LEU 78  CG  
511  1 Y 1 A LEU 78  ? CD1 ? A LEU 78  CD1 
512  1 Y 1 A LEU 78  ? CD2 ? A LEU 78  CD2 
513  1 Y 1 A ALA 79  ? N   ? A ALA 79  N   
514  1 Y 1 A ALA 79  ? C   ? A ALA 79  C   
515  1 Y 1 A ALA 79  ? O   ? A ALA 79  O   
516  1 Y 1 A ALA 79  ? CB  ? A ALA 79  CB  
517  1 Y 1 A PHE 80  ? N   ? A PHE 80  N   
518  1 Y 1 A PHE 80  ? C   ? A PHE 80  C   
519  1 Y 1 A PHE 80  ? O   ? A PHE 80  O   
520  1 Y 1 A PHE 80  ? CB  ? A PHE 80  CB  
521  1 Y 1 A PHE 80  ? CG  ? A PHE 80  CG  
522  1 Y 1 A PHE 80  ? CD1 ? A PHE 80  CD1 
523  1 Y 1 A PHE 80  ? CD2 ? A PHE 80  CD2 
524  1 Y 1 A PHE 80  ? CE1 ? A PHE 80  CE1 
525  1 Y 1 A PHE 80  ? CE2 ? A PHE 80  CE2 
526  1 Y 1 A PHE 80  ? CZ  ? A PHE 80  CZ  
527  1 Y 1 A ARG 81  ? N   ? A ARG 81  N   
528  1 Y 1 A ARG 81  ? C   ? A ARG 81  C   
529  1 Y 1 A ARG 81  ? O   ? A ARG 81  O   
530  1 Y 1 A ARG 81  ? CB  ? A ARG 81  CB  
531  1 Y 1 A ARG 81  ? CG  ? A ARG 81  CG  
532  1 Y 1 A ARG 81  ? CD  ? A ARG 81  CD  
533  1 Y 1 A ARG 81  ? NE  ? A ARG 81  NE  
534  1 Y 1 A ARG 81  ? CZ  ? A ARG 81  CZ  
535  1 Y 1 A ARG 81  ? NH1 ? A ARG 81  NH1 
536  1 Y 1 A ARG 81  ? NH2 ? A ARG 81  NH2 
537  1 Y 1 A GLY 82  ? N   ? A GLY 82  N   
538  1 Y 1 A GLY 82  ? C   ? A GLY 82  C   
539  1 Y 1 A GLY 82  ? O   ? A GLY 82  O   
540  1 Y 1 A SER 83  ? N   ? A SER 83  N   
541  1 Y 1 A SER 83  ? C   ? A SER 83  C   
542  1 Y 1 A SER 83  ? O   ? A SER 83  O   
543  1 Y 1 A SER 83  ? CB  ? A SER 83  CB  
544  1 Y 1 A SER 83  ? OG  ? A SER 83  OG  
545  1 Y 1 A TYR 84  ? N   ? A TYR 84  N   
546  1 Y 1 A TYR 84  ? C   ? A TYR 84  C   
547  1 Y 1 A TYR 84  ? O   ? A TYR 84  O   
548  1 Y 1 A TYR 84  ? CB  ? A TYR 84  CB  
549  1 Y 1 A TYR 84  ? CG  ? A TYR 84  CG  
550  1 Y 1 A TYR 84  ? CD1 ? A TYR 84  CD1 
551  1 Y 1 A TYR 84  ? CD2 ? A TYR 84  CD2 
552  1 Y 1 A TYR 84  ? CE1 ? A TYR 84  CE1 
553  1 Y 1 A TYR 84  ? CE2 ? A TYR 84  CE2 
554  1 Y 1 A TYR 84  ? CZ  ? A TYR 84  CZ  
555  1 Y 1 A TYR 84  ? OH  ? A TYR 84  OH  
556  1 Y 1 A SER 85  ? N   ? A SER 85  N   
557  1 Y 1 A SER 85  ? C   ? A SER 85  C   
558  1 Y 1 A SER 85  ? O   ? A SER 85  O   
559  1 Y 1 A SER 85  ? CB  ? A SER 85  CB  
560  1 Y 1 A SER 85  ? OG  ? A SER 85  OG  
561  1 Y 1 A VAL 86  ? N   ? A VAL 86  N   
562  1 Y 1 A VAL 86  ? C   ? A VAL 86  C   
563  1 Y 1 A VAL 86  ? O   ? A VAL 86  O   
564  1 Y 1 A VAL 86  ? CB  ? A VAL 86  CB  
565  1 Y 1 A VAL 86  ? CG1 ? A VAL 86  CG1 
566  1 Y 1 A VAL 86  ? CG2 ? A VAL 86  CG2 
567  1 Y 1 A ARG 87  ? N   ? A ARG 87  N   
568  1 Y 1 A ARG 87  ? C   ? A ARG 87  C   
569  1 Y 1 A ARG 87  ? O   ? A ARG 87  O   
570  1 Y 1 A ARG 87  ? CB  ? A ARG 87  CB  
571  1 Y 1 A ARG 87  ? CG  ? A ARG 87  CG  
572  1 Y 1 A ARG 87  ? CD  ? A ARG 87  CD  
573  1 Y 1 A ARG 87  ? NE  ? A ARG 87  NE  
574  1 Y 1 A ARG 87  ? CZ  ? A ARG 87  CZ  
575  1 Y 1 A ARG 87  ? NH1 ? A ARG 87  NH1 
576  1 Y 1 A ARG 87  ? NH2 ? A ARG 87  NH2 
577  1 Y 1 A ASN 88  ? N   ? A ASN 88  N   
578  1 Y 1 A ASN 88  ? C   ? A ASN 88  C   
579  1 Y 1 A ASN 88  ? O   ? A ASN 88  O   
580  1 Y 1 A ASN 88  ? CB  ? A ASN 88  CB  
581  1 Y 1 A ASN 88  ? CG  ? A ASN 88  CG  
582  1 Y 1 A ASN 88  ? OD1 ? A ASN 88  OD1 
583  1 Y 1 A ASN 88  ? ND2 ? A ASN 88  ND2 
584  1 Y 1 A TRP 89  ? N   ? A TRP 89  N   
585  1 Y 1 A TRP 89  ? C   ? A TRP 89  C   
586  1 Y 1 A TRP 89  ? O   ? A TRP 89  O   
587  1 Y 1 A TRP 89  ? CB  ? A TRP 89  CB  
588  1 Y 1 A TRP 89  ? CG  ? A TRP 89  CG  
589  1 Y 1 A TRP 89  ? CD1 ? A TRP 89  CD1 
590  1 Y 1 A TRP 89  ? CD2 ? A TRP 89  CD2 
591  1 Y 1 A TRP 89  ? NE1 ? A TRP 89  NE1 
592  1 Y 1 A TRP 89  ? CE2 ? A TRP 89  CE2 
593  1 Y 1 A TRP 89  ? CE3 ? A TRP 89  CE3 
594  1 Y 1 A TRP 89  ? CZ2 ? A TRP 89  CZ2 
595  1 Y 1 A TRP 89  ? CZ3 ? A TRP 89  CZ3 
596  1 Y 1 A TRP 89  ? CH2 ? A TRP 89  CH2 
597  1 Y 1 A VAL 90  ? N   ? A VAL 90  N   
598  1 Y 1 A VAL 90  ? C   ? A VAL 90  C   
599  1 Y 1 A VAL 90  ? O   ? A VAL 90  O   
600  1 Y 1 A VAL 90  ? CB  ? A VAL 90  CB  
601  1 Y 1 A VAL 90  ? CG1 ? A VAL 90  CG1 
602  1 Y 1 A VAL 90  ? CG2 ? A VAL 90  CG2 
603  1 Y 1 A ALA 91  ? N   ? A ALA 91  N   
604  1 Y 1 A ALA 91  ? C   ? A ALA 91  C   
605  1 Y 1 A ALA 91  ? O   ? A ALA 91  O   
606  1 Y 1 A ALA 91  ? CB  ? A ALA 91  CB  
607  1 Y 1 A ASP 92  ? N   ? A ASP 92  N   
608  1 Y 1 A ASP 92  ? C   ? A ASP 92  C   
609  1 Y 1 A ASP 92  ? O   ? A ASP 92  O   
610  1 Y 1 A ASP 92  ? CB  ? A ASP 92  CB  
611  1 Y 1 A ASP 92  ? CG  ? A ASP 92  CG  
612  1 Y 1 A ASP 92  ? OD1 ? A ASP 92  OD1 
613  1 Y 1 A ASP 92  ? OD2 ? A ASP 92  OD2 
614  1 Y 1 A ALA 93  ? N   ? A ALA 93  N   
615  1 Y 1 A ALA 93  ? C   ? A ALA 93  C   
616  1 Y 1 A ALA 93  ? O   ? A ALA 93  O   
617  1 Y 1 A ALA 93  ? CB  ? A ALA 93  CB  
618  1 Y 1 A THR 94  ? N   ? A THR 94  N   
619  1 Y 1 A THR 94  ? C   ? A THR 94  C   
620  1 Y 1 A THR 94  ? O   ? A THR 94  O   
621  1 Y 1 A THR 94  ? CB  ? A THR 94  CB  
622  1 Y 1 A THR 94  ? OG1 ? A THR 94  OG1 
623  1 Y 1 A THR 94  ? CG2 ? A THR 94  CG2 
624  1 Y 1 A PHE 95  ? N   ? A PHE 95  N   
625  1 Y 1 A PHE 95  ? C   ? A PHE 95  C   
626  1 Y 1 A PHE 95  ? O   ? A PHE 95  O   
627  1 Y 1 A PHE 95  ? CB  ? A PHE 95  CB  
628  1 Y 1 A PHE 95  ? CG  ? A PHE 95  CG  
629  1 Y 1 A PHE 95  ? CD1 ? A PHE 95  CD1 
630  1 Y 1 A PHE 95  ? CD2 ? A PHE 95  CD2 
631  1 Y 1 A PHE 95  ? CE1 ? A PHE 95  CE1 
632  1 Y 1 A PHE 95  ? CE2 ? A PHE 95  CE2 
633  1 Y 1 A PHE 95  ? CZ  ? A PHE 95  CZ  
634  1 Y 1 A VAL 96  ? N   ? A VAL 96  N   
635  1 Y 1 A VAL 96  ? C   ? A VAL 96  C   
636  1 Y 1 A VAL 96  ? O   ? A VAL 96  O   
637  1 Y 1 A VAL 96  ? CB  ? A VAL 96  CB  
638  1 Y 1 A VAL 96  ? CG1 ? A VAL 96  CG1 
639  1 Y 1 A VAL 96  ? CG2 ? A VAL 96  CG2 
640  1 Y 1 A HIS 97  ? N   ? A HIS 97  N   
641  1 Y 1 A HIS 97  ? C   ? A HIS 97  C   
642  1 Y 1 A HIS 97  ? O   ? A HIS 97  O   
643  1 Y 1 A HIS 97  ? CB  ? A HIS 97  CB  
644  1 Y 1 A HIS 97  ? CG  ? A HIS 97  CG  
645  1 Y 1 A HIS 97  ? ND1 ? A HIS 97  ND1 
646  1 Y 1 A HIS 97  ? CD2 ? A HIS 97  CD2 
647  1 Y 1 A HIS 97  ? CE1 ? A HIS 97  CE1 
648  1 Y 1 A HIS 97  ? NE2 ? A HIS 97  NE2 
649  1 Y 1 A THR 98  ? N   ? A THR 98  N   
650  1 Y 1 A THR 98  ? C   ? A THR 98  C   
651  1 Y 1 A THR 98  ? O   ? A THR 98  O   
652  1 Y 1 A THR 98  ? CB  ? A THR 98  CB  
653  1 Y 1 A THR 98  ? OG1 ? A THR 98  OG1 
654  1 Y 1 A THR 98  ? CG2 ? A THR 98  CG2 
655  1 Y 1 A ASN 99  ? N   ? A ASN 99  N   
656  1 Y 1 A ASN 99  ? C   ? A ASN 99  C   
657  1 Y 1 A ASN 99  ? O   ? A ASN 99  O   
658  1 Y 1 A ASN 99  ? CB  ? A ASN 99  CB  
659  1 Y 1 A ASN 99  ? CG  ? A ASN 99  CG  
660  1 Y 1 A ASN 99  ? OD1 ? A ASN 99  OD1 
661  1 Y 1 A ASN 99  ? ND2 ? A ASN 99  ND2 
662  1 Y 1 A PRO 100 ? N   ? A PRO 100 N   
663  1 Y 1 A PRO 100 ? C   ? A PRO 100 C   
664  1 Y 1 A PRO 100 ? O   ? A PRO 100 O   
665  1 Y 1 A PRO 100 ? CB  ? A PRO 100 CB  
666  1 Y 1 A PRO 100 ? CG  ? A PRO 100 CG  
667  1 Y 1 A PRO 100 ? CD  ? A PRO 100 CD  
668  1 Y 1 A GLY 101 ? N   ? A GLY 101 N   
669  1 Y 1 A GLY 101 ? C   ? A GLY 101 C   
670  1 Y 1 A GLY 101 ? O   ? A GLY 101 O   
671  1 Y 1 A LEU 102 ? N   ? A LEU 102 N   
672  1 Y 1 A LEU 102 ? C   ? A LEU 102 C   
673  1 Y 1 A LEU 102 ? O   ? A LEU 102 O   
674  1 Y 1 A LEU 102 ? CB  ? A LEU 102 CB  
675  1 Y 1 A LEU 102 ? CG  ? A LEU 102 CG  
676  1 Y 1 A LEU 102 ? CD1 ? A LEU 102 CD1 
677  1 Y 1 A LEU 102 ? CD2 ? A LEU 102 CD2 
678  1 Y 1 A CYS 103 ? N   ? A CYS 103 N   
679  1 Y 1 A CYS 103 ? C   ? A CYS 103 C   
680  1 Y 1 A CYS 103 ? O   ? A CYS 103 O   
681  1 Y 1 A CYS 103 ? CB  ? A CYS 103 CB  
682  1 Y 1 A CYS 103 ? SG  ? A CYS 103 SG  
683  1 Y 1 A ASP 104 ? N   ? A ASP 104 N   
684  1 Y 1 A ASP 104 ? C   ? A ASP 104 C   
685  1 Y 1 A ASP 104 ? O   ? A ASP 104 O   
686  1 Y 1 A ASP 104 ? CB  ? A ASP 104 CB  
687  1 Y 1 A ASP 104 ? CG  ? A ASP 104 CG  
688  1 Y 1 A ASP 104 ? OD1 ? A ASP 104 OD1 
689  1 Y 1 A ASP 104 ? OD2 ? A ASP 104 OD2 
690  1 Y 1 A GLY 105 ? N   ? A GLY 105 N   
691  1 Y 1 A GLY 105 ? C   ? A GLY 105 C   
692  1 Y 1 A GLY 105 ? O   ? A GLY 105 O   
693  1 Y 1 A CYS 106 ? N   ? A CYS 106 N   
694  1 Y 1 A CYS 106 ? C   ? A CYS 106 C   
695  1 Y 1 A CYS 106 ? O   ? A CYS 106 O   
696  1 Y 1 A CYS 106 ? CB  ? A CYS 106 CB  
697  1 Y 1 A CYS 106 ? SG  ? A CYS 106 SG  
698  1 Y 1 A LEU 107 ? N   ? A LEU 107 N   
699  1 Y 1 A LEU 107 ? C   ? A LEU 107 C   
700  1 Y 1 A LEU 107 ? O   ? A LEU 107 O   
701  1 Y 1 A LEU 107 ? CB  ? A LEU 107 CB  
702  1 Y 1 A LEU 107 ? CG  ? A LEU 107 CG  
703  1 Y 1 A LEU 107 ? CD1 ? A LEU 107 CD1 
704  1 Y 1 A LEU 107 ? CD2 ? A LEU 107 CD2 
705  1 Y 1 A ALA 108 ? N   ? A ALA 108 N   
706  1 Y 1 A ALA 108 ? C   ? A ALA 108 C   
707  1 Y 1 A ALA 108 ? O   ? A ALA 108 O   
708  1 Y 1 A ALA 108 ? CB  ? A ALA 108 CB  
709  1 Y 1 A GLU 109 ? N   ? A GLU 109 N   
710  1 Y 1 A GLU 109 ? C   ? A GLU 109 C   
711  1 Y 1 A GLU 109 ? O   ? A GLU 109 O   
712  1 Y 1 A GLU 109 ? CB  ? A GLU 109 CB  
713  1 Y 1 A GLU 109 ? CG  ? A GLU 109 CG  
714  1 Y 1 A GLU 109 ? CD  ? A GLU 109 CD  
715  1 Y 1 A GLU 109 ? OE1 ? A GLU 109 OE1 
716  1 Y 1 A GLU 109 ? OE2 ? A GLU 109 OE2 
717  1 Y 1 A LEU 110 ? N   ? A LEU 110 N   
718  1 Y 1 A LEU 110 ? C   ? A LEU 110 C   
719  1 Y 1 A LEU 110 ? O   ? A LEU 110 O   
720  1 Y 1 A LEU 110 ? CB  ? A LEU 110 CB  
721  1 Y 1 A LEU 110 ? CG  ? A LEU 110 CG  
722  1 Y 1 A LEU 110 ? CD1 ? A LEU 110 CD1 
723  1 Y 1 A LEU 110 ? CD2 ? A LEU 110 CD2 
724  1 Y 1 A GLY 111 ? N   ? A GLY 111 N   
725  1 Y 1 A GLY 111 ? C   ? A GLY 111 C   
726  1 Y 1 A GLY 111 ? O   ? A GLY 111 O   
727  1 Y 1 A PHE 112 ? N   ? A PHE 112 N   
728  1 Y 1 A PHE 112 ? C   ? A PHE 112 C   
729  1 Y 1 A PHE 112 ? O   ? A PHE 112 O   
730  1 Y 1 A PHE 112 ? CB  ? A PHE 112 CB  
731  1 Y 1 A PHE 112 ? CG  ? A PHE 112 CG  
732  1 Y 1 A PHE 112 ? CD1 ? A PHE 112 CD1 
733  1 Y 1 A PHE 112 ? CD2 ? A PHE 112 CD2 
734  1 Y 1 A PHE 112 ? CE1 ? A PHE 112 CE1 
735  1 Y 1 A PHE 112 ? CE2 ? A PHE 112 CE2 
736  1 Y 1 A PHE 112 ? CZ  ? A PHE 112 CZ  
737  1 Y 1 A TRP 113 ? N   ? A TRP 113 N   
738  1 Y 1 A TRP 113 ? C   ? A TRP 113 C   
739  1 Y 1 A TRP 113 ? O   ? A TRP 113 O   
740  1 Y 1 A TRP 113 ? CB  ? A TRP 113 CB  
741  1 Y 1 A TRP 113 ? CG  ? A TRP 113 CG  
742  1 Y 1 A TRP 113 ? CD1 ? A TRP 113 CD1 
743  1 Y 1 A TRP 113 ? CD2 ? A TRP 113 CD2 
744  1 Y 1 A TRP 113 ? NE1 ? A TRP 113 NE1 
745  1 Y 1 A TRP 113 ? CE2 ? A TRP 113 CE2 
746  1 Y 1 A TRP 113 ? CE3 ? A TRP 113 CE3 
747  1 Y 1 A TRP 113 ? CZ2 ? A TRP 113 CZ2 
748  1 Y 1 A TRP 113 ? CZ3 ? A TRP 113 CZ3 
749  1 Y 1 A TRP 113 ? CH2 ? A TRP 113 CH2 
750  1 Y 1 A SER 114 ? N   ? A SER 114 N   
751  1 Y 1 A SER 114 ? C   ? A SER 114 C   
752  1 Y 1 A SER 114 ? O   ? A SER 114 O   
753  1 Y 1 A SER 114 ? CB  ? A SER 114 CB  
754  1 Y 1 A SER 114 ? OG  ? A SER 114 OG  
755  1 Y 1 A SER 115 ? N   ? A SER 115 N   
756  1 Y 1 A SER 115 ? C   ? A SER 115 C   
757  1 Y 1 A SER 115 ? O   ? A SER 115 O   
758  1 Y 1 A SER 115 ? CB  ? A SER 115 CB  
759  1 Y 1 A SER 115 ? OG  ? A SER 115 OG  
760  1 Y 1 A TRP 116 ? N   ? A TRP 116 N   
761  1 Y 1 A TRP 116 ? C   ? A TRP 116 C   
762  1 Y 1 A TRP 116 ? O   ? A TRP 116 O   
763  1 Y 1 A TRP 116 ? CB  ? A TRP 116 CB  
764  1 Y 1 A TRP 116 ? CG  ? A TRP 116 CG  
765  1 Y 1 A TRP 116 ? CD1 ? A TRP 116 CD1 
766  1 Y 1 A TRP 116 ? CD2 ? A TRP 116 CD2 
767  1 Y 1 A TRP 116 ? NE1 ? A TRP 116 NE1 
768  1 Y 1 A TRP 116 ? CE2 ? A TRP 116 CE2 
769  1 Y 1 A TRP 116 ? CE3 ? A TRP 116 CE3 
770  1 Y 1 A TRP 116 ? CZ2 ? A TRP 116 CZ2 
771  1 Y 1 A TRP 116 ? CZ3 ? A TRP 116 CZ3 
772  1 Y 1 A TRP 116 ? CH2 ? A TRP 116 CH2 
773  1 Y 1 A LYS 117 ? N   ? A LYS 117 N   
774  1 Y 1 A LYS 117 ? C   ? A LYS 117 C   
775  1 Y 1 A LYS 117 ? O   ? A LYS 117 O   
776  1 Y 1 A LYS 117 ? CB  ? A LYS 117 CB  
777  1 Y 1 A LYS 117 ? CG  ? A LYS 117 CG  
778  1 Y 1 A LYS 117 ? CD  ? A LYS 117 CD  
779  1 Y 1 A LYS 117 ? CE  ? A LYS 117 CE  
780  1 Y 1 A LYS 117 ? NZ  ? A LYS 117 NZ  
781  1 Y 1 A LEU 118 ? N   ? A LEU 118 N   
782  1 Y 1 A LEU 118 ? C   ? A LEU 118 C   
783  1 Y 1 A LEU 118 ? O   ? A LEU 118 O   
784  1 Y 1 A LEU 118 ? CB  ? A LEU 118 CB  
785  1 Y 1 A LEU 118 ? CG  ? A LEU 118 CG  
786  1 Y 1 A LEU 118 ? CD1 ? A LEU 118 CD1 
787  1 Y 1 A LEU 118 ? CD2 ? A LEU 118 CD2 
788  1 Y 1 A VAL 119 ? N   ? A VAL 119 N   
789  1 Y 1 A VAL 119 ? C   ? A VAL 119 C   
790  1 Y 1 A VAL 119 ? O   ? A VAL 119 O   
791  1 Y 1 A VAL 119 ? CB  ? A VAL 119 CB  
792  1 Y 1 A VAL 119 ? CG1 ? A VAL 119 CG1 
793  1 Y 1 A VAL 119 ? CG2 ? A VAL 119 CG2 
794  1 Y 1 A ARG 120 ? N   ? A ARG 120 N   
795  1 Y 1 A ARG 120 ? C   ? A ARG 120 C   
796  1 Y 1 A ARG 120 ? O   ? A ARG 120 O   
797  1 Y 1 A ARG 120 ? CB  ? A ARG 120 CB  
798  1 Y 1 A ARG 120 ? CG  ? A ARG 120 CG  
799  1 Y 1 A ARG 120 ? CD  ? A ARG 120 CD  
800  1 Y 1 A ARG 120 ? NE  ? A ARG 120 NE  
801  1 Y 1 A ARG 120 ? CZ  ? A ARG 120 CZ  
802  1 Y 1 A ARG 120 ? NH1 ? A ARG 120 NH1 
803  1 Y 1 A ARG 120 ? NH2 ? A ARG 120 NH2 
804  1 Y 1 A ASP 121 ? N   ? A ASP 121 N   
805  1 Y 1 A ASP 121 ? C   ? A ASP 121 C   
806  1 Y 1 A ASP 121 ? O   ? A ASP 121 O   
807  1 Y 1 A ASP 121 ? CB  ? A ASP 121 CB  
808  1 Y 1 A ASP 121 ? CG  ? A ASP 121 CG  
809  1 Y 1 A ASP 121 ? OD1 ? A ASP 121 OD1 
810  1 Y 1 A ASP 121 ? OD2 ? A ASP 121 OD2 
811  1 Y 1 A ASP 122 ? N   ? A ASP 122 N   
812  1 Y 1 A ASP 122 ? C   ? A ASP 122 C   
813  1 Y 1 A ASP 122 ? O   ? A ASP 122 O   
814  1 Y 1 A ASP 122 ? CB  ? A ASP 122 CB  
815  1 Y 1 A ASP 122 ? CG  ? A ASP 122 CG  
816  1 Y 1 A ASP 122 ? OD1 ? A ASP 122 OD1 
817  1 Y 1 A ASP 122 ? OD2 ? A ASP 122 OD2 
818  1 Y 1 A ILE 123 ? N   ? A ILE 123 N   
819  1 Y 1 A ILE 123 ? C   ? A ILE 123 C   
820  1 Y 1 A ILE 123 ? O   ? A ILE 123 O   
821  1 Y 1 A ILE 123 ? CB  ? A ILE 123 CB  
822  1 Y 1 A ILE 123 ? CG1 ? A ILE 123 CG1 
823  1 Y 1 A ILE 123 ? CG2 ? A ILE 123 CG2 
824  1 Y 1 A ILE 123 ? CD1 ? A ILE 123 CD1 
825  1 Y 1 A ILE 124 ? N   ? A ILE 124 N   
826  1 Y 1 A ILE 124 ? C   ? A ILE 124 C   
827  1 Y 1 A ILE 124 ? O   ? A ILE 124 O   
828  1 Y 1 A ILE 124 ? CB  ? A ILE 124 CB  
829  1 Y 1 A ILE 124 ? CG1 ? A ILE 124 CG1 
830  1 Y 1 A ILE 124 ? CG2 ? A ILE 124 CG2 
831  1 Y 1 A ILE 124 ? CD1 ? A ILE 124 CD1 
832  1 Y 1 A LYS 125 ? N   ? A LYS 125 N   
833  1 Y 1 A LYS 125 ? C   ? A LYS 125 C   
834  1 Y 1 A LYS 125 ? O   ? A LYS 125 O   
835  1 Y 1 A LYS 125 ? CB  ? A LYS 125 CB  
836  1 Y 1 A LYS 125 ? CG  ? A LYS 125 CG  
837  1 Y 1 A LYS 125 ? CD  ? A LYS 125 CD  
838  1 Y 1 A LYS 125 ? CE  ? A LYS 125 CE  
839  1 Y 1 A LYS 125 ? NZ  ? A LYS 125 NZ  
840  1 Y 1 A GLU 126 ? N   ? A GLU 126 N   
841  1 Y 1 A GLU 126 ? C   ? A GLU 126 C   
842  1 Y 1 A GLU 126 ? O   ? A GLU 126 O   
843  1 Y 1 A GLU 126 ? CB  ? A GLU 126 CB  
844  1 Y 1 A GLU 126 ? CG  ? A GLU 126 CG  
845  1 Y 1 A GLU 126 ? CD  ? A GLU 126 CD  
846  1 Y 1 A GLU 126 ? OE1 ? A GLU 126 OE1 
847  1 Y 1 A GLU 126 ? OE2 ? A GLU 126 OE2 
848  1 Y 1 A LEU 127 ? N   ? A LEU 127 N   
849  1 Y 1 A LEU 127 ? C   ? A LEU 127 C   
850  1 Y 1 A LEU 127 ? O   ? A LEU 127 O   
851  1 Y 1 A LEU 127 ? CB  ? A LEU 127 CB  
852  1 Y 1 A LEU 127 ? CG  ? A LEU 127 CG  
853  1 Y 1 A LEU 127 ? CD1 ? A LEU 127 CD1 
854  1 Y 1 A LEU 127 ? CD2 ? A LEU 127 CD2 
855  1 Y 1 A LYS 128 ? N   ? A LYS 128 N   
856  1 Y 1 A LYS 128 ? C   ? A LYS 128 C   
857  1 Y 1 A LYS 128 ? O   ? A LYS 128 O   
858  1 Y 1 A LYS 128 ? CB  ? A LYS 128 CB  
859  1 Y 1 A LYS 128 ? CG  ? A LYS 128 CG  
860  1 Y 1 A LYS 128 ? CD  ? A LYS 128 CD  
861  1 Y 1 A LYS 128 ? CE  ? A LYS 128 CE  
862  1 Y 1 A LYS 128 ? NZ  ? A LYS 128 NZ  
863  1 Y 1 A GLU 129 ? N   ? A GLU 129 N   
864  1 Y 1 A GLU 129 ? C   ? A GLU 129 C   
865  1 Y 1 A GLU 129 ? O   ? A GLU 129 O   
866  1 Y 1 A GLU 129 ? CB  ? A GLU 129 CB  
867  1 Y 1 A GLU 129 ? CG  ? A GLU 129 CG  
868  1 Y 1 A GLU 129 ? CD  ? A GLU 129 CD  
869  1 Y 1 A GLU 129 ? OE1 ? A GLU 129 OE1 
870  1 Y 1 A GLU 129 ? OE2 ? A GLU 129 OE2 
871  1 Y 1 A VAL 130 ? N   ? A VAL 130 N   
872  1 Y 1 A VAL 130 ? C   ? A VAL 130 C   
873  1 Y 1 A VAL 130 ? O   ? A VAL 130 O   
874  1 Y 1 A VAL 130 ? CB  ? A VAL 130 CB  
875  1 Y 1 A VAL 130 ? CG1 ? A VAL 130 CG1 
876  1 Y 1 A VAL 130 ? CG2 ? A VAL 130 CG2 
877  1 Y 1 A VAL 131 ? N   ? A VAL 131 N   
878  1 Y 1 A VAL 131 ? C   ? A VAL 131 C   
879  1 Y 1 A VAL 131 ? O   ? A VAL 131 O   
880  1 Y 1 A VAL 131 ? CB  ? A VAL 131 CB  
881  1 Y 1 A VAL 131 ? CG1 ? A VAL 131 CG1 
882  1 Y 1 A VAL 131 ? CG2 ? A VAL 131 CG2 
883  1 Y 1 A ALA 132 ? N   ? A ALA 132 N   
884  1 Y 1 A ALA 132 ? C   ? A ALA 132 C   
885  1 Y 1 A ALA 132 ? O   ? A ALA 132 O   
886  1 Y 1 A ALA 132 ? CB  ? A ALA 132 CB  
887  1 Y 1 A GLN 133 ? N   ? A GLN 133 N   
888  1 Y 1 A GLN 133 ? C   ? A GLN 133 C   
889  1 Y 1 A GLN 133 ? O   ? A GLN 133 O   
890  1 Y 1 A GLN 133 ? CB  ? A GLN 133 CB  
891  1 Y 1 A GLN 133 ? CG  ? A GLN 133 CG  
892  1 Y 1 A GLN 133 ? CD  ? A GLN 133 CD  
893  1 Y 1 A GLN 133 ? OE1 ? A GLN 133 OE1 
894  1 Y 1 A GLN 133 ? NE2 ? A GLN 133 NE2 
895  1 Y 1 A ASN 134 ? N   ? A ASN 134 N   
896  1 Y 1 A ASN 134 ? C   ? A ASN 134 C   
897  1 Y 1 A ASN 134 ? O   ? A ASN 134 O   
898  1 Y 1 A ASN 134 ? CB  ? A ASN 134 CB  
899  1 Y 1 A ASN 134 ? CG  ? A ASN 134 CG  
900  1 Y 1 A ASN 134 ? OD1 ? A ASN 134 OD1 
901  1 Y 1 A ASN 134 ? ND2 ? A ASN 134 ND2 
902  1 Y 1 A PRO 135 ? N   ? A PRO 135 N   
903  1 Y 1 A PRO 135 ? C   ? A PRO 135 C   
904  1 Y 1 A PRO 135 ? O   ? A PRO 135 O   
905  1 Y 1 A PRO 135 ? CB  ? A PRO 135 CB  
906  1 Y 1 A PRO 135 ? CG  ? A PRO 135 CG  
907  1 Y 1 A PRO 135 ? CD  ? A PRO 135 CD  
908  1 Y 1 A ASN 136 ? N   ? A ASN 136 N   
909  1 Y 1 A ASN 136 ? C   ? A ASN 136 C   
910  1 Y 1 A ASN 136 ? O   ? A ASN 136 O   
911  1 Y 1 A ASN 136 ? CB  ? A ASN 136 CB  
912  1 Y 1 A ASN 136 ? CG  ? A ASN 136 CG  
913  1 Y 1 A ASN 136 ? OD1 ? A ASN 136 OD1 
914  1 Y 1 A ASN 136 ? ND2 ? A ASN 136 ND2 
915  1 Y 1 A TYR 137 ? N   ? A TYR 137 N   
916  1 Y 1 A TYR 137 ? C   ? A TYR 137 C   
917  1 Y 1 A TYR 137 ? O   ? A TYR 137 O   
918  1 Y 1 A TYR 137 ? CB  ? A TYR 137 CB  
919  1 Y 1 A TYR 137 ? CG  ? A TYR 137 CG  
920  1 Y 1 A TYR 137 ? CD1 ? A TYR 137 CD1 
921  1 Y 1 A TYR 137 ? CD2 ? A TYR 137 CD2 
922  1 Y 1 A TYR 137 ? CE1 ? A TYR 137 CE1 
923  1 Y 1 A TYR 137 ? CE2 ? A TYR 137 CE2 
924  1 Y 1 A TYR 137 ? CZ  ? A TYR 137 CZ  
925  1 Y 1 A TYR 137 ? OH  ? A TYR 137 OH  
926  1 Y 1 A GLU 138 ? N   ? A GLU 138 N   
927  1 Y 1 A GLU 138 ? C   ? A GLU 138 C   
928  1 Y 1 A GLU 138 ? O   ? A GLU 138 O   
929  1 Y 1 A GLU 138 ? CB  ? A GLU 138 CB  
930  1 Y 1 A GLU 138 ? CG  ? A GLU 138 CG  
931  1 Y 1 A GLU 138 ? CD  ? A GLU 138 CD  
932  1 Y 1 A GLU 138 ? OE1 ? A GLU 138 OE1 
933  1 Y 1 A GLU 138 ? OE2 ? A GLU 138 OE2 
934  1 Y 1 A LEU 139 ? N   ? A LEU 139 N   
935  1 Y 1 A LEU 139 ? C   ? A LEU 139 C   
936  1 Y 1 A LEU 139 ? O   ? A LEU 139 O   
937  1 Y 1 A LEU 139 ? CB  ? A LEU 139 CB  
938  1 Y 1 A LEU 139 ? CG  ? A LEU 139 CG  
939  1 Y 1 A LEU 139 ? CD1 ? A LEU 139 CD1 
940  1 Y 1 A LEU 139 ? CD2 ? A LEU 139 CD2 
941  1 Y 1 A VAL 140 ? N   ? A VAL 140 N   
942  1 Y 1 A VAL 140 ? C   ? A VAL 140 C   
943  1 Y 1 A VAL 140 ? O   ? A VAL 140 O   
944  1 Y 1 A VAL 140 ? CB  ? A VAL 140 CB  
945  1 Y 1 A VAL 140 ? CG1 ? A VAL 140 CG1 
946  1 Y 1 A VAL 140 ? CG2 ? A VAL 140 CG2 
947  1 Y 1 A VAL 141 ? N   ? A VAL 141 N   
948  1 Y 1 A VAL 141 ? C   ? A VAL 141 C   
949  1 Y 1 A VAL 141 ? O   ? A VAL 141 O   
950  1 Y 1 A VAL 141 ? CB  ? A VAL 141 CB  
951  1 Y 1 A VAL 141 ? CG1 ? A VAL 141 CG1 
952  1 Y 1 A VAL 141 ? CG2 ? A VAL 141 CG2 
953  1 Y 1 A VAL 142 ? N   ? A VAL 142 N   
954  1 Y 1 A VAL 142 ? C   ? A VAL 142 C   
955  1 Y 1 A VAL 142 ? O   ? A VAL 142 O   
956  1 Y 1 A VAL 142 ? CB  ? A VAL 142 CB  
957  1 Y 1 A VAL 142 ? CG1 ? A VAL 142 CG1 
958  1 Y 1 A VAL 142 ? CG2 ? A VAL 142 CG2 
959  1 Y 1 A GLY 143 ? N   ? A GLY 143 N   
960  1 Y 1 A GLY 143 ? C   ? A GLY 143 C   
961  1 Y 1 A GLY 143 ? O   ? A GLY 143 O   
962  1 Y 1 A HIS 144 ? N   ? A HIS 144 N   
963  1 Y 1 A HIS 144 ? C   ? A HIS 144 C   
964  1 Y 1 A HIS 144 ? O   ? A HIS 144 O   
965  1 Y 1 A HIS 144 ? CB  ? A HIS 144 CB  
966  1 Y 1 A HIS 144 ? CG  ? A HIS 144 CG  
967  1 Y 1 A HIS 144 ? ND1 ? A HIS 144 ND1 
968  1 Y 1 A HIS 144 ? CD2 ? A HIS 144 CD2 
969  1 Y 1 A HIS 144 ? CE1 ? A HIS 144 CE1 
970  1 Y 1 A HIS 144 ? NE2 ? A HIS 144 NE2 
971  1 Y 1 A LEU 146 ? N   ? A LEU 146 N   
972  1 Y 1 A LEU 146 ? C   ? A LEU 146 C   
973  1 Y 1 A LEU 146 ? O   ? A LEU 146 O   
974  1 Y 1 A LEU 146 ? CB  ? A LEU 146 CB  
975  1 Y 1 A LEU 146 ? CG  ? A LEU 146 CG  
976  1 Y 1 A LEU 146 ? CD1 ? A LEU 146 CD1 
977  1 Y 1 A LEU 146 ? CD2 ? A LEU 146 CD2 
978  1 Y 1 A GLY 147 ? N   ? A GLY 147 N   
979  1 Y 1 A GLY 147 ? C   ? A GLY 147 C   
980  1 Y 1 A GLY 147 ? O   ? A GLY 147 O   
981  1 Y 1 A ALA 148 ? N   ? A ALA 148 N   
982  1 Y 1 A ALA 148 ? C   ? A ALA 148 C   
983  1 Y 1 A ALA 148 ? O   ? A ALA 148 O   
984  1 Y 1 A ALA 148 ? CB  ? A ALA 148 CB  
985  1 Y 1 A ALA 149 ? N   ? A ALA 149 N   
986  1 Y 1 A ALA 149 ? C   ? A ALA 149 C   
987  1 Y 1 A ALA 149 ? O   ? A ALA 149 O   
988  1 Y 1 A ALA 149 ? CB  ? A ALA 149 CB  
989  1 Y 1 A VAL 150 ? N   ? A VAL 150 N   
990  1 Y 1 A VAL 150 ? C   ? A VAL 150 C   
991  1 Y 1 A VAL 150 ? O   ? A VAL 150 O   
992  1 Y 1 A VAL 150 ? CB  ? A VAL 150 CB  
993  1 Y 1 A VAL 150 ? CG1 ? A VAL 150 CG1 
994  1 Y 1 A VAL 150 ? CG2 ? A VAL 150 CG2 
995  1 Y 1 A ALA 151 ? N   ? A ALA 151 N   
996  1 Y 1 A ALA 151 ? C   ? A ALA 151 C   
997  1 Y 1 A ALA 151 ? O   ? A ALA 151 O   
998  1 Y 1 A ALA 151 ? CB  ? A ALA 151 CB  
999  1 Y 1 A THR 152 ? N   ? A THR 152 N   
1000 1 Y 1 A THR 152 ? C   ? A THR 152 C   
1001 1 Y 1 A THR 152 ? O   ? A THR 152 O   
1002 1 Y 1 A THR 152 ? CB  ? A THR 152 CB  
1003 1 Y 1 A THR 152 ? OG1 ? A THR 152 OG1 
1004 1 Y 1 A THR 152 ? CG2 ? A THR 152 CG2 
1005 1 Y 1 A LEU 153 ? N   ? A LEU 153 N   
1006 1 Y 1 A LEU 153 ? C   ? A LEU 153 C   
1007 1 Y 1 A LEU 153 ? O   ? A LEU 153 O   
1008 1 Y 1 A LEU 153 ? CB  ? A LEU 153 CB  
1009 1 Y 1 A LEU 153 ? CG  ? A LEU 153 CG  
1010 1 Y 1 A LEU 153 ? CD1 ? A LEU 153 CD1 
1011 1 Y 1 A LEU 153 ? CD2 ? A LEU 153 CD2 
1012 1 Y 1 A ALA 154 ? N   ? A ALA 154 N   
1013 1 Y 1 A ALA 154 ? C   ? A ALA 154 C   
1014 1 Y 1 A ALA 154 ? O   ? A ALA 154 O   
1015 1 Y 1 A ALA 154 ? CB  ? A ALA 154 CB  
1016 1 Y 1 A ALA 155 ? N   ? A ALA 155 N   
1017 1 Y 1 A ALA 155 ? C   ? A ALA 155 C   
1018 1 Y 1 A ALA 155 ? O   ? A ALA 155 O   
1019 1 Y 1 A ALA 155 ? CB  ? A ALA 155 CB  
1020 1 Y 1 A THR 156 ? N   ? A THR 156 N   
1021 1 Y 1 A THR 156 ? C   ? A THR 156 C   
1022 1 Y 1 A THR 156 ? O   ? A THR 156 O   
1023 1 Y 1 A THR 156 ? CB  ? A THR 156 CB  
1024 1 Y 1 A THR 156 ? OG1 ? A THR 156 OG1 
1025 1 Y 1 A THR 156 ? CG2 ? A THR 156 CG2 
1026 1 Y 1 A ASP 157 ? N   ? A ASP 157 N   
1027 1 Y 1 A ASP 157 ? C   ? A ASP 157 C   
1028 1 Y 1 A ASP 157 ? O   ? A ASP 157 O   
1029 1 Y 1 A ASP 157 ? CB  ? A ASP 157 CB  
1030 1 Y 1 A ASP 157 ? CG  ? A ASP 157 CG  
1031 1 Y 1 A ASP 157 ? OD1 ? A ASP 157 OD1 
1032 1 Y 1 A ASP 157 ? OD2 ? A ASP 157 OD2 
1033 1 Y 1 A LEU 158 ? N   ? A LEU 158 N   
1034 1 Y 1 A LEU 158 ? C   ? A LEU 158 C   
1035 1 Y 1 A LEU 158 ? O   ? A LEU 158 O   
1036 1 Y 1 A LEU 158 ? CB  ? A LEU 158 CB  
1037 1 Y 1 A LEU 158 ? CG  ? A LEU 158 CG  
1038 1 Y 1 A LEU 158 ? CD1 ? A LEU 158 CD1 
1039 1 Y 1 A LEU 158 ? CD2 ? A LEU 158 CD2 
1040 1 Y 1 A ARG 159 ? N   ? A ARG 159 N   
1041 1 Y 1 A ARG 159 ? C   ? A ARG 159 C   
1042 1 Y 1 A ARG 159 ? O   ? A ARG 159 O   
1043 1 Y 1 A ARG 159 ? CB  ? A ARG 159 CB  
1044 1 Y 1 A ARG 159 ? CG  ? A ARG 159 CG  
1045 1 Y 1 A ARG 159 ? CD  ? A ARG 159 CD  
1046 1 Y 1 A ARG 159 ? NE  ? A ARG 159 NE  
1047 1 Y 1 A ARG 159 ? CZ  ? A ARG 159 CZ  
1048 1 Y 1 A ARG 159 ? NH1 ? A ARG 159 NH1 
1049 1 Y 1 A ARG 159 ? NH2 ? A ARG 159 NH2 
1050 1 Y 1 A GLY 160 ? N   ? A GLY 160 N   
1051 1 Y 1 A GLY 160 ? C   ? A GLY 160 C   
1052 1 Y 1 A GLY 160 ? O   ? A GLY 160 O   
1053 1 Y 1 A LYS 161 ? N   ? A LYS 161 N   
1054 1 Y 1 A LYS 161 ? C   ? A LYS 161 C   
1055 1 Y 1 A LYS 161 ? O   ? A LYS 161 O   
1056 1 Y 1 A LYS 161 ? CB  ? A LYS 161 CB  
1057 1 Y 1 A LYS 161 ? CG  ? A LYS 161 CG  
1058 1 Y 1 A LYS 161 ? CD  ? A LYS 161 CD  
1059 1 Y 1 A LYS 161 ? CE  ? A LYS 161 CE  
1060 1 Y 1 A LYS 161 ? NZ  ? A LYS 161 NZ  
1061 1 Y 1 A GLY 162 ? N   ? A GLY 162 N   
1062 1 Y 1 A GLY 162 ? C   ? A GLY 162 C   
1063 1 Y 1 A GLY 162 ? O   ? A GLY 162 O   
1064 1 Y 1 A TYR 163 ? N   ? A TYR 163 N   
1065 1 Y 1 A TYR 163 ? C   ? A TYR 163 C   
1066 1 Y 1 A TYR 163 ? O   ? A TYR 163 O   
1067 1 Y 1 A TYR 163 ? CB  ? A TYR 163 CB  
1068 1 Y 1 A TYR 163 ? CG  ? A TYR 163 CG  
1069 1 Y 1 A TYR 163 ? CD1 ? A TYR 163 CD1 
1070 1 Y 1 A TYR 163 ? CD2 ? A TYR 163 CD2 
1071 1 Y 1 A TYR 163 ? CE1 ? A TYR 163 CE1 
1072 1 Y 1 A TYR 163 ? CE2 ? A TYR 163 CE2 
1073 1 Y 1 A TYR 163 ? CZ  ? A TYR 163 CZ  
1074 1 Y 1 A TYR 163 ? OH  ? A TYR 163 OH  
1075 1 Y 1 A PRO 164 ? N   ? A PRO 164 N   
1076 1 Y 1 A PRO 164 ? C   ? A PRO 164 C   
1077 1 Y 1 A PRO 164 ? O   ? A PRO 164 O   
1078 1 Y 1 A PRO 164 ? CB  ? A PRO 164 CB  
1079 1 Y 1 A PRO 164 ? CG  ? A PRO 164 CG  
1080 1 Y 1 A PRO 164 ? CD  ? A PRO 164 CD  
1081 1 Y 1 A SER 165 ? N   ? A SER 165 N   
1082 1 Y 1 A SER 165 ? C   ? A SER 165 C   
1083 1 Y 1 A SER 165 ? O   ? A SER 165 O   
1084 1 Y 1 A SER 165 ? CB  ? A SER 165 CB  
1085 1 Y 1 A SER 165 ? OG  ? A SER 165 OG  
1086 1 Y 1 A ALA 166 ? N   ? A ALA 166 N   
1087 1 Y 1 A ALA 166 ? C   ? A ALA 166 C   
1088 1 Y 1 A ALA 166 ? O   ? A ALA 166 O   
1089 1 Y 1 A ALA 166 ? CB  ? A ALA 166 CB  
1090 1 Y 1 A LYS 167 ? N   ? A LYS 167 N   
1091 1 Y 1 A LYS 167 ? C   ? A LYS 167 C   
1092 1 Y 1 A LYS 167 ? O   ? A LYS 167 O   
1093 1 Y 1 A LYS 167 ? CB  ? A LYS 167 CB  
1094 1 Y 1 A LYS 167 ? CG  ? A LYS 167 CG  
1095 1 Y 1 A LYS 167 ? CD  ? A LYS 167 CD  
1096 1 Y 1 A LYS 167 ? CE  ? A LYS 167 CE  
1097 1 Y 1 A LYS 167 ? NZ  ? A LYS 167 NZ  
1098 1 Y 1 A LEU 168 ? N   ? A LEU 168 N   
1099 1 Y 1 A LEU 168 ? C   ? A LEU 168 C   
1100 1 Y 1 A LEU 168 ? O   ? A LEU 168 O   
1101 1 Y 1 A LEU 168 ? CB  ? A LEU 168 CB  
1102 1 Y 1 A LEU 168 ? CG  ? A LEU 168 CG  
1103 1 Y 1 A LEU 168 ? CD1 ? A LEU 168 CD1 
1104 1 Y 1 A LEU 168 ? CD2 ? A LEU 168 CD2 
1105 1 Y 1 A TYR 169 ? N   ? A TYR 169 N   
1106 1 Y 1 A TYR 169 ? C   ? A TYR 169 C   
1107 1 Y 1 A TYR 169 ? O   ? A TYR 169 O   
1108 1 Y 1 A TYR 169 ? CB  ? A TYR 169 CB  
1109 1 Y 1 A TYR 169 ? CG  ? A TYR 169 CG  
1110 1 Y 1 A TYR 169 ? CD1 ? A TYR 169 CD1 
1111 1 Y 1 A TYR 169 ? CD2 ? A TYR 169 CD2 
1112 1 Y 1 A TYR 169 ? CE1 ? A TYR 169 CE1 
1113 1 Y 1 A TYR 169 ? CE2 ? A TYR 169 CE2 
1114 1 Y 1 A TYR 169 ? CZ  ? A TYR 169 CZ  
1115 1 Y 1 A TYR 169 ? OH  ? A TYR 169 OH  
1116 1 Y 1 A ALA 170 ? N   ? A ALA 170 N   
1117 1 Y 1 A ALA 170 ? C   ? A ALA 170 C   
1118 1 Y 1 A ALA 170 ? O   ? A ALA 170 O   
1119 1 Y 1 A ALA 170 ? CB  ? A ALA 170 CB  
1120 1 Y 1 A TYR 171 ? N   ? A TYR 171 N   
1121 1 Y 1 A TYR 171 ? C   ? A TYR 171 C   
1122 1 Y 1 A TYR 171 ? O   ? A TYR 171 O   
1123 1 Y 1 A TYR 171 ? CB  ? A TYR 171 CB  
1124 1 Y 1 A TYR 171 ? CG  ? A TYR 171 CG  
1125 1 Y 1 A TYR 171 ? CD1 ? A TYR 171 CD1 
1126 1 Y 1 A TYR 171 ? CD2 ? A TYR 171 CD2 
1127 1 Y 1 A TYR 171 ? CE1 ? A TYR 171 CE1 
1128 1 Y 1 A TYR 171 ? CE2 ? A TYR 171 CE2 
1129 1 Y 1 A TYR 171 ? CZ  ? A TYR 171 CZ  
1130 1 Y 1 A TYR 171 ? OH  ? A TYR 171 OH  
1131 1 Y 1 A ALA 172 ? N   ? A ALA 172 N   
1132 1 Y 1 A ALA 172 ? C   ? A ALA 172 C   
1133 1 Y 1 A ALA 172 ? O   ? A ALA 172 O   
1134 1 Y 1 A ALA 172 ? CB  ? A ALA 172 CB  
1135 1 Y 1 A SER 173 ? N   ? A SER 173 N   
1136 1 Y 1 A SER 173 ? C   ? A SER 173 C   
1137 1 Y 1 A SER 173 ? O   ? A SER 173 O   
1138 1 Y 1 A SER 173 ? CB  ? A SER 173 CB  
1139 1 Y 1 A SER 173 ? OG  ? A SER 173 OG  
1140 1 Y 1 A PRO 174 ? N   ? A PRO 174 N   
1141 1 Y 1 A PRO 174 ? C   ? A PRO 174 C   
1142 1 Y 1 A PRO 174 ? O   ? A PRO 174 O   
1143 1 Y 1 A PRO 174 ? CB  ? A PRO 174 CB  
1144 1 Y 1 A PRO 174 ? CG  ? A PRO 174 CG  
1145 1 Y 1 A PRO 174 ? CD  ? A PRO 174 CD  
1146 1 Y 1 A ARG 175 ? N   ? A ARG 175 N   
1147 1 Y 1 A ARG 175 ? C   ? A ARG 175 C   
1148 1 Y 1 A ARG 175 ? O   ? A ARG 175 O   
1149 1 Y 1 A ARG 175 ? CB  ? A ARG 175 CB  
1150 1 Y 1 A ARG 175 ? CG  ? A ARG 175 CG  
1151 1 Y 1 A ARG 175 ? CD  ? A ARG 175 CD  
1152 1 Y 1 A ARG 175 ? NE  ? A ARG 175 NE  
1153 1 Y 1 A ARG 175 ? CZ  ? A ARG 175 CZ  
1154 1 Y 1 A ARG 175 ? NH1 ? A ARG 175 NH1 
1155 1 Y 1 A ARG 175 ? NH2 ? A ARG 175 NH2 
1156 1 Y 1 A VAL 176 ? N   ? A VAL 176 N   
1157 1 Y 1 A VAL 176 ? C   ? A VAL 176 C   
1158 1 Y 1 A VAL 176 ? O   ? A VAL 176 O   
1159 1 Y 1 A VAL 176 ? CB  ? A VAL 176 CB  
1160 1 Y 1 A VAL 176 ? CG1 ? A VAL 176 CG1 
1161 1 Y 1 A VAL 176 ? CG2 ? A VAL 176 CG2 
1162 1 Y 1 A GLY 177 ? N   ? A GLY 177 N   
1163 1 Y 1 A GLY 177 ? C   ? A GLY 177 C   
1164 1 Y 1 A GLY 177 ? O   ? A GLY 177 O   
1165 1 Y 1 A ASN 178 ? N   ? A ASN 178 N   
1166 1 Y 1 A ASN 178 ? C   ? A ASN 178 C   
1167 1 Y 1 A ASN 178 ? O   ? A ASN 178 O   
1168 1 Y 1 A ASN 178 ? CB  ? A ASN 178 CB  
1169 1 Y 1 A ASN 178 ? CG  ? A ASN 178 CG  
1170 1 Y 1 A ASN 178 ? OD1 ? A ASN 178 OD1 
1171 1 Y 1 A ASN 178 ? ND2 ? A ASN 178 ND2 
1172 1 Y 1 A ALA 179 ? N   ? A ALA 179 N   
1173 1 Y 1 A ALA 179 ? C   ? A ALA 179 C   
1174 1 Y 1 A ALA 179 ? O   ? A ALA 179 O   
1175 1 Y 1 A ALA 179 ? CB  ? A ALA 179 CB  
1176 1 Y 1 A ALA 180 ? N   ? A ALA 180 N   
1177 1 Y 1 A ALA 180 ? C   ? A ALA 180 C   
1178 1 Y 1 A ALA 180 ? O   ? A ALA 180 O   
1179 1 Y 1 A ALA 180 ? CB  ? A ALA 180 CB  
1180 1 Y 1 A LEU 181 ? N   ? A LEU 181 N   
1181 1 Y 1 A LEU 181 ? C   ? A LEU 181 C   
1182 1 Y 1 A LEU 181 ? O   ? A LEU 181 O   
1183 1 Y 1 A LEU 181 ? CB  ? A LEU 181 CB  
1184 1 Y 1 A LEU 181 ? CG  ? A LEU 181 CG  
1185 1 Y 1 A LEU 181 ? CD1 ? A LEU 181 CD1 
1186 1 Y 1 A LEU 181 ? CD2 ? A LEU 181 CD2 
1187 1 Y 1 A ALA 182 ? N   ? A ALA 182 N   
1188 1 Y 1 A ALA 182 ? C   ? A ALA 182 C   
1189 1 Y 1 A ALA 182 ? O   ? A ALA 182 O   
1190 1 Y 1 A ALA 182 ? CB  ? A ALA 182 CB  
1191 1 Y 1 A LYS 183 ? N   ? A LYS 183 N   
1192 1 Y 1 A LYS 183 ? C   ? A LYS 183 C   
1193 1 Y 1 A LYS 183 ? O   ? A LYS 183 O   
1194 1 Y 1 A LYS 183 ? CB  ? A LYS 183 CB  
1195 1 Y 1 A LYS 183 ? CG  ? A LYS 183 CG  
1196 1 Y 1 A LYS 183 ? CD  ? A LYS 183 CD  
1197 1 Y 1 A LYS 183 ? CE  ? A LYS 183 CE  
1198 1 Y 1 A LYS 183 ? NZ  ? A LYS 183 NZ  
1199 1 Y 1 A TYR 184 ? N   ? A TYR 184 N   
1200 1 Y 1 A TYR 184 ? C   ? A TYR 184 C   
1201 1 Y 1 A TYR 184 ? O   ? A TYR 184 O   
1202 1 Y 1 A TYR 184 ? CB  ? A TYR 184 CB  
1203 1 Y 1 A TYR 184 ? CG  ? A TYR 184 CG  
1204 1 Y 1 A TYR 184 ? CD1 ? A TYR 184 CD1 
1205 1 Y 1 A TYR 184 ? CD2 ? A TYR 184 CD2 
1206 1 Y 1 A TYR 184 ? CE1 ? A TYR 184 CE1 
1207 1 Y 1 A TYR 184 ? CE2 ? A TYR 184 CE2 
1208 1 Y 1 A TYR 184 ? CZ  ? A TYR 184 CZ  
1209 1 Y 1 A TYR 184 ? OH  ? A TYR 184 OH  
1210 1 Y 1 A ILE 185 ? N   ? A ILE 185 N   
1211 1 Y 1 A ILE 185 ? C   ? A ILE 185 C   
1212 1 Y 1 A ILE 185 ? O   ? A ILE 185 O   
1213 1 Y 1 A ILE 185 ? CB  ? A ILE 185 CB  
1214 1 Y 1 A ILE 185 ? CG1 ? A ILE 185 CG1 
1215 1 Y 1 A ILE 185 ? CG2 ? A ILE 185 CG2 
1216 1 Y 1 A ILE 185 ? CD1 ? A ILE 185 CD1 
1217 1 Y 1 A THR 186 ? N   ? A THR 186 N   
1218 1 Y 1 A THR 186 ? C   ? A THR 186 C   
1219 1 Y 1 A THR 186 ? O   ? A THR 186 O   
1220 1 Y 1 A THR 186 ? CB  ? A THR 186 CB  
1221 1 Y 1 A THR 186 ? OG1 ? A THR 186 OG1 
1222 1 Y 1 A THR 186 ? CG2 ? A THR 186 CG2 
1223 1 Y 1 A ALA 187 ? N   ? A ALA 187 N   
1224 1 Y 1 A ALA 187 ? C   ? A ALA 187 C   
1225 1 Y 1 A ALA 187 ? O   ? A ALA 187 O   
1226 1 Y 1 A ALA 187 ? CB  ? A ALA 187 CB  
1227 1 Y 1 A GLN 188 ? N   ? A GLN 188 N   
1228 1 Y 1 A GLN 188 ? C   ? A GLN 188 C   
1229 1 Y 1 A GLN 188 ? O   ? A GLN 188 O   
1230 1 Y 1 A GLN 188 ? CB  ? A GLN 188 CB  
1231 1 Y 1 A GLN 188 ? CG  ? A GLN 188 CG  
1232 1 Y 1 A GLN 188 ? CD  ? A GLN 188 CD  
1233 1 Y 1 A GLN 188 ? OE1 ? A GLN 188 OE1 
1234 1 Y 1 A GLN 188 ? NE2 ? A GLN 188 NE2 
1235 1 Y 1 A GLY 189 ? N   ? A GLY 189 N   
1236 1 Y 1 A GLY 189 ? C   ? A GLY 189 C   
1237 1 Y 1 A GLY 189 ? O   ? A GLY 189 O   
1238 1 Y 1 A ASN 190 ? N   ? A ASN 190 N   
1239 1 Y 1 A ASN 190 ? C   ? A ASN 190 C   
1240 1 Y 1 A ASN 190 ? O   ? A ASN 190 O   
1241 1 Y 1 A ASN 190 ? CB  ? A ASN 190 CB  
1242 1 Y 1 A ASN 190 ? CG  ? A ASN 190 CG  
1243 1 Y 1 A ASN 190 ? OD1 ? A ASN 190 OD1 
1244 1 Y 1 A ASN 190 ? ND2 ? A ASN 190 ND2 
1245 1 Y 1 A ASN 191 ? N   ? A ASN 191 N   
1246 1 Y 1 A ASN 191 ? C   ? A ASN 191 C   
1247 1 Y 1 A ASN 191 ? O   ? A ASN 191 O   
1248 1 Y 1 A ASN 191 ? CB  ? A ASN 191 CB  
1249 1 Y 1 A ASN 191 ? CG  ? A ASN 191 CG  
1250 1 Y 1 A ASN 191 ? OD1 ? A ASN 191 OD1 
1251 1 Y 1 A ASN 191 ? ND2 ? A ASN 191 ND2 
1252 1 Y 1 A PHE 192 ? N   ? A PHE 192 N   
1253 1 Y 1 A PHE 192 ? C   ? A PHE 192 C   
1254 1 Y 1 A PHE 192 ? O   ? A PHE 192 O   
1255 1 Y 1 A PHE 192 ? CB  ? A PHE 192 CB  
1256 1 Y 1 A PHE 192 ? CG  ? A PHE 192 CG  
1257 1 Y 1 A PHE 192 ? CD1 ? A PHE 192 CD1 
1258 1 Y 1 A PHE 192 ? CD2 ? A PHE 192 CD2 
1259 1 Y 1 A PHE 192 ? CE1 ? A PHE 192 CE1 
1260 1 Y 1 A PHE 192 ? CE2 ? A PHE 192 CE2 
1261 1 Y 1 A PHE 192 ? CZ  ? A PHE 192 CZ  
1262 1 Y 1 A ARG 193 ? N   ? A ARG 193 N   
1263 1 Y 1 A ARG 193 ? C   ? A ARG 193 C   
1264 1 Y 1 A ARG 193 ? O   ? A ARG 193 O   
1265 1 Y 1 A ARG 193 ? CB  ? A ARG 193 CB  
1266 1 Y 1 A ARG 193 ? CG  ? A ARG 193 CG  
1267 1 Y 1 A ARG 193 ? CD  ? A ARG 193 CD  
1268 1 Y 1 A ARG 193 ? NE  ? A ARG 193 NE  
1269 1 Y 1 A ARG 193 ? CZ  ? A ARG 193 CZ  
1270 1 Y 1 A ARG 193 ? NH1 ? A ARG 193 NH1 
1271 1 Y 1 A ARG 193 ? NH2 ? A ARG 193 NH2 
1272 1 Y 1 A PHE 194 ? N   ? A PHE 194 N   
1273 1 Y 1 A PHE 194 ? C   ? A PHE 194 C   
1274 1 Y 1 A PHE 194 ? O   ? A PHE 194 O   
1275 1 Y 1 A PHE 194 ? CB  ? A PHE 194 CB  
1276 1 Y 1 A PHE 194 ? CG  ? A PHE 194 CG  
1277 1 Y 1 A PHE 194 ? CD1 ? A PHE 194 CD1 
1278 1 Y 1 A PHE 194 ? CD2 ? A PHE 194 CD2 
1279 1 Y 1 A PHE 194 ? CE1 ? A PHE 194 CE1 
1280 1 Y 1 A PHE 194 ? CE2 ? A PHE 194 CE2 
1281 1 Y 1 A PHE 194 ? CZ  ? A PHE 194 CZ  
1282 1 Y 1 A THR 195 ? N   ? A THR 195 N   
1283 1 Y 1 A THR 195 ? C   ? A THR 195 C   
1284 1 Y 1 A THR 195 ? O   ? A THR 195 O   
1285 1 Y 1 A THR 195 ? CB  ? A THR 195 CB  
1286 1 Y 1 A THR 195 ? OG1 ? A THR 195 OG1 
1287 1 Y 1 A THR 195 ? CG2 ? A THR 195 CG2 
1288 1 Y 1 A HIS 196 ? N   ? A HIS 196 N   
1289 1 Y 1 A HIS 196 ? C   ? A HIS 196 C   
1290 1 Y 1 A HIS 196 ? O   ? A HIS 196 O   
1291 1 Y 1 A HIS 196 ? CB  ? A HIS 196 CB  
1292 1 Y 1 A HIS 196 ? CG  ? A HIS 196 CG  
1293 1 Y 1 A HIS 196 ? ND1 ? A HIS 196 ND1 
1294 1 Y 1 A HIS 196 ? CD2 ? A HIS 196 CD2 
1295 1 Y 1 A HIS 196 ? CE1 ? A HIS 196 CE1 
1296 1 Y 1 A HIS 196 ? NE2 ? A HIS 196 NE2 
1297 1 Y 1 A THR 197 ? N   ? A THR 197 N   
1298 1 Y 1 A THR 197 ? C   ? A THR 197 C   
1299 1 Y 1 A THR 197 ? O   ? A THR 197 O   
1300 1 Y 1 A THR 197 ? CB  ? A THR 197 CB  
1301 1 Y 1 A THR 197 ? OG1 ? A THR 197 OG1 
1302 1 Y 1 A THR 197 ? CG2 ? A THR 197 CG2 
1303 1 Y 1 A ASN 198 ? N   ? A ASN 198 N   
1304 1 Y 1 A ASN 198 ? C   ? A ASN 198 C   
1305 1 Y 1 A ASN 198 ? O   ? A ASN 198 O   
1306 1 Y 1 A ASN 198 ? CB  ? A ASN 198 CB  
1307 1 Y 1 A ASN 198 ? CG  ? A ASN 198 CG  
1308 1 Y 1 A ASN 198 ? OD1 ? A ASN 198 OD1 
1309 1 Y 1 A ASN 198 ? ND2 ? A ASN 198 ND2 
1310 1 Y 1 A PRO 200 ? N   ? A PRO 200 N   
1311 1 Y 1 A PRO 200 ? C   ? A PRO 200 C   
1312 1 Y 1 A PRO 200 ? O   ? A PRO 200 O   
1313 1 Y 1 A PRO 200 ? CB  ? A PRO 200 CB  
1314 1 Y 1 A PRO 200 ? CG  ? A PRO 200 CG  
1315 1 Y 1 A PRO 200 ? CD  ? A PRO 200 CD  
1316 1 Y 1 A VAL 201 ? N   ? A VAL 201 N   
1317 1 Y 1 A VAL 201 ? C   ? A VAL 201 C   
1318 1 Y 1 A VAL 201 ? O   ? A VAL 201 O   
1319 1 Y 1 A VAL 201 ? CB  ? A VAL 201 CB  
1320 1 Y 1 A VAL 201 ? CG1 ? A VAL 201 CG1 
1321 1 Y 1 A VAL 201 ? CG2 ? A VAL 201 CG2 
1322 1 Y 1 A PRO 202 ? N   ? A PRO 202 N   
1323 1 Y 1 A PRO 202 ? C   ? A PRO 202 C   
1324 1 Y 1 A PRO 202 ? O   ? A PRO 202 O   
1325 1 Y 1 A PRO 202 ? CB  ? A PRO 202 CB  
1326 1 Y 1 A PRO 202 ? CG  ? A PRO 202 CG  
1327 1 Y 1 A PRO 202 ? CD  ? A PRO 202 CD  
1328 1 Y 1 A LYS 203 ? N   ? A LYS 203 N   
1329 1 Y 1 A LYS 203 ? C   ? A LYS 203 C   
1330 1 Y 1 A LYS 203 ? O   ? A LYS 203 O   
1331 1 Y 1 A LYS 203 ? CB  ? A LYS 203 CB  
1332 1 Y 1 A LYS 203 ? CG  ? A LYS 203 CG  
1333 1 Y 1 A LYS 203 ? CD  ? A LYS 203 CD  
1334 1 Y 1 A LYS 203 ? CE  ? A LYS 203 CE  
1335 1 Y 1 A LYS 203 ? NZ  ? A LYS 203 NZ  
1336 1 Y 1 A LEU 204 ? N   ? A LEU 204 N   
1337 1 Y 1 A LEU 204 ? C   ? A LEU 204 C   
1338 1 Y 1 A LEU 204 ? O   ? A LEU 204 O   
1339 1 Y 1 A LEU 204 ? CB  ? A LEU 204 CB  
1340 1 Y 1 A LEU 204 ? CG  ? A LEU 204 CG  
1341 1 Y 1 A LEU 204 ? CD1 ? A LEU 204 CD1 
1342 1 Y 1 A LEU 204 ? CD2 ? A LEU 204 CD2 
1343 1 Y 1 A PRO 205 ? N   ? A PRO 205 N   
1344 1 Y 1 A PRO 205 ? C   ? A PRO 205 C   
1345 1 Y 1 A PRO 205 ? O   ? A PRO 205 O   
1346 1 Y 1 A PRO 205 ? CB  ? A PRO 205 CB  
1347 1 Y 1 A PRO 205 ? CG  ? A PRO 205 CG  
1348 1 Y 1 A PRO 205 ? CD  ? A PRO 205 CD  
1349 1 Y 1 A LEU 206 ? N   ? A LEU 206 N   
1350 1 Y 1 A LEU 206 ? C   ? A LEU 206 C   
1351 1 Y 1 A LEU 206 ? O   ? A LEU 206 O   
1352 1 Y 1 A LEU 206 ? CB  ? A LEU 206 CB  
1353 1 Y 1 A LEU 206 ? CG  ? A LEU 206 CG  
1354 1 Y 1 A LEU 206 ? CD1 ? A LEU 206 CD1 
1355 1 Y 1 A LEU 206 ? CD2 ? A LEU 206 CD2 
1356 1 Y 1 A LEU 207 ? N   ? A LEU 207 N   
1357 1 Y 1 A LEU 207 ? C   ? A LEU 207 C   
1358 1 Y 1 A LEU 207 ? O   ? A LEU 207 O   
1359 1 Y 1 A LEU 207 ? CB  ? A LEU 207 CB  
1360 1 Y 1 A LEU 207 ? CG  ? A LEU 207 CG  
1361 1 Y 1 A LEU 207 ? CD1 ? A LEU 207 CD1 
1362 1 Y 1 A LEU 207 ? CD2 ? A LEU 207 CD2 
1363 1 Y 1 A SER 208 ? N   ? A SER 208 N   
1364 1 Y 1 A SER 208 ? C   ? A SER 208 C   
1365 1 Y 1 A SER 208 ? O   ? A SER 208 O   
1366 1 Y 1 A SER 208 ? CB  ? A SER 208 CB  
1367 1 Y 1 A SER 208 ? OG  ? A SER 208 OG  
1368 1 Y 1 A MET 209 ? N   ? A MET 209 N   
1369 1 Y 1 A MET 209 ? C   ? A MET 209 C   
1370 1 Y 1 A MET 209 ? O   ? A MET 209 O   
1371 1 Y 1 A MET 209 ? CB  ? A MET 209 CB  
1372 1 Y 1 A MET 209 ? CG  ? A MET 209 CG  
1373 1 Y 1 A MET 209 ? SD  ? A MET 209 SD  
1374 1 Y 1 A MET 209 ? CE  ? A MET 209 CE  
1375 1 Y 1 A GLY 210 ? N   ? A GLY 210 N   
1376 1 Y 1 A GLY 210 ? C   ? A GLY 210 C   
1377 1 Y 1 A GLY 210 ? O   ? A GLY 210 O   
1378 1 Y 1 A TYR 211 ? N   ? A TYR 211 N   
1379 1 Y 1 A TYR 211 ? C   ? A TYR 211 C   
1380 1 Y 1 A TYR 211 ? O   ? A TYR 211 O   
1381 1 Y 1 A TYR 211 ? CB  ? A TYR 211 CB  
1382 1 Y 1 A TYR 211 ? CG  ? A TYR 211 CG  
1383 1 Y 1 A TYR 211 ? CD1 ? A TYR 211 CD1 
1384 1 Y 1 A TYR 211 ? CD2 ? A TYR 211 CD2 
1385 1 Y 1 A TYR 211 ? CE1 ? A TYR 211 CE1 
1386 1 Y 1 A TYR 211 ? CE2 ? A TYR 211 CE2 
1387 1 Y 1 A TYR 211 ? CZ  ? A TYR 211 CZ  
1388 1 Y 1 A TYR 211 ? OH  ? A TYR 211 OH  
1389 1 Y 1 A VAL 212 ? N   ? A VAL 212 N   
1390 1 Y 1 A VAL 212 ? C   ? A VAL 212 C   
1391 1 Y 1 A VAL 212 ? O   ? A VAL 212 O   
1392 1 Y 1 A VAL 212 ? CB  ? A VAL 212 CB  
1393 1 Y 1 A VAL 212 ? CG1 ? A VAL 212 CG1 
1394 1 Y 1 A VAL 212 ? CG2 ? A VAL 212 CG2 
1395 1 Y 1 A HIS 213 ? N   ? A HIS 213 N   
1396 1 Y 1 A HIS 213 ? C   ? A HIS 213 C   
1397 1 Y 1 A HIS 213 ? O   ? A HIS 213 O   
1398 1 Y 1 A HIS 213 ? CB  ? A HIS 213 CB  
1399 1 Y 1 A HIS 213 ? CG  ? A HIS 213 CG  
1400 1 Y 1 A HIS 213 ? ND1 ? A HIS 213 ND1 
1401 1 Y 1 A HIS 213 ? CD2 ? A HIS 213 CD2 
1402 1 Y 1 A HIS 213 ? CE1 ? A HIS 213 CE1 
1403 1 Y 1 A HIS 213 ? NE2 ? A HIS 213 NE2 
1404 1 Y 1 A VAL 214 ? N   ? A VAL 214 N   
1405 1 Y 1 A VAL 214 ? C   ? A VAL 214 C   
1406 1 Y 1 A VAL 214 ? O   ? A VAL 214 O   
1407 1 Y 1 A VAL 214 ? CB  ? A VAL 214 CB  
1408 1 Y 1 A VAL 214 ? CG1 ? A VAL 214 CG1 
1409 1 Y 1 A VAL 214 ? CG2 ? A VAL 214 CG2 
1410 1 Y 1 A SER 215 ? N   ? A SER 215 N   
1411 1 Y 1 A SER 215 ? C   ? A SER 215 C   
1412 1 Y 1 A SER 215 ? O   ? A SER 215 O   
1413 1 Y 1 A SER 215 ? CB  ? A SER 215 CB  
1414 1 Y 1 A SER 215 ? OG  ? A SER 215 OG  
1415 1 Y 1 A PRO 216 ? N   ? A PRO 216 N   
1416 1 Y 1 A PRO 216 ? C   ? A PRO 216 C   
1417 1 Y 1 A PRO 216 ? O   ? A PRO 216 O   
1418 1 Y 1 A PRO 216 ? CB  ? A PRO 216 CB  
1419 1 Y 1 A PRO 216 ? CG  ? A PRO 216 CG  
1420 1 Y 1 A PRO 216 ? CD  ? A PRO 216 CD  
1421 1 Y 1 A GLU 217 ? N   ? A GLU 217 N   
1422 1 Y 1 A GLU 217 ? C   ? A GLU 217 C   
1423 1 Y 1 A GLU 217 ? O   ? A GLU 217 O   
1424 1 Y 1 A GLU 217 ? CB  ? A GLU 217 CB  
1425 1 Y 1 A GLU 217 ? CG  ? A GLU 217 CG  
1426 1 Y 1 A GLU 217 ? CD  ? A GLU 217 CD  
1427 1 Y 1 A GLU 217 ? OE1 ? A GLU 217 OE1 
1428 1 Y 1 A GLU 217 ? OE2 ? A GLU 217 OE2 
1429 1 Y 1 A TYR 218 ? N   ? A TYR 218 N   
1430 1 Y 1 A TYR 218 ? C   ? A TYR 218 C   
1431 1 Y 1 A TYR 218 ? O   ? A TYR 218 O   
1432 1 Y 1 A TYR 218 ? CB  ? A TYR 218 CB  
1433 1 Y 1 A TYR 218 ? CG  ? A TYR 218 CG  
1434 1 Y 1 A TYR 218 ? CD1 ? A TYR 218 CD1 
1435 1 Y 1 A TYR 218 ? CD2 ? A TYR 218 CD2 
1436 1 Y 1 A TYR 218 ? CE1 ? A TYR 218 CE1 
1437 1 Y 1 A TYR 218 ? CE2 ? A TYR 218 CE2 
1438 1 Y 1 A TYR 218 ? CZ  ? A TYR 218 CZ  
1439 1 Y 1 A TYR 218 ? OH  ? A TYR 218 OH  
1440 1 Y 1 A TRP 219 ? N   ? A TRP 219 N   
1441 1 Y 1 A TRP 219 ? C   ? A TRP 219 C   
1442 1 Y 1 A TRP 219 ? O   ? A TRP 219 O   
1443 1 Y 1 A TRP 219 ? CB  ? A TRP 219 CB  
1444 1 Y 1 A TRP 219 ? CG  ? A TRP 219 CG  
1445 1 Y 1 A TRP 219 ? CD1 ? A TRP 219 CD1 
1446 1 Y 1 A TRP 219 ? CD2 ? A TRP 219 CD2 
1447 1 Y 1 A TRP 219 ? NE1 ? A TRP 219 NE1 
1448 1 Y 1 A TRP 219 ? CE2 ? A TRP 219 CE2 
1449 1 Y 1 A TRP 219 ? CE3 ? A TRP 219 CE3 
1450 1 Y 1 A TRP 219 ? CZ2 ? A TRP 219 CZ2 
1451 1 Y 1 A TRP 219 ? CZ3 ? A TRP 219 CZ3 
1452 1 Y 1 A TRP 219 ? CH2 ? A TRP 219 CH2 
1453 1 Y 1 A ILE 220 ? N   ? A ILE 220 N   
1454 1 Y 1 A ILE 220 ? C   ? A ILE 220 C   
1455 1 Y 1 A ILE 220 ? O   ? A ILE 220 O   
1456 1 Y 1 A ILE 220 ? CB  ? A ILE 220 CB  
1457 1 Y 1 A ILE 220 ? CG1 ? A ILE 220 CG1 
1458 1 Y 1 A ILE 220 ? CG2 ? A ILE 220 CG2 
1459 1 Y 1 A ILE 220 ? CD1 ? A ILE 220 CD1 
1460 1 Y 1 A THR 221 ? N   ? A THR 221 N   
1461 1 Y 1 A THR 221 ? C   ? A THR 221 C   
1462 1 Y 1 A THR 221 ? O   ? A THR 221 O   
1463 1 Y 1 A THR 221 ? CB  ? A THR 221 CB  
1464 1 Y 1 A THR 221 ? OG1 ? A THR 221 OG1 
1465 1 Y 1 A THR 221 ? CG2 ? A THR 221 CG2 
1466 1 Y 1 A SER 222 ? N   ? A SER 222 N   
1467 1 Y 1 A SER 222 ? C   ? A SER 222 C   
1468 1 Y 1 A SER 222 ? O   ? A SER 222 O   
1469 1 Y 1 A SER 222 ? CB  ? A SER 222 CB  
1470 1 Y 1 A SER 222 ? OG  ? A SER 222 OG  
1471 1 Y 1 A PRO 223 ? N   ? A PRO 223 N   
1472 1 Y 1 A PRO 223 ? C   ? A PRO 223 C   
1473 1 Y 1 A PRO 223 ? O   ? A PRO 223 O   
1474 1 Y 1 A PRO 223 ? CB  ? A PRO 223 CB  
1475 1 Y 1 A PRO 223 ? CG  ? A PRO 223 CG  
1476 1 Y 1 A PRO 223 ? CD  ? A PRO 223 CD  
1477 1 Y 1 A ASN 224 ? N   ? A ASN 224 N   
1478 1 Y 1 A ASN 224 ? C   ? A ASN 224 C   
1479 1 Y 1 A ASN 224 ? O   ? A ASN 224 O   
1480 1 Y 1 A ASN 224 ? CB  ? A ASN 224 CB  
1481 1 Y 1 A ASN 224 ? CG  ? A ASN 224 CG  
1482 1 Y 1 A ASN 224 ? OD1 ? A ASN 224 OD1 
1483 1 Y 1 A ASN 224 ? ND2 ? A ASN 224 ND2 
1484 1 Y 1 A ASN 225 ? N   ? A ASN 225 N   
1485 1 Y 1 A ASN 225 ? C   ? A ASN 225 C   
1486 1 Y 1 A ASN 225 ? O   ? A ASN 225 O   
1487 1 Y 1 A ASN 225 ? CB  ? A ASN 225 CB  
1488 1 Y 1 A ASN 225 ? CG  ? A ASN 225 CG  
1489 1 Y 1 A ASN 225 ? OD1 ? A ASN 225 OD1 
1490 1 Y 1 A ASN 225 ? ND2 ? A ASN 225 ND2 
1491 1 Y 1 A ALA 226 ? N   ? A ALA 226 N   
1492 1 Y 1 A ALA 226 ? C   ? A ALA 226 C   
1493 1 Y 1 A ALA 226 ? O   ? A ALA 226 O   
1494 1 Y 1 A ALA 226 ? CB  ? A ALA 226 CB  
1495 1 Y 1 A THR 227 ? N   ? A THR 227 N   
1496 1 Y 1 A THR 227 ? C   ? A THR 227 C   
1497 1 Y 1 A THR 227 ? O   ? A THR 227 O   
1498 1 Y 1 A THR 227 ? CB  ? A THR 227 CB  
1499 1 Y 1 A THR 227 ? OG1 ? A THR 227 OG1 
1500 1 Y 1 A THR 227 ? CG2 ? A THR 227 CG2 
1501 1 Y 1 A VAL 228 ? N   ? A VAL 228 N   
1502 1 Y 1 A VAL 228 ? C   ? A VAL 228 C   
1503 1 Y 1 A VAL 228 ? O   ? A VAL 228 O   
1504 1 Y 1 A VAL 228 ? CB  ? A VAL 228 CB  
1505 1 Y 1 A VAL 228 ? CG1 ? A VAL 228 CG1 
1506 1 Y 1 A VAL 228 ? CG2 ? A VAL 228 CG2 
1507 1 Y 1 A SER 229 ? N   ? A SER 229 N   
1508 1 Y 1 A SER 229 ? C   ? A SER 229 C   
1509 1 Y 1 A SER 229 ? O   ? A SER 229 O   
1510 1 Y 1 A SER 229 ? CB  ? A SER 229 CB  
1511 1 Y 1 A SER 229 ? OG  ? A SER 229 OG  
1512 1 Y 1 A THR 230 ? N   ? A THR 230 N   
1513 1 Y 1 A THR 230 ? C   ? A THR 230 C   
1514 1 Y 1 A THR 230 ? O   ? A THR 230 O   
1515 1 Y 1 A THR 230 ? CB  ? A THR 230 CB  
1516 1 Y 1 A THR 230 ? OG1 ? A THR 230 OG1 
1517 1 Y 1 A THR 230 ? CG2 ? A THR 230 CG2 
1518 1 Y 1 A SER 231 ? N   ? A SER 231 N   
1519 1 Y 1 A SER 231 ? C   ? A SER 231 C   
1520 1 Y 1 A SER 231 ? O   ? A SER 231 O   
1521 1 Y 1 A SER 231 ? CB  ? A SER 231 CB  
1522 1 Y 1 A SER 231 ? OG  ? A SER 231 OG  
1523 1 Y 1 A ASP 232 ? N   ? A ASP 232 N   
1524 1 Y 1 A ASP 232 ? C   ? A ASP 232 C   
1525 1 Y 1 A ASP 232 ? O   ? A ASP 232 O   
1526 1 Y 1 A ASP 232 ? CB  ? A ASP 232 CB  
1527 1 Y 1 A ASP 232 ? CG  ? A ASP 232 CG  
1528 1 Y 1 A ASP 232 ? OD1 ? A ASP 232 OD1 
1529 1 Y 1 A ASP 232 ? OD2 ? A ASP 232 OD2 
1530 1 Y 1 A ILE 233 ? N   ? A ILE 233 N   
1531 1 Y 1 A ILE 233 ? C   ? A ILE 233 C   
1532 1 Y 1 A ILE 233 ? O   ? A ILE 233 O   
1533 1 Y 1 A ILE 233 ? CB  ? A ILE 233 CB  
1534 1 Y 1 A ILE 233 ? CG1 ? A ILE 233 CG1 
1535 1 Y 1 A ILE 233 ? CG2 ? A ILE 233 CG2 
1536 1 Y 1 A ILE 233 ? CD1 ? A ILE 233 CD1 
1537 1 Y 1 A LYS 234 ? N   ? A LYS 234 N   
1538 1 Y 1 A LYS 234 ? C   ? A LYS 234 C   
1539 1 Y 1 A LYS 234 ? O   ? A LYS 234 O   
1540 1 Y 1 A LYS 234 ? CB  ? A LYS 234 CB  
1541 1 Y 1 A LYS 234 ? CG  ? A LYS 234 CG  
1542 1 Y 1 A LYS 234 ? CD  ? A LYS 234 CD  
1543 1 Y 1 A LYS 234 ? CE  ? A LYS 234 CE  
1544 1 Y 1 A LYS 234 ? NZ  ? A LYS 234 NZ  
1545 1 Y 1 A VAL 235 ? N   ? A VAL 235 N   
1546 1 Y 1 A VAL 235 ? C   ? A VAL 235 C   
1547 1 Y 1 A VAL 235 ? O   ? A VAL 235 O   
1548 1 Y 1 A VAL 235 ? CB  ? A VAL 235 CB  
1549 1 Y 1 A VAL 235 ? CG1 ? A VAL 235 CG1 
1550 1 Y 1 A VAL 235 ? CG2 ? A VAL 235 CG2 
1551 1 Y 1 A ILE 236 ? N   ? A ILE 236 N   
1552 1 Y 1 A ILE 236 ? C   ? A ILE 236 C   
1553 1 Y 1 A ILE 236 ? O   ? A ILE 236 O   
1554 1 Y 1 A ILE 236 ? CB  ? A ILE 236 CB  
1555 1 Y 1 A ILE 236 ? CG1 ? A ILE 236 CG1 
1556 1 Y 1 A ILE 236 ? CG2 ? A ILE 236 CG2 
1557 1 Y 1 A ILE 236 ? CD1 ? A ILE 236 CD1 
1558 1 Y 1 A ASP 237 ? N   ? A ASP 237 N   
1559 1 Y 1 A ASP 237 ? C   ? A ASP 237 C   
1560 1 Y 1 A ASP 237 ? O   ? A ASP 237 O   
1561 1 Y 1 A ASP 237 ? CB  ? A ASP 237 CB  
1562 1 Y 1 A ASP 237 ? CG  ? A ASP 237 CG  
1563 1 Y 1 A ASP 237 ? OD1 ? A ASP 237 OD1 
1564 1 Y 1 A ASP 237 ? OD2 ? A ASP 237 OD2 
1565 1 Y 1 A GLY 238 ? N   ? A GLY 238 N   
1566 1 Y 1 A GLY 238 ? C   ? A GLY 238 C   
1567 1 Y 1 A GLY 238 ? O   ? A GLY 238 O   
1568 1 Y 1 A ASP 239 ? N   ? A ASP 239 N   
1569 1 Y 1 A ASP 239 ? C   ? A ASP 239 C   
1570 1 Y 1 A ASP 239 ? O   ? A ASP 239 O   
1571 1 Y 1 A ASP 239 ? CB  ? A ASP 239 CB  
1572 1 Y 1 A ASP 239 ? CG  ? A ASP 239 CG  
1573 1 Y 1 A ASP 239 ? OD1 ? A ASP 239 OD1 
1574 1 Y 1 A ASP 239 ? OD2 ? A ASP 239 OD2 
1575 1 Y 1 A VAL 240 ? N   ? A VAL 240 N   
1576 1 Y 1 A VAL 240 ? C   ? A VAL 240 C   
1577 1 Y 1 A VAL 240 ? O   ? A VAL 240 O   
1578 1 Y 1 A VAL 240 ? CB  ? A VAL 240 CB  
1579 1 Y 1 A VAL 240 ? CG1 ? A VAL 240 CG1 
1580 1 Y 1 A VAL 240 ? CG2 ? A VAL 240 CG2 
1581 1 Y 1 A SER 241 ? N   ? A SER 241 N   
1582 1 Y 1 A SER 241 ? C   ? A SER 241 C   
1583 1 Y 1 A SER 241 ? O   ? A SER 241 O   
1584 1 Y 1 A SER 241 ? CB  ? A SER 241 CB  
1585 1 Y 1 A SER 241 ? OG  ? A SER 241 OG  
1586 1 Y 1 A PHE 242 ? N   ? A PHE 242 N   
1587 1 Y 1 A PHE 242 ? C   ? A PHE 242 C   
1588 1 Y 1 A PHE 242 ? O   ? A PHE 242 O   
1589 1 Y 1 A PHE 242 ? CB  ? A PHE 242 CB  
1590 1 Y 1 A PHE 242 ? CG  ? A PHE 242 CG  
1591 1 Y 1 A PHE 242 ? CD1 ? A PHE 242 CD1 
1592 1 Y 1 A PHE 242 ? CD2 ? A PHE 242 CD2 
1593 1 Y 1 A PHE 242 ? CE1 ? A PHE 242 CE1 
1594 1 Y 1 A PHE 242 ? CE2 ? A PHE 242 CE2 
1595 1 Y 1 A PHE 242 ? CZ  ? A PHE 242 CZ  
1596 1 Y 1 A ASP 243 ? N   ? A ASP 243 N   
1597 1 Y 1 A ASP 243 ? C   ? A ASP 243 C   
1598 1 Y 1 A ASP 243 ? O   ? A ASP 243 O   
1599 1 Y 1 A ASP 243 ? CB  ? A ASP 243 CB  
1600 1 Y 1 A ASP 243 ? CG  ? A ASP 243 CG  
1601 1 Y 1 A ASP 243 ? OD1 ? A ASP 243 OD1 
1602 1 Y 1 A ASP 243 ? OD2 ? A ASP 243 OD2 
1603 1 Y 1 A GLY 244 ? N   ? A GLY 244 N   
1604 1 Y 1 A GLY 244 ? C   ? A GLY 244 C   
1605 1 Y 1 A GLY 244 ? O   ? A GLY 244 O   
1606 1 Y 1 A ASN 245 ? N   ? A ASN 245 N   
1607 1 Y 1 A ASN 245 ? C   ? A ASN 245 C   
1608 1 Y 1 A ASN 245 ? O   ? A ASN 245 O   
1609 1 Y 1 A ASN 245 ? CB  ? A ASN 245 CB  
1610 1 Y 1 A ASN 245 ? CG  ? A ASN 245 CG  
1611 1 Y 1 A ASN 245 ? OD1 ? A ASN 245 OD1 
1612 1 Y 1 A ASN 245 ? ND2 ? A ASN 245 ND2 
1613 1 Y 1 A THR 246 ? N   ? A THR 246 N   
1614 1 Y 1 A THR 246 ? C   ? A THR 246 C   
1615 1 Y 1 A THR 246 ? O   ? A THR 246 O   
1616 1 Y 1 A THR 246 ? CB  ? A THR 246 CB  
1617 1 Y 1 A THR 246 ? OG1 ? A THR 246 OG1 
1618 1 Y 1 A THR 246 ? CG2 ? A THR 246 CG2 
1619 1 Y 1 A GLY 247 ? N   ? A GLY 247 N   
1620 1 Y 1 A GLY 247 ? C   ? A GLY 247 C   
1621 1 Y 1 A GLY 247 ? O   ? A GLY 247 O   
1622 1 Y 1 A THR 248 ? N   ? A THR 248 N   
1623 1 Y 1 A THR 248 ? C   ? A THR 248 C   
1624 1 Y 1 A THR 248 ? O   ? A THR 248 O   
1625 1 Y 1 A THR 248 ? CB  ? A THR 248 CB  
1626 1 Y 1 A THR 248 ? OG1 ? A THR 248 OG1 
1627 1 Y 1 A THR 248 ? CG2 ? A THR 248 CG2 
1628 1 Y 1 A GLY 249 ? N   ? A GLY 249 N   
1629 1 Y 1 A GLY 249 ? C   ? A GLY 249 C   
1630 1 Y 1 A GLY 249 ? O   ? A GLY 249 O   
1631 1 Y 1 A LEU 250 ? N   ? A LEU 250 N   
1632 1 Y 1 A LEU 250 ? C   ? A LEU 250 C   
1633 1 Y 1 A LEU 250 ? O   ? A LEU 250 O   
1634 1 Y 1 A LEU 250 ? CB  ? A LEU 250 CB  
1635 1 Y 1 A LEU 250 ? CG  ? A LEU 250 CG  
1636 1 Y 1 A LEU 250 ? CD1 ? A LEU 250 CD1 
1637 1 Y 1 A LEU 250 ? CD2 ? A LEU 250 CD2 
1638 1 Y 1 A PRO 251 ? N   ? A PRO 251 N   
1639 1 Y 1 A PRO 251 ? C   ? A PRO 251 C   
1640 1 Y 1 A PRO 251 ? O   ? A PRO 251 O   
1641 1 Y 1 A PRO 251 ? CB  ? A PRO 251 CB  
1642 1 Y 1 A PRO 251 ? CG  ? A PRO 251 CG  
1643 1 Y 1 A PRO 251 ? CD  ? A PRO 251 CD  
1644 1 Y 1 A LEU 252 ? N   ? A LEU 252 N   
1645 1 Y 1 A LEU 252 ? C   ? A LEU 252 C   
1646 1 Y 1 A LEU 252 ? O   ? A LEU 252 O   
1647 1 Y 1 A LEU 252 ? CB  ? A LEU 252 CB  
1648 1 Y 1 A LEU 252 ? CG  ? A LEU 252 CG  
1649 1 Y 1 A LEU 252 ? CD1 ? A LEU 252 CD1 
1650 1 Y 1 A LEU 252 ? CD2 ? A LEU 252 CD2 
1651 1 Y 1 A LEU 253 ? N   ? A LEU 253 N   
1652 1 Y 1 A LEU 253 ? C   ? A LEU 253 C   
1653 1 Y 1 A LEU 253 ? O   ? A LEU 253 O   
1654 1 Y 1 A LEU 253 ? CB  ? A LEU 253 CB  
1655 1 Y 1 A LEU 253 ? CG  ? A LEU 253 CG  
1656 1 Y 1 A LEU 253 ? CD1 ? A LEU 253 CD1 
1657 1 Y 1 A LEU 253 ? CD2 ? A LEU 253 CD2 
1658 1 Y 1 A THR 254 ? N   ? A THR 254 N   
1659 1 Y 1 A THR 254 ? C   ? A THR 254 C   
1660 1 Y 1 A THR 254 ? O   ? A THR 254 O   
1661 1 Y 1 A THR 254 ? CB  ? A THR 254 CB  
1662 1 Y 1 A THR 254 ? OG1 ? A THR 254 OG1 
1663 1 Y 1 A THR 254 ? CG2 ? A THR 254 CG2 
1664 1 Y 1 A ASP 255 ? N   ? A ASP 255 N   
1665 1 Y 1 A ASP 255 ? C   ? A ASP 255 C   
1666 1 Y 1 A ASP 255 ? O   ? A ASP 255 O   
1667 1 Y 1 A ASP 255 ? CB  ? A ASP 255 CB  
1668 1 Y 1 A ASP 255 ? CG  ? A ASP 255 CG  
1669 1 Y 1 A ASP 255 ? OD1 ? A ASP 255 OD1 
1670 1 Y 1 A ASP 255 ? OD2 ? A ASP 255 OD2 
1671 1 Y 1 A PHE 256 ? N   ? A PHE 256 N   
1672 1 Y 1 A PHE 256 ? C   ? A PHE 256 C   
1673 1 Y 1 A PHE 256 ? O   ? A PHE 256 O   
1674 1 Y 1 A PHE 256 ? CB  ? A PHE 256 CB  
1675 1 Y 1 A PHE 256 ? CG  ? A PHE 256 CG  
1676 1 Y 1 A PHE 256 ? CD1 ? A PHE 256 CD1 
1677 1 Y 1 A PHE 256 ? CD2 ? A PHE 256 CD2 
1678 1 Y 1 A PHE 256 ? CE1 ? A PHE 256 CE1 
1679 1 Y 1 A PHE 256 ? CE2 ? A PHE 256 CE2 
1680 1 Y 1 A PHE 256 ? CZ  ? A PHE 256 CZ  
1681 1 Y 1 A GLU 257 ? N   ? A GLU 257 N   
1682 1 Y 1 A GLU 257 ? C   ? A GLU 257 C   
1683 1 Y 1 A GLU 257 ? O   ? A GLU 257 O   
1684 1 Y 1 A GLU 257 ? CB  ? A GLU 257 CB  
1685 1 Y 1 A GLU 257 ? CG  ? A GLU 257 CG  
1686 1 Y 1 A GLU 257 ? CD  ? A GLU 257 CD  
1687 1 Y 1 A GLU 257 ? OE1 ? A GLU 257 OE1 
1688 1 Y 1 A GLU 257 ? OE2 ? A GLU 257 OE2 
1689 1 Y 1 A ALA 258 ? N   ? A ALA 258 N   
1690 1 Y 1 A ALA 258 ? C   ? A ALA 258 C   
1691 1 Y 1 A ALA 258 ? O   ? A ALA 258 O   
1692 1 Y 1 A ALA 258 ? CB  ? A ALA 258 CB  
1693 1 Y 1 A ILE 260 ? N   ? A ILE 260 N   
1694 1 Y 1 A ILE 260 ? C   ? A ILE 260 C   
1695 1 Y 1 A ILE 260 ? O   ? A ILE 260 O   
1696 1 Y 1 A ILE 260 ? CB  ? A ILE 260 CB  
1697 1 Y 1 A ILE 260 ? CG1 ? A ILE 260 CG1 
1698 1 Y 1 A ILE 260 ? CG2 ? A ILE 260 CG2 
1699 1 Y 1 A ILE 260 ? CD1 ? A ILE 260 CD1 
1700 1 Y 1 A TRP 261 ? N   ? A TRP 261 N   
1701 1 Y 1 A TRP 261 ? C   ? A TRP 261 C   
1702 1 Y 1 A TRP 261 ? O   ? A TRP 261 O   
1703 1 Y 1 A TRP 261 ? CB  ? A TRP 261 CB  
1704 1 Y 1 A TRP 261 ? CG  ? A TRP 261 CG  
1705 1 Y 1 A TRP 261 ? CD1 ? A TRP 261 CD1 
1706 1 Y 1 A TRP 261 ? CD2 ? A TRP 261 CD2 
1707 1 Y 1 A TRP 261 ? NE1 ? A TRP 261 NE1 
1708 1 Y 1 A TRP 261 ? CE2 ? A TRP 261 CE2 
1709 1 Y 1 A TRP 261 ? CE3 ? A TRP 261 CE3 
1710 1 Y 1 A TRP 261 ? CZ2 ? A TRP 261 CZ2 
1711 1 Y 1 A TRP 261 ? CZ3 ? A TRP 261 CZ3 
1712 1 Y 1 A TRP 261 ? CH2 ? A TRP 261 CH2 
1713 1 Y 1 A TYR 262 ? N   ? A TYR 262 N   
1714 1 Y 1 A TYR 262 ? C   ? A TYR 262 C   
1715 1 Y 1 A TYR 262 ? O   ? A TYR 262 O   
1716 1 Y 1 A TYR 262 ? CB  ? A TYR 262 CB  
1717 1 Y 1 A TYR 262 ? CG  ? A TYR 262 CG  
1718 1 Y 1 A TYR 262 ? CD1 ? A TYR 262 CD1 
1719 1 Y 1 A TYR 262 ? CD2 ? A TYR 262 CD2 
1720 1 Y 1 A TYR 262 ? CE1 ? A TYR 262 CE1 
1721 1 Y 1 A TYR 262 ? CE2 ? A TYR 262 CE2 
1722 1 Y 1 A TYR 262 ? CZ  ? A TYR 262 CZ  
1723 1 Y 1 A TYR 262 ? OH  ? A TYR 262 OH  
1724 1 Y 1 A PHE 263 ? N   ? A PHE 263 N   
1725 1 Y 1 A PHE 263 ? C   ? A PHE 263 C   
1726 1 Y 1 A PHE 263 ? O   ? A PHE 263 O   
1727 1 Y 1 A PHE 263 ? CB  ? A PHE 263 CB  
1728 1 Y 1 A PHE 263 ? CG  ? A PHE 263 CG  
1729 1 Y 1 A PHE 263 ? CD1 ? A PHE 263 CD1 
1730 1 Y 1 A PHE 263 ? CD2 ? A PHE 263 CD2 
1731 1 Y 1 A PHE 263 ? CE1 ? A PHE 263 CE1 
1732 1 Y 1 A PHE 263 ? CE2 ? A PHE 263 CE2 
1733 1 Y 1 A PHE 263 ? CZ  ? A PHE 263 CZ  
1734 1 Y 1 A VAL 264 ? N   ? A VAL 264 N   
1735 1 Y 1 A VAL 264 ? C   ? A VAL 264 C   
1736 1 Y 1 A VAL 264 ? O   ? A VAL 264 O   
1737 1 Y 1 A VAL 264 ? CB  ? A VAL 264 CB  
1738 1 Y 1 A VAL 264 ? CG1 ? A VAL 264 CG1 
1739 1 Y 1 A VAL 264 ? CG2 ? A VAL 264 CG2 
1740 1 Y 1 A GLN 265 ? N   ? A GLN 265 N   
1741 1 Y 1 A GLN 265 ? C   ? A GLN 265 C   
1742 1 Y 1 A GLN 265 ? O   ? A GLN 265 O   
1743 1 Y 1 A GLN 265 ? CB  ? A GLN 265 CB  
1744 1 Y 1 A GLN 265 ? CG  ? A GLN 265 CG  
1745 1 Y 1 A GLN 265 ? CD  ? A GLN 265 CD  
1746 1 Y 1 A GLN 265 ? OE1 ? A GLN 265 OE1 
1747 1 Y 1 A GLN 265 ? NE2 ? A GLN 265 NE2 
1748 1 Y 1 A VAL 266 ? N   ? A VAL 266 N   
1749 1 Y 1 A VAL 266 ? C   ? A VAL 266 C   
1750 1 Y 1 A VAL 266 ? O   ? A VAL 266 O   
1751 1 Y 1 A VAL 266 ? CB  ? A VAL 266 CB  
1752 1 Y 1 A VAL 266 ? CG1 ? A VAL 266 CG1 
1753 1 Y 1 A VAL 266 ? CG2 ? A VAL 266 CG2 
1754 1 Y 1 A ASP 267 ? N   ? A ASP 267 N   
1755 1 Y 1 A ASP 267 ? C   ? A ASP 267 C   
1756 1 Y 1 A ASP 267 ? O   ? A ASP 267 O   
1757 1 Y 1 A ASP 267 ? CB  ? A ASP 267 CB  
1758 1 Y 1 A ASP 267 ? CG  ? A ASP 267 CG  
1759 1 Y 1 A ASP 267 ? OD1 ? A ASP 267 OD1 
1760 1 Y 1 A ASP 267 ? OD2 ? A ASP 267 OD2 
1761 1 Y 1 A ALA 268 ? N   ? A ALA 268 N   
1762 1 Y 1 A ALA 268 ? C   ? A ALA 268 C   
1763 1 Y 1 A ALA 268 ? O   ? A ALA 268 O   
1764 1 Y 1 A ALA 268 ? CB  ? A ALA 268 CB  
1765 1 Y 1 A GLY 269 ? N   ? A GLY 269 N   
1766 1 Y 1 A GLY 269 ? C   ? A GLY 269 C   
1767 1 Y 1 A GLY 269 ? O   ? A GLY 269 O   
1768 1 Y 1 A LYS 270 ? N   ? A LYS 270 N   
1769 1 Y 1 A LYS 270 ? C   ? A LYS 270 C   
1770 1 Y 1 A LYS 270 ? O   ? A LYS 270 O   
1771 1 Y 1 A LYS 270 ? CB  ? A LYS 270 CB  
1772 1 Y 1 A LYS 270 ? CG  ? A LYS 270 CG  
1773 1 Y 1 A LYS 270 ? CD  ? A LYS 270 CD  
1774 1 Y 1 A LYS 270 ? CE  ? A LYS 270 CE  
1775 1 Y 1 A LYS 270 ? NZ  ? A LYS 270 NZ  
1776 1 Y 1 A GLY 271 ? N   ? A GLY 271 N   
1777 1 Y 1 A GLY 271 ? C   ? A GLY 271 C   
1778 1 Y 1 A GLY 271 ? O   ? A GLY 271 O   
# 
loop_
_software.name 
_software.classification 
_software.version 
_software.citation_id 
_software.pdbx_ordinal 
X-PLOR 'model building' . ? 1 
PROLSQ refinement       . ? 2 
X-PLOR refinement       . ? 3 
X-PLOR phasing          . ? 4 
# 
_cell.entry_id           1TIA 
_cell.length_a           45.570 
_cell.length_b           47.100 
_cell.length_c           33.500 
_cell.angle_alpha        79.05 
_cell.angle_beta         112.14 
_cell.angle_gamma        70.28 
_cell.Z_PDB              1 
_cell.pdbx_unique_axis   ? 
# 
_symmetry.entry_id                         1TIA 
_symmetry.space_group_name_H-M             'P 1' 
_symmetry.pdbx_full_space_group_name_H-M   ? 
_symmetry.cell_setting                     ? 
_symmetry.Int_Tables_number                1 
# 
_exptl.entry_id          1TIA 
_exptl.method            'X-RAY DIFFRACTION' 
_exptl.crystals_number   ? 
# 
_exptl_crystal.id                    1 
_exptl_crystal.density_meas          ? 
_exptl_crystal.density_Matthews      1.93 
_exptl_crystal.density_percent_sol   36.36 
_exptl_crystal.description           ? 
# 
_refine.entry_id                                 1TIA 
_refine.ls_number_reflns_obs                     12586 
_refine.ls_number_reflns_all                     ? 
_refine.pdbx_ls_sigma_I                          ? 
_refine.pdbx_ls_sigma_F                          0.0 
_refine.pdbx_data_cutoff_high_absF               ? 
_refine.pdbx_data_cutoff_low_absF                ? 
_refine.pdbx_data_cutoff_high_rms_absF           ? 
_refine.ls_d_res_low                             7.5 
_refine.ls_d_res_high                            2.1 
_refine.ls_percent_reflns_obs                    ? 
_refine.ls_R_factor_obs                          0.1900000 
_refine.ls_R_factor_all                          ? 
_refine.ls_R_factor_R_work                       0.1900000 
_refine.ls_R_factor_R_free                       ? 
_refine.ls_R_factor_R_free_error                 ? 
_refine.ls_R_factor_R_free_error_details         ? 
_refine.ls_percent_reflns_R_free                 ? 
_refine.ls_number_reflns_R_free                  ? 
_refine.ls_number_parameters                     ? 
_refine.ls_number_restraints                     ? 
_refine.occupancy_min                            ? 
_refine.occupancy_max                            ? 
_refine.B_iso_mean                               ? 
_refine.aniso_B[1][1]                            ? 
_refine.aniso_B[2][2]                            ? 
_refine.aniso_B[3][3]                            ? 
_refine.aniso_B[1][2]                            ? 
_refine.aniso_B[1][3]                            ? 
_refine.aniso_B[2][3]                            ? 
_refine.solvent_model_details                    ? 
_refine.solvent_model_param_ksol                 ? 
_refine.solvent_model_param_bsol                 ? 
_refine.pdbx_ls_cross_valid_method               ? 
_refine.details                                  ? 
_refine.pdbx_starting_model                      ? 
_refine.pdbx_method_to_determine_struct          ? 
_refine.pdbx_isotropic_thermal_model             ? 
_refine.pdbx_stereochemistry_target_values       ? 
_refine.pdbx_stereochem_target_val_spec_case     ? 
_refine.pdbx_R_Free_selection_details            ? 
_refine.pdbx_overall_ESU_R                       ? 
_refine.pdbx_overall_ESU_R_Free                  ? 
_refine.overall_SU_ML                            ? 
_refine.overall_SU_B                             ? 
_refine.pdbx_refine_id                           'X-RAY DIFFRACTION' 
_refine.pdbx_diffrn_id                           1 
_refine.pdbx_TLS_residual_ADP_flag               ? 
_refine.correlation_coeff_Fo_to_Fc               ? 
_refine.correlation_coeff_Fo_to_Fc_free          ? 
_refine.pdbx_solvent_vdw_probe_radii             ? 
_refine.pdbx_solvent_ion_probe_radii             ? 
_refine.pdbx_solvent_shrinkage_radii             ? 
_refine.pdbx_overall_phase_error                 ? 
_refine.overall_SU_R_Cruickshank_DPI             ? 
_refine.pdbx_overall_SU_R_free_Cruickshank_DPI   ? 
_refine.pdbx_overall_SU_R_Blow_DPI               ? 
_refine.pdbx_overall_SU_R_free_Blow_DPI          ? 
# 
_refine_hist.pdbx_refine_id                   'X-RAY DIFFRACTION' 
_refine_hist.cycle_id                         LAST 
_refine_hist.pdbx_number_atoms_protein        292 
_refine_hist.pdbx_number_atoms_nucleic_acid   0 
_refine_hist.pdbx_number_atoms_ligand         0 
_refine_hist.number_atoms_solvent             0 
_refine_hist.number_atoms_total               292 
_refine_hist.d_res_high                       2.1 
_refine_hist.d_res_low                        7.5 
# 
loop_
_refine_ls_restr.type 
_refine_ls_restr.dev_ideal 
_refine_ls_restr.dev_ideal_target 
_refine_ls_restr.weight 
_refine_ls_restr.number 
_refine_ls_restr.pdbx_refine_id 
_refine_ls_restr.pdbx_restraint_function 
x_bond_d                0.019 ?     ? ? 'X-RAY DIFFRACTION' ? 
x_bond_d_na             ?     ?     ? ? 'X-RAY DIFFRACTION' ? 
x_bond_d_prot           ?     ?     ? ? 'X-RAY DIFFRACTION' ? 
x_angle_d               ?     ?     ? ? 'X-RAY DIFFRACTION' ? 
x_angle_d_na            ?     ?     ? ? 'X-RAY DIFFRACTION' ? 
x_angle_d_prot          ?     ?     ? ? 'X-RAY DIFFRACTION' ? 
x_angle_deg             4.50  ?     ? ? 'X-RAY DIFFRACTION' ? 
x_angle_deg_na          ?     ?     ? ? 'X-RAY DIFFRACTION' ? 
x_angle_deg_prot        ?     ?     ? ? 'X-RAY DIFFRACTION' ? 
x_dihedral_angle_d      ?     ?     ? ? 'X-RAY DIFFRACTION' ? 
x_dihedral_angle_d_na   ?     ?     ? ? 'X-RAY DIFFRACTION' ? 
x_dihedral_angle_d_prot ?     ?     ? ? 'X-RAY DIFFRACTION' ? 
x_improper_angle_d      ?     ?     ? ? 'X-RAY DIFFRACTION' ? 
x_improper_angle_d_na   ?     ?     ? ? 'X-RAY DIFFRACTION' ? 
x_improper_angle_d_prot ?     ?     ? ? 'X-RAY DIFFRACTION' ? 
x_mcbond_it             1.413 2.000 ? ? 'X-RAY DIFFRACTION' ? 
x_mcangle_it            2.052 2.500 ? ? 'X-RAY DIFFRACTION' ? 
x_scbond_it             2.504 2.500 ? ? 'X-RAY DIFFRACTION' ? 
x_scangle_it            3.734 4.000 ? ? 'X-RAY DIFFRACTION' ? 
# 
_struct.entry_id                  1TIA 
_struct.title                     'AN UNUSUAL BURIED POLAR CLUSTER IN A FAMILY OF FUNGAL LIPASES' 
_struct.pdbx_model_details        ? 
_struct.pdbx_CASP_flag            ? 
_struct.pdbx_model_type_details   ? 
# 
_struct_keywords.entry_id        1TIA 
_struct_keywords.pdbx_keywords   'HYDROLASE(CARBOXYLIC ESTERASE)' 
_struct_keywords.text            'HYDROLASE(CARBOXYLIC ESTERASE)' 
# 
_struct_asym.id                            A 
_struct_asym.pdbx_blank_PDB_chainid_flag   N 
_struct_asym.pdbx_modified                 N 
_struct_asym.entity_id                     1 
_struct_asym.details                       ? 
# 
_struct_ref.id                         1 
_struct_ref.db_name                    UNP 
_struct_ref.db_code                    MDLA_PENCA 
_struct_ref.entity_id                  1 
_struct_ref.pdbx_db_accession          P61870 
_struct_ref.pdbx_align_begin           1 
_struct_ref.pdbx_seq_one_letter_code   
;MRLSFFTALSAVASLGYALPGKLQSRDVSTSELDQFEFWVQYAAASYYEADYTAQVGDKLSCSKGNCPEVEATGATVSYD
FSDSTITDTAGYIAVDHTNSAVVLAFRGSYSVRNWVADATFVHTNPGLCDGCLAELGFWSSWKLVRDDIIKELKEVVAQN
PNYELVVVGHSLGAAVATLAATDLRGKGYPSAKLYAYASPRVGNAALAKYITAQGNNFRFTHTNDPVPKLPLLSMGYVHV
SPEYWITSPNNATVSTSDIKVIDGDVSFDGNTGTGLPLLTDFEAHIWYFVQVDAGKGPGLPFKRV
;
_struct_ref.pdbx_db_isoform            ? 
# 
_struct_ref_seq.align_id                      1 
_struct_ref_seq.ref_id                        1 
_struct_ref_seq.pdbx_PDB_id_code              1TIA 
_struct_ref_seq.pdbx_strand_id                A 
_struct_ref_seq.seq_align_beg                 1 
_struct_ref_seq.pdbx_seq_align_beg_ins_code   ? 
_struct_ref_seq.seq_align_end                 279 
_struct_ref_seq.pdbx_seq_align_end_ins_code   ? 
_struct_ref_seq.pdbx_db_accession             P61870 
_struct_ref_seq.db_align_beg                  27 
_struct_ref_seq.pdbx_db_align_beg_ins_code    ? 
_struct_ref_seq.db_align_end                  305 
_struct_ref_seq.pdbx_db_align_end_ins_code    ? 
_struct_ref_seq.pdbx_auth_seq_align_beg       1 
_struct_ref_seq.pdbx_auth_seq_align_end       279 
# 
_pdbx_struct_assembly.id                   1 
_pdbx_struct_assembly.details              author_defined_assembly 
_pdbx_struct_assembly.method_details       ? 
_pdbx_struct_assembly.oligomeric_details   monomeric 
_pdbx_struct_assembly.oligomeric_count     1 
# 
_pdbx_struct_assembly_gen.assembly_id       1 
_pdbx_struct_assembly_gen.oper_expression   1 
_pdbx_struct_assembly_gen.asym_id_list      A 
# 
_pdbx_struct_oper_list.id                   1 
_pdbx_struct_oper_list.type                 'identity operation' 
_pdbx_struct_oper_list.name                 1_555 
_pdbx_struct_oper_list.symmetry_operation   x,y,z 
_pdbx_struct_oper_list.matrix[1][1]         1.0000000000 
_pdbx_struct_oper_list.matrix[1][2]         0.0000000000 
_pdbx_struct_oper_list.matrix[1][3]         0.0000000000 
_pdbx_struct_oper_list.vector[1]            0.0000000000 
_pdbx_struct_oper_list.matrix[2][1]         0.0000000000 
_pdbx_struct_oper_list.matrix[2][2]         1.0000000000 
_pdbx_struct_oper_list.matrix[2][3]         0.0000000000 
_pdbx_struct_oper_list.vector[2]            0.0000000000 
_pdbx_struct_oper_list.matrix[3][1]         0.0000000000 
_pdbx_struct_oper_list.matrix[3][2]         0.0000000000 
_pdbx_struct_oper_list.matrix[3][3]         1.0000000000 
_pdbx_struct_oper_list.vector[3]            0.0000000000 
# 
_struct_biol.id   1 
# 
loop_
_pdbx_validate_rmsd_angle.id 
_pdbx_validate_rmsd_angle.PDB_model_num 
_pdbx_validate_rmsd_angle.auth_atom_id_1 
_pdbx_validate_rmsd_angle.auth_asym_id_1 
_pdbx_validate_rmsd_angle.auth_comp_id_1 
_pdbx_validate_rmsd_angle.auth_seq_id_1 
_pdbx_validate_rmsd_angle.PDB_ins_code_1 
_pdbx_validate_rmsd_angle.label_alt_id_1 
_pdbx_validate_rmsd_angle.auth_atom_id_2 
_pdbx_validate_rmsd_angle.auth_asym_id_2 
_pdbx_validate_rmsd_angle.auth_comp_id_2 
_pdbx_validate_rmsd_angle.auth_seq_id_2 
_pdbx_validate_rmsd_angle.PDB_ins_code_2 
_pdbx_validate_rmsd_angle.label_alt_id_2 
_pdbx_validate_rmsd_angle.auth_atom_id_3 
_pdbx_validate_rmsd_angle.auth_asym_id_3 
_pdbx_validate_rmsd_angle.auth_comp_id_3 
_pdbx_validate_rmsd_angle.auth_seq_id_3 
_pdbx_validate_rmsd_angle.PDB_ins_code_3 
_pdbx_validate_rmsd_angle.label_alt_id_3 
_pdbx_validate_rmsd_angle.angle_value 
_pdbx_validate_rmsd_angle.angle_target_value 
_pdbx_validate_rmsd_angle.angle_deviation 
_pdbx_validate_rmsd_angle.angle_standard_deviation 
_pdbx_validate_rmsd_angle.linker_flag 
1 1 OD1 A ASP 199 ? ? CG A ASP 199 ? ? OD2 A ASP 199 ? ? 111.56 123.30 -11.74 1.90 N 
2 1 CB  A ASP 199 ? ? CG A ASP 199 ? ? OD2 A ASP 199 ? ? 127.44 118.30 9.14   0.90 N 
# 
loop_
_pdbx_unobs_or_zero_occ_residues.id 
_pdbx_unobs_or_zero_occ_residues.PDB_model_num 
_pdbx_unobs_or_zero_occ_residues.polymer_flag 
_pdbx_unobs_or_zero_occ_residues.occupancy_flag 
_pdbx_unobs_or_zero_occ_residues.auth_asym_id 
_pdbx_unobs_or_zero_occ_residues.auth_comp_id 
_pdbx_unobs_or_zero_occ_residues.auth_seq_id 
_pdbx_unobs_or_zero_occ_residues.PDB_ins_code 
_pdbx_unobs_or_zero_occ_residues.label_asym_id 
_pdbx_unobs_or_zero_occ_residues.label_comp_id 
_pdbx_unobs_or_zero_occ_residues.label_seq_id 
1 1 Y 1 A PRO 272 ? A PRO 272 
2 1 Y 1 A GLY 273 ? A GLY 273 
3 1 Y 1 A LEU 274 ? A LEU 274 
4 1 Y 1 A PRO 275 ? A PRO 275 
5 1 Y 1 A PHE 276 ? A PHE 276 
6 1 Y 1 A LYS 277 ? A LYS 277 
7 1 Y 1 A ARG 278 ? A ARG 278 
8 1 Y 1 A VAL 279 ? A VAL 279 
# 
loop_
_chem_comp_atom.comp_id 
_chem_comp_atom.atom_id 
_chem_comp_atom.type_symbol 
_chem_comp_atom.pdbx_aromatic_flag 
_chem_comp_atom.pdbx_stereo_config 
_chem_comp_atom.pdbx_ordinal 
ALA N    N N N 1   
ALA CA   C N S 2   
ALA C    C N N 3   
ALA O    O N N 4   
ALA CB   C N N 5   
ALA OXT  O N N 6   
ALA H    H N N 7   
ALA H2   H N N 8   
ALA HA   H N N 9   
ALA HB1  H N N 10  
ALA HB2  H N N 11  
ALA HB3  H N N 12  
ALA HXT  H N N 13  
ARG N    N N N 14  
ARG CA   C N S 15  
ARG C    C N N 16  
ARG O    O N N 17  
ARG CB   C N N 18  
ARG CG   C N N 19  
ARG CD   C N N 20  
ARG NE   N N N 21  
ARG CZ   C N N 22  
ARG NH1  N N N 23  
ARG NH2  N N N 24  
ARG OXT  O N N 25  
ARG H    H N N 26  
ARG H2   H N N 27  
ARG HA   H N N 28  
ARG HB2  H N N 29  
ARG HB3  H N N 30  
ARG HG2  H N N 31  
ARG HG3  H N N 32  
ARG HD2  H N N 33  
ARG HD3  H N N 34  
ARG HE   H N N 35  
ARG HH11 H N N 36  
ARG HH12 H N N 37  
ARG HH21 H N N 38  
ARG HH22 H N N 39  
ARG HXT  H N N 40  
ASN N    N N N 41  
ASN CA   C N S 42  
ASN C    C N N 43  
ASN O    O N N 44  
ASN CB   C N N 45  
ASN CG   C N N 46  
ASN OD1  O N N 47  
ASN ND2  N N N 48  
ASN OXT  O N N 49  
ASN H    H N N 50  
ASN H2   H N N 51  
ASN HA   H N N 52  
ASN HB2  H N N 53  
ASN HB3  H N N 54  
ASN HD21 H N N 55  
ASN HD22 H N N 56  
ASN HXT  H N N 57  
ASP N    N N N 58  
ASP CA   C N S 59  
ASP C    C N N 60  
ASP O    O N N 61  
ASP CB   C N N 62  
ASP CG   C N N 63  
ASP OD1  O N N 64  
ASP OD2  O N N 65  
ASP OXT  O N N 66  
ASP H    H N N 67  
ASP H2   H N N 68  
ASP HA   H N N 69  
ASP HB2  H N N 70  
ASP HB3  H N N 71  
ASP HD2  H N N 72  
ASP HXT  H N N 73  
CYS N    N N N 74  
CYS CA   C N R 75  
CYS C    C N N 76  
CYS O    O N N 77  
CYS CB   C N N 78  
CYS SG   S N N 79  
CYS OXT  O N N 80  
CYS H    H N N 81  
CYS H2   H N N 82  
CYS HA   H N N 83  
CYS HB2  H N N 84  
CYS HB3  H N N 85  
CYS HG   H N N 86  
CYS HXT  H N N 87  
GLN N    N N N 88  
GLN CA   C N S 89  
GLN C    C N N 90  
GLN O    O N N 91  
GLN CB   C N N 92  
GLN CG   C N N 93  
GLN CD   C N N 94  
GLN OE1  O N N 95  
GLN NE2  N N N 96  
GLN OXT  O N N 97  
GLN H    H N N 98  
GLN H2   H N N 99  
GLN HA   H N N 100 
GLN HB2  H N N 101 
GLN HB3  H N N 102 
GLN HG2  H N N 103 
GLN HG3  H N N 104 
GLN HE21 H N N 105 
GLN HE22 H N N 106 
GLN HXT  H N N 107 
GLU N    N N N 108 
GLU CA   C N S 109 
GLU C    C N N 110 
GLU O    O N N 111 
GLU CB   C N N 112 
GLU CG   C N N 113 
GLU CD   C N N 114 
GLU OE1  O N N 115 
GLU OE2  O N N 116 
GLU OXT  O N N 117 
GLU H    H N N 118 
GLU H2   H N N 119 
GLU HA   H N N 120 
GLU HB2  H N N 121 
GLU HB3  H N N 122 
GLU HG2  H N N 123 
GLU HG3  H N N 124 
GLU HE2  H N N 125 
GLU HXT  H N N 126 
GLY N    N N N 127 
GLY CA   C N N 128 
GLY C    C N N 129 
GLY O    O N N 130 
GLY OXT  O N N 131 
GLY H    H N N 132 
GLY H2   H N N 133 
GLY HA2  H N N 134 
GLY HA3  H N N 135 
GLY HXT  H N N 136 
HIS N    N N N 137 
HIS CA   C N S 138 
HIS C    C N N 139 
HIS O    O N N 140 
HIS CB   C N N 141 
HIS CG   C Y N 142 
HIS ND1  N Y N 143 
HIS CD2  C Y N 144 
HIS CE1  C Y N 145 
HIS NE2  N Y N 146 
HIS OXT  O N N 147 
HIS H    H N N 148 
HIS H2   H N N 149 
HIS HA   H N N 150 
HIS HB2  H N N 151 
HIS HB3  H N N 152 
HIS HD1  H N N 153 
HIS HD2  H N N 154 
HIS HE1  H N N 155 
HIS HE2  H N N 156 
HIS HXT  H N N 157 
ILE N    N N N 158 
ILE CA   C N S 159 
ILE C    C N N 160 
ILE O    O N N 161 
ILE CB   C N S 162 
ILE CG1  C N N 163 
ILE CG2  C N N 164 
ILE CD1  C N N 165 
ILE OXT  O N N 166 
ILE H    H N N 167 
ILE H2   H N N 168 
ILE HA   H N N 169 
ILE HB   H N N 170 
ILE HG12 H N N 171 
ILE HG13 H N N 172 
ILE HG21 H N N 173 
ILE HG22 H N N 174 
ILE HG23 H N N 175 
ILE HD11 H N N 176 
ILE HD12 H N N 177 
ILE HD13 H N N 178 
ILE HXT  H N N 179 
LEU N    N N N 180 
LEU CA   C N S 181 
LEU C    C N N 182 
LEU O    O N N 183 
LEU CB   C N N 184 
LEU CG   C N N 185 
LEU CD1  C N N 186 
LEU CD2  C N N 187 
LEU OXT  O N N 188 
LEU H    H N N 189 
LEU H2   H N N 190 
LEU HA   H N N 191 
LEU HB2  H N N 192 
LEU HB3  H N N 193 
LEU HG   H N N 194 
LEU HD11 H N N 195 
LEU HD12 H N N 196 
LEU HD13 H N N 197 
LEU HD21 H N N 198 
LEU HD22 H N N 199 
LEU HD23 H N N 200 
LEU HXT  H N N 201 
LYS N    N N N 202 
LYS CA   C N S 203 
LYS C    C N N 204 
LYS O    O N N 205 
LYS CB   C N N 206 
LYS CG   C N N 207 
LYS CD   C N N 208 
LYS CE   C N N 209 
LYS NZ   N N N 210 
LYS OXT  O N N 211 
LYS H    H N N 212 
LYS H2   H N N 213 
LYS HA   H N N 214 
LYS HB2  H N N 215 
LYS HB3  H N N 216 
LYS HG2  H N N 217 
LYS HG3  H N N 218 
LYS HD2  H N N 219 
LYS HD3  H N N 220 
LYS HE2  H N N 221 
LYS HE3  H N N 222 
LYS HZ1  H N N 223 
LYS HZ2  H N N 224 
LYS HZ3  H N N 225 
LYS HXT  H N N 226 
MET N    N N N 227 
MET CA   C N S 228 
MET C    C N N 229 
MET O    O N N 230 
MET CB   C N N 231 
MET CG   C N N 232 
MET SD   S N N 233 
MET CE   C N N 234 
MET OXT  O N N 235 
MET H    H N N 236 
MET H2   H N N 237 
MET HA   H N N 238 
MET HB2  H N N 239 
MET HB3  H N N 240 
MET HG2  H N N 241 
MET HG3  H N N 242 
MET HE1  H N N 243 
MET HE2  H N N 244 
MET HE3  H N N 245 
MET HXT  H N N 246 
PHE N    N N N 247 
PHE CA   C N S 248 
PHE C    C N N 249 
PHE O    O N N 250 
PHE CB   C N N 251 
PHE CG   C Y N 252 
PHE CD1  C Y N 253 
PHE CD2  C Y N 254 
PHE CE1  C Y N 255 
PHE CE2  C Y N 256 
PHE CZ   C Y N 257 
PHE OXT  O N N 258 
PHE H    H N N 259 
PHE H2   H N N 260 
PHE HA   H N N 261 
PHE HB2  H N N 262 
PHE HB3  H N N 263 
PHE HD1  H N N 264 
PHE HD2  H N N 265 
PHE HE1  H N N 266 
PHE HE2  H N N 267 
PHE HZ   H N N 268 
PHE HXT  H N N 269 
PRO N    N N N 270 
PRO CA   C N S 271 
PRO C    C N N 272 
PRO O    O N N 273 
PRO CB   C N N 274 
PRO CG   C N N 275 
PRO CD   C N N 276 
PRO OXT  O N N 277 
PRO H    H N N 278 
PRO HA   H N N 279 
PRO HB2  H N N 280 
PRO HB3  H N N 281 
PRO HG2  H N N 282 
PRO HG3  H N N 283 
PRO HD2  H N N 284 
PRO HD3  H N N 285 
PRO HXT  H N N 286 
SER N    N N N 287 
SER CA   C N S 288 
SER C    C N N 289 
SER O    O N N 290 
SER CB   C N N 291 
SER OG   O N N 292 
SER OXT  O N N 293 
SER H    H N N 294 
SER H2   H N N 295 
SER HA   H N N 296 
SER HB2  H N N 297 
SER HB3  H N N 298 
SER HG   H N N 299 
SER HXT  H N N 300 
THR N    N N N 301 
THR CA   C N S 302 
THR C    C N N 303 
THR O    O N N 304 
THR CB   C N R 305 
THR OG1  O N N 306 
THR CG2  C N N 307 
THR OXT  O N N 308 
THR H    H N N 309 
THR H2   H N N 310 
THR HA   H N N 311 
THR HB   H N N 312 
THR HG1  H N N 313 
THR HG21 H N N 314 
THR HG22 H N N 315 
THR HG23 H N N 316 
THR HXT  H N N 317 
TRP N    N N N 318 
TRP CA   C N S 319 
TRP C    C N N 320 
TRP O    O N N 321 
TRP CB   C N N 322 
TRP CG   C Y N 323 
TRP CD1  C Y N 324 
TRP CD2  C Y N 325 
TRP NE1  N Y N 326 
TRP CE2  C Y N 327 
TRP CE3  C Y N 328 
TRP CZ2  C Y N 329 
TRP CZ3  C Y N 330 
TRP CH2  C Y N 331 
TRP OXT  O N N 332 
TRP H    H N N 333 
TRP H2   H N N 334 
TRP HA   H N N 335 
TRP HB2  H N N 336 
TRP HB3  H N N 337 
TRP HD1  H N N 338 
TRP HE1  H N N 339 
TRP HE3  H N N 340 
TRP HZ2  H N N 341 
TRP HZ3  H N N 342 
TRP HH2  H N N 343 
TRP HXT  H N N 344 
TYR N    N N N 345 
TYR CA   C N S 346 
TYR C    C N N 347 
TYR O    O N N 348 
TYR CB   C N N 349 
TYR CG   C Y N 350 
TYR CD1  C Y N 351 
TYR CD2  C Y N 352 
TYR CE1  C Y N 353 
TYR CE2  C Y N 354 
TYR CZ   C Y N 355 
TYR OH   O N N 356 
TYR OXT  O N N 357 
TYR H    H N N 358 
TYR H2   H N N 359 
TYR HA   H N N 360 
TYR HB2  H N N 361 
TYR HB3  H N N 362 
TYR HD1  H N N 363 
TYR HD2  H N N 364 
TYR HE1  H N N 365 
TYR HE2  H N N 366 
TYR HH   H N N 367 
TYR HXT  H N N 368 
VAL N    N N N 369 
VAL CA   C N S 370 
VAL C    C N N 371 
VAL O    O N N 372 
VAL CB   C N N 373 
VAL CG1  C N N 374 
VAL CG2  C N N 375 
VAL OXT  O N N 376 
VAL H    H N N 377 
VAL H2   H N N 378 
VAL HA   H N N 379 
VAL HB   H N N 380 
VAL HG11 H N N 381 
VAL HG12 H N N 382 
VAL HG13 H N N 383 
VAL HG21 H N N 384 
VAL HG22 H N N 385 
VAL HG23 H N N 386 
VAL HXT  H N N 387 
# 
loop_
_chem_comp_bond.comp_id 
_chem_comp_bond.atom_id_1 
_chem_comp_bond.atom_id_2 
_chem_comp_bond.value_order 
_chem_comp_bond.pdbx_aromatic_flag 
_chem_comp_bond.pdbx_stereo_config 
_chem_comp_bond.pdbx_ordinal 
ALA N   CA   sing N N 1   
ALA N   H    sing N N 2   
ALA N   H2   sing N N 3   
ALA CA  C    sing N N 4   
ALA CA  CB   sing N N 5   
ALA CA  HA   sing N N 6   
ALA C   O    doub N N 7   
ALA C   OXT  sing N N 8   
ALA CB  HB1  sing N N 9   
ALA CB  HB2  sing N N 10  
ALA CB  HB3  sing N N 11  
ALA OXT HXT  sing N N 12  
ARG N   CA   sing N N 13  
ARG N   H    sing N N 14  
ARG N   H2   sing N N 15  
ARG CA  C    sing N N 16  
ARG CA  CB   sing N N 17  
ARG CA  HA   sing N N 18  
ARG C   O    doub N N 19  
ARG C   OXT  sing N N 20  
ARG CB  CG   sing N N 21  
ARG CB  HB2  sing N N 22  
ARG CB  HB3  sing N N 23  
ARG CG  CD   sing N N 24  
ARG CG  HG2  sing N N 25  
ARG CG  HG3  sing N N 26  
ARG CD  NE   sing N N 27  
ARG CD  HD2  sing N N 28  
ARG CD  HD3  sing N N 29  
ARG NE  CZ   sing N N 30  
ARG NE  HE   sing N N 31  
ARG CZ  NH1  sing N N 32  
ARG CZ  NH2  doub N N 33  
ARG NH1 HH11 sing N N 34  
ARG NH1 HH12 sing N N 35  
ARG NH2 HH21 sing N N 36  
ARG NH2 HH22 sing N N 37  
ARG OXT HXT  sing N N 38  
ASN N   CA   sing N N 39  
ASN N   H    sing N N 40  
ASN N   H2   sing N N 41  
ASN CA  C    sing N N 42  
ASN CA  CB   sing N N 43  
ASN CA  HA   sing N N 44  
ASN C   O    doub N N 45  
ASN C   OXT  sing N N 46  
ASN CB  CG   sing N N 47  
ASN CB  HB2  sing N N 48  
ASN CB  HB3  sing N N 49  
ASN CG  OD1  doub N N 50  
ASN CG  ND2  sing N N 51  
ASN ND2 HD21 sing N N 52  
ASN ND2 HD22 sing N N 53  
ASN OXT HXT  sing N N 54  
ASP N   CA   sing N N 55  
ASP N   H    sing N N 56  
ASP N   H2   sing N N 57  
ASP CA  C    sing N N 58  
ASP CA  CB   sing N N 59  
ASP CA  HA   sing N N 60  
ASP C   O    doub N N 61  
ASP C   OXT  sing N N 62  
ASP CB  CG   sing N N 63  
ASP CB  HB2  sing N N 64  
ASP CB  HB3  sing N N 65  
ASP CG  OD1  doub N N 66  
ASP CG  OD2  sing N N 67  
ASP OD2 HD2  sing N N 68  
ASP OXT HXT  sing N N 69  
CYS N   CA   sing N N 70  
CYS N   H    sing N N 71  
CYS N   H2   sing N N 72  
CYS CA  C    sing N N 73  
CYS CA  CB   sing N N 74  
CYS CA  HA   sing N N 75  
CYS C   O    doub N N 76  
CYS C   OXT  sing N N 77  
CYS CB  SG   sing N N 78  
CYS CB  HB2  sing N N 79  
CYS CB  HB3  sing N N 80  
CYS SG  HG   sing N N 81  
CYS OXT HXT  sing N N 82  
GLN N   CA   sing N N 83  
GLN N   H    sing N N 84  
GLN N   H2   sing N N 85  
GLN CA  C    sing N N 86  
GLN CA  CB   sing N N 87  
GLN CA  HA   sing N N 88  
GLN C   O    doub N N 89  
GLN C   OXT  sing N N 90  
GLN CB  CG   sing N N 91  
GLN CB  HB2  sing N N 92  
GLN CB  HB3  sing N N 93  
GLN CG  CD   sing N N 94  
GLN CG  HG2  sing N N 95  
GLN CG  HG3  sing N N 96  
GLN CD  OE1  doub N N 97  
GLN CD  NE2  sing N N 98  
GLN NE2 HE21 sing N N 99  
GLN NE2 HE22 sing N N 100 
GLN OXT HXT  sing N N 101 
GLU N   CA   sing N N 102 
GLU N   H    sing N N 103 
GLU N   H2   sing N N 104 
GLU CA  C    sing N N 105 
GLU CA  CB   sing N N 106 
GLU CA  HA   sing N N 107 
GLU C   O    doub N N 108 
GLU C   OXT  sing N N 109 
GLU CB  CG   sing N N 110 
GLU CB  HB2  sing N N 111 
GLU CB  HB3  sing N N 112 
GLU CG  CD   sing N N 113 
GLU CG  HG2  sing N N 114 
GLU CG  HG3  sing N N 115 
GLU CD  OE1  doub N N 116 
GLU CD  OE2  sing N N 117 
GLU OE2 HE2  sing N N 118 
GLU OXT HXT  sing N N 119 
GLY N   CA   sing N N 120 
GLY N   H    sing N N 121 
GLY N   H2   sing N N 122 
GLY CA  C    sing N N 123 
GLY CA  HA2  sing N N 124 
GLY CA  HA3  sing N N 125 
GLY C   O    doub N N 126 
GLY C   OXT  sing N N 127 
GLY OXT HXT  sing N N 128 
HIS N   CA   sing N N 129 
HIS N   H    sing N N 130 
HIS N   H2   sing N N 131 
HIS CA  C    sing N N 132 
HIS CA  CB   sing N N 133 
HIS CA  HA   sing N N 134 
HIS C   O    doub N N 135 
HIS C   OXT  sing N N 136 
HIS CB  CG   sing N N 137 
HIS CB  HB2  sing N N 138 
HIS CB  HB3  sing N N 139 
HIS CG  ND1  sing Y N 140 
HIS CG  CD2  doub Y N 141 
HIS ND1 CE1  doub Y N 142 
HIS ND1 HD1  sing N N 143 
HIS CD2 NE2  sing Y N 144 
HIS CD2 HD2  sing N N 145 
HIS CE1 NE2  sing Y N 146 
HIS CE1 HE1  sing N N 147 
HIS NE2 HE2  sing N N 148 
HIS OXT HXT  sing N N 149 
ILE N   CA   sing N N 150 
ILE N   H    sing N N 151 
ILE N   H2   sing N N 152 
ILE CA  C    sing N N 153 
ILE CA  CB   sing N N 154 
ILE CA  HA   sing N N 155 
ILE C   O    doub N N 156 
ILE C   OXT  sing N N 157 
ILE CB  CG1  sing N N 158 
ILE CB  CG2  sing N N 159 
ILE CB  HB   sing N N 160 
ILE CG1 CD1  sing N N 161 
ILE CG1 HG12 sing N N 162 
ILE CG1 HG13 sing N N 163 
ILE CG2 HG21 sing N N 164 
ILE CG2 HG22 sing N N 165 
ILE CG2 HG23 sing N N 166 
ILE CD1 HD11 sing N N 167 
ILE CD1 HD12 sing N N 168 
ILE CD1 HD13 sing N N 169 
ILE OXT HXT  sing N N 170 
LEU N   CA   sing N N 171 
LEU N   H    sing N N 172 
LEU N   H2   sing N N 173 
LEU CA  C    sing N N 174 
LEU CA  CB   sing N N 175 
LEU CA  HA   sing N N 176 
LEU C   O    doub N N 177 
LEU C   OXT  sing N N 178 
LEU CB  CG   sing N N 179 
LEU CB  HB2  sing N N 180 
LEU CB  HB3  sing N N 181 
LEU CG  CD1  sing N N 182 
LEU CG  CD2  sing N N 183 
LEU CG  HG   sing N N 184 
LEU CD1 HD11 sing N N 185 
LEU CD1 HD12 sing N N 186 
LEU CD1 HD13 sing N N 187 
LEU CD2 HD21 sing N N 188 
LEU CD2 HD22 sing N N 189 
LEU CD2 HD23 sing N N 190 
LEU OXT HXT  sing N N 191 
LYS N   CA   sing N N 192 
LYS N   H    sing N N 193 
LYS N   H2   sing N N 194 
LYS CA  C    sing N N 195 
LYS CA  CB   sing N N 196 
LYS CA  HA   sing N N 197 
LYS C   O    doub N N 198 
LYS C   OXT  sing N N 199 
LYS CB  CG   sing N N 200 
LYS CB  HB2  sing N N 201 
LYS CB  HB3  sing N N 202 
LYS CG  CD   sing N N 203 
LYS CG  HG2  sing N N 204 
LYS CG  HG3  sing N N 205 
LYS CD  CE   sing N N 206 
LYS CD  HD2  sing N N 207 
LYS CD  HD3  sing N N 208 
LYS CE  NZ   sing N N 209 
LYS CE  HE2  sing N N 210 
LYS CE  HE3  sing N N 211 
LYS NZ  HZ1  sing N N 212 
LYS NZ  HZ2  sing N N 213 
LYS NZ  HZ3  sing N N 214 
LYS OXT HXT  sing N N 215 
MET N   CA   sing N N 216 
MET N   H    sing N N 217 
MET N   H2   sing N N 218 
MET CA  C    sing N N 219 
MET CA  CB   sing N N 220 
MET CA  HA   sing N N 221 
MET C   O    doub N N 222 
MET C   OXT  sing N N 223 
MET CB  CG   sing N N 224 
MET CB  HB2  sing N N 225 
MET CB  HB3  sing N N 226 
MET CG  SD   sing N N 227 
MET CG  HG2  sing N N 228 
MET CG  HG3  sing N N 229 
MET SD  CE   sing N N 230 
MET CE  HE1  sing N N 231 
MET CE  HE2  sing N N 232 
MET CE  HE3  sing N N 233 
MET OXT HXT  sing N N 234 
PHE N   CA   sing N N 235 
PHE N   H    sing N N 236 
PHE N   H2   sing N N 237 
PHE CA  C    sing N N 238 
PHE CA  CB   sing N N 239 
PHE CA  HA   sing N N 240 
PHE C   O    doub N N 241 
PHE C   OXT  sing N N 242 
PHE CB  CG   sing N N 243 
PHE CB  HB2  sing N N 244 
PHE CB  HB3  sing N N 245 
PHE CG  CD1  doub Y N 246 
PHE CG  CD2  sing Y N 247 
PHE CD1 CE1  sing Y N 248 
PHE CD1 HD1  sing N N 249 
PHE CD2 CE2  doub Y N 250 
PHE CD2 HD2  sing N N 251 
PHE CE1 CZ   doub Y N 252 
PHE CE1 HE1  sing N N 253 
PHE CE2 CZ   sing Y N 254 
PHE CE2 HE2  sing N N 255 
PHE CZ  HZ   sing N N 256 
PHE OXT HXT  sing N N 257 
PRO N   CA   sing N N 258 
PRO N   CD   sing N N 259 
PRO N   H    sing N N 260 
PRO CA  C    sing N N 261 
PRO CA  CB   sing N N 262 
PRO CA  HA   sing N N 263 
PRO C   O    doub N N 264 
PRO C   OXT  sing N N 265 
PRO CB  CG   sing N N 266 
PRO CB  HB2  sing N N 267 
PRO CB  HB3  sing N N 268 
PRO CG  CD   sing N N 269 
PRO CG  HG2  sing N N 270 
PRO CG  HG3  sing N N 271 
PRO CD  HD2  sing N N 272 
PRO CD  HD3  sing N N 273 
PRO OXT HXT  sing N N 274 
SER N   CA   sing N N 275 
SER N   H    sing N N 276 
SER N   H2   sing N N 277 
SER CA  C    sing N N 278 
SER CA  CB   sing N N 279 
SER CA  HA   sing N N 280 
SER C   O    doub N N 281 
SER C   OXT  sing N N 282 
SER CB  OG   sing N N 283 
SER CB  HB2  sing N N 284 
SER CB  HB3  sing N N 285 
SER OG  HG   sing N N 286 
SER OXT HXT  sing N N 287 
THR N   CA   sing N N 288 
THR N   H    sing N N 289 
THR N   H2   sing N N 290 
THR CA  C    sing N N 291 
THR CA  CB   sing N N 292 
THR CA  HA   sing N N 293 
THR C   O    doub N N 294 
THR C   OXT  sing N N 295 
THR CB  OG1  sing N N 296 
THR CB  CG2  sing N N 297 
THR CB  HB   sing N N 298 
THR OG1 HG1  sing N N 299 
THR CG2 HG21 sing N N 300 
THR CG2 HG22 sing N N 301 
THR CG2 HG23 sing N N 302 
THR OXT HXT  sing N N 303 
TRP N   CA   sing N N 304 
TRP N   H    sing N N 305 
TRP N   H2   sing N N 306 
TRP CA  C    sing N N 307 
TRP CA  CB   sing N N 308 
TRP CA  HA   sing N N 309 
TRP C   O    doub N N 310 
TRP C   OXT  sing N N 311 
TRP CB  CG   sing N N 312 
TRP CB  HB2  sing N N 313 
TRP CB  HB3  sing N N 314 
TRP CG  CD1  doub Y N 315 
TRP CG  CD2  sing Y N 316 
TRP CD1 NE1  sing Y N 317 
TRP CD1 HD1  sing N N 318 
TRP CD2 CE2  doub Y N 319 
TRP CD2 CE3  sing Y N 320 
TRP NE1 CE2  sing Y N 321 
TRP NE1 HE1  sing N N 322 
TRP CE2 CZ2  sing Y N 323 
TRP CE3 CZ3  doub Y N 324 
TRP CE3 HE3  sing N N 325 
TRP CZ2 CH2  doub Y N 326 
TRP CZ2 HZ2  sing N N 327 
TRP CZ3 CH2  sing Y N 328 
TRP CZ3 HZ3  sing N N 329 
TRP CH2 HH2  sing N N 330 
TRP OXT HXT  sing N N 331 
TYR N   CA   sing N N 332 
TYR N   H    sing N N 333 
TYR N   H2   sing N N 334 
TYR CA  C    sing N N 335 
TYR CA  CB   sing N N 336 
TYR CA  HA   sing N N 337 
TYR C   O    doub N N 338 
TYR C   OXT  sing N N 339 
TYR CB  CG   sing N N 340 
TYR CB  HB2  sing N N 341 
TYR CB  HB3  sing N N 342 
TYR CG  CD1  doub Y N 343 
TYR CG  CD2  sing Y N 344 
TYR CD1 CE1  sing Y N 345 
TYR CD1 HD1  sing N N 346 
TYR CD2 CE2  doub Y N 347 
TYR CD2 HD2  sing N N 348 
TYR CE1 CZ   doub Y N 349 
TYR CE1 HE1  sing N N 350 
TYR CE2 CZ   sing Y N 351 
TYR CE2 HE2  sing N N 352 
TYR CZ  OH   sing N N 353 
TYR OH  HH   sing N N 354 
TYR OXT HXT  sing N N 355 
VAL N   CA   sing N N 356 
VAL N   H    sing N N 357 
VAL N   H2   sing N N 358 
VAL CA  C    sing N N 359 
VAL CA  CB   sing N N 360 
VAL CA  HA   sing N N 361 
VAL C   O    doub N N 362 
VAL C   OXT  sing N N 363 
VAL CB  CG1  sing N N 364 
VAL CB  CG2  sing N N 365 
VAL CB  HB   sing N N 366 
VAL CG1 HG11 sing N N 367 
VAL CG1 HG12 sing N N 368 
VAL CG1 HG13 sing N N 369 
VAL CG2 HG21 sing N N 370 
VAL CG2 HG22 sing N N 371 
VAL CG2 HG23 sing N N 372 
VAL OXT HXT  sing N N 373 
# 
_atom_sites.entry_id                    1TIA 
_atom_sites.fract_transf_matrix[1][1]   -0.00230712 
_atom_sites.fract_transf_matrix[1][2]   0.01746078 
_atom_sites.fract_transf_matrix[1][3]   -0.01983395 
_atom_sites.fract_transf_matrix[2][1]   0.02242682 
_atom_sites.fract_transf_matrix[2][2]   -0.00717311 
_atom_sites.fract_transf_matrix[2][3]   0.00564028 
_atom_sites.fract_transf_matrix[3][1]   -0.00945109 
_atom_sites.fract_transf_matrix[3][2]   -0.01160371 
_atom_sites.fract_transf_matrix[3][3]   -0.03119157 
_atom_sites.fract_transf_vector[1]      0.502294 
_atom_sites.fract_transf_vector[2]      0.228307 
_atom_sites.fract_transf_vector[3]      -1.663372 
# 
loop_
_atom_type.symbol 
C 
N 
O 
# 
loop_
_atom_site.group_PDB 
_atom_site.id 
_atom_site.type_symbol 
_atom_site.label_atom_id 
_atom_site.label_alt_id 
_atom_site.label_comp_id 
_atom_site.label_asym_id 
_atom_site.label_entity_id 
_atom_site.label_seq_id 
_atom_site.pdbx_PDB_ins_code 
_atom_site.Cartn_x 
_atom_site.Cartn_y 
_atom_site.Cartn_z 
_atom_site.occupancy 
_atom_site.B_iso_or_equiv 
_atom_site.pdbx_formal_charge 
_atom_site.auth_seq_id 
_atom_site.auth_comp_id 
_atom_site.auth_asym_id 
_atom_site.auth_atom_id 
_atom_site.pdbx_PDB_model_num 
ATOM 1   C CA  . ASP A 1 1   ? -17.462 -6.051  -11.615 1.00 25.10 ? 1   ASP A CA  1 
ATOM 2   C CA  . VAL A 1 2   ? -14.948 -8.499  -10.190 1.00 17.20 ? 2   VAL A CA  1 
ATOM 3   C CA  . SER A 1 3   ? -15.222 -12.253 -9.500  1.00 13.00 ? 3   SER A CA  1 
ATOM 4   C CA  . THR A 1 4   ? -15.989 -13.473 -5.934  1.00 11.40 ? 4   THR A CA  1 
ATOM 5   C CA  . SER A 1 5   ? -12.510 -14.999 -5.781  1.00 12.80 ? 5   SER A CA  1 
ATOM 6   C CA  . GLU A 1 6   ? -11.016 -11.578 -6.710  1.00 12.10 ? 6   GLU A CA  1 
ATOM 7   C CA  . LEU A 1 7   ? -13.260 -9.756  -4.118  1.00 13.20 ? 7   LEU A CA  1 
ATOM 8   C CA  . ASP A 1 8   ? -12.189 -12.347 -1.452  1.00 15.00 ? 8   ASP A CA  1 
ATOM 9   C CA  . GLN A 1 9   ? -8.400  -11.757 -1.981  1.00 16.80 ? 9   GLN A CA  1 
ATOM 10  C CA  . PHE A 1 10  ? -8.808  -7.915  -2.077  1.00 12.90 ? 10  PHE A CA  1 
ATOM 11  C CA  . GLU A 1 11  ? -10.824 -8.132  1.211   1.00 15.50 ? 11  GLU A CA  1 
ATOM 12  C CA  . PHE A 1 12  ? -8.073  -10.320 2.747   1.00 8.50  ? 12  PHE A CA  1 
ATOM 13  C CA  . TRP A 1 13  ? -4.832  -8.348  1.984   1.00 7.30  ? 13  TRP A CA  1 
ATOM 14  C CA  . VAL A 1 14  ? -6.172  -4.974  3.338   1.00 6.00  ? 14  VAL A CA  1 
ATOM 15  C CA  . GLN A 1 15  ? -6.234  -6.675  6.835   1.00 4.70  ? 15  GLN A CA  1 
ATOM 16  C CA  . TYR A 1 16  ? -2.407  -6.826  6.750   1.00 7.00  ? 16  TYR A CA  1 
ATOM 17  C CA  . ALA A 1 17  ? -2.580  -3.024  6.077   1.00 9.30  ? 17  ALA A CA  1 
ATOM 18  C CA  . ALA A 1 18  ? -5.078  -2.606  8.974   1.00 7.90  ? 18  ALA A CA  1 
ATOM 19  C CA  . ALA A 1 19  ? -2.618  -4.541  11.226  1.00 6.90  ? 19  ALA A CA  1 
ATOM 20  C CA  . SER A 1 20  ? 0.291   -2.147  10.359  1.00 7.20  ? 20  SER A CA  1 
ATOM 21  C CA  . TYR A 1 21  ? -1.454  0.750   12.201  1.00 9.20  ? 21  TYR A CA  1 
ATOM 22  C CA  . TYR A 1 22  ? -1.170  -0.973  15.674  1.00 11.30 ? 22  TYR A CA  1 
ATOM 23  C CA  . GLU A 1 23  ? 1.934   -0.074  17.685  1.00 10.30 ? 23  GLU A CA  1 
ATOM 24  C CA  . ALA A 1 24  ? 1.478   -3.612  19.267  1.00 12.30 ? 24  ALA A CA  1 
ATOM 25  C CA  . ASP A 1 25  ? 2.108   -5.232  15.831  1.00 11.40 ? 25  ASP A CA  1 
ATOM 26  C CA  . TYR A 1 26  ? 5.140   -3.127  14.729  1.00 10.30 ? 26  TYR A CA  1 
ATOM 27  C CA  . THR A 1 27  ? 6.721   -3.235  18.256  1.00 11.50 ? 27  THR A CA  1 
ATOM 28  C CA  . ALA A 1 28  ? 5.944   -6.901  18.748  1.00 16.70 ? 28  ALA A CA  1 
ATOM 29  C CA  . GLN A 1 29  ? 8.697   -9.358  19.676  1.00 20.80 ? 29  GLN A CA  1 
ATOM 30  C CA  . VAL A 1 30  ? 9.993   -11.777 17.030  1.00 22.30 ? 30  VAL A CA  1 
ATOM 31  C CA  . GLY A 1 31  ? 7.524   -14.639 16.903  1.00 18.10 ? 31  GLY A CA  1 
ATOM 32  C CA  . ASP A 1 32  ? 4.515   -12.813 18.347  1.00 16.10 ? 32  ASP A CA  1 
ATOM 33  C CA  . LYS A 1 33  ? 1.273   -13.322 16.454  1.00 14.40 ? 33  LYS A CA  1 
ATOM 34  C CA  . LEU A 1 34  ? -0.350  -10.410 14.613  1.00 12.00 ? 34  LEU A CA  1 
ATOM 35  C CA  . SER A 1 35  ? -3.596  -9.230  16.278  1.00 12.50 ? 35  SER A CA  1 
ATOM 36  C CA  . CYS A 1 36  ? -5.965  -6.387  15.931  1.00 9.40  ? 36  CYS A CA  1 
ATOM 37  C CA  . SER A 1 37  ? -7.571  -5.002  19.083  1.00 12.20 ? 37  SER A CA  1 
ATOM 38  C CA  . LYS A 1 38  ? -10.541 -3.298  17.310  1.00 13.40 ? 38  LYS A CA  1 
ATOM 39  C CA  . GLY A 1 39  ? -11.537 -6.267  15.160  1.00 12.20 ? 39  GLY A CA  1 
ATOM 40  C CA  . ASN A 1 40  ? -10.404 -5.185  11.672  1.00 10.20 ? 40  ASN A CA  1 
ATOM 41  C CA  . CYS A 1 41  ? -8.102  -8.079  10.771  1.00 9.20  ? 41  CYS A CA  1 
ATOM 42  C CA  . PRO A 1 42  ? -10.190 -11.185 11.654  1.00 13.10 ? 42  PRO A CA  1 
ATOM 43  C CA  . GLU A 1 43  ? -8.944  -13.345 8.689   1.00 12.50 ? 43  GLU A CA  1 
ATOM 44  C CA  . VAL A 1 44  ? -5.278  -12.408 9.313   1.00 7.60  ? 44  VAL A CA  1 
ATOM 45  C CA  . GLU A 1 45  ? -5.758  -13.473 12.931  1.00 10.30 ? 45  GLU A CA  1 
ATOM 46  C CA  . ALA A 1 46  ? -7.242  -16.802 11.645  1.00 10.50 ? 46  ALA A CA  1 
ATOM 47  C CA  . THR A 1 47  ? -4.030  -17.730 9.742   1.00 6.50  ? 47  THR A CA  1 
ATOM 48  C CA  . GLY A 1 48  ? -1.889  -17.498 12.859  1.00 5.00  ? 48  GLY A CA  1 
ATOM 49  C CA  . ALA A 1 49  ? 0.642   -15.302 10.930  1.00 4.90  ? 49  ALA A CA  1 
ATOM 50  C CA  . THR A 1 50  ? 3.536   -14.309 13.206  1.00 8.80  ? 50  THR A CA  1 
ATOM 51  C CA  . VAL A 1 51  ? 6.070   -11.429 13.066  1.00 10.90 ? 51  VAL A CA  1 
ATOM 52  C CA  . SER A 1 52  ? 9.501   -12.246 11.704  1.00 8.80  ? 52  SER A CA  1 
ATOM 53  C CA  . TYR A 1 53  ? 10.886  -8.658  11.873  1.00 7.90  ? 53  TYR A CA  1 
ATOM 54  C CA  . ASP A 1 54  ? 9.324   -5.199  12.550  1.00 7.40  ? 54  ASP A CA  1 
ATOM 55  C CA  . PHE A 1 55  ? 10.408  -1.507  12.496  1.00 11.70 ? 55  PHE A CA  1 
ATOM 56  C CA  . SER A 1 56  ? 8.801   1.374   14.464  1.00 18.70 ? 56  SER A CA  1 
ATOM 57  C CA  . ASP A 1 57  ? 8.050   5.013   13.569  1.00 24.20 ? 57  ASP A CA  1 
ATOM 58  C CA  . SER A 1 58  ? 10.034  6.872   16.425  1.00 20.10 ? 58  SER A CA  1 
ATOM 59  C CA  . THR A 1 59  ? 11.738  10.282  16.249  1.00 18.20 ? 59  THR A CA  1 
ATOM 60  C CA  . ILE A 1 60  ? 13.792  9.833   13.022  1.00 17.30 ? 60  ILE A CA  1 
ATOM 61  C CA  . THR A 1 61  ? 11.030  8.516   10.799  1.00 11.50 ? 61  THR A CA  1 
ATOM 62  C CA  . ASP A 1 62  ? 7.282   8.203   10.449  1.00 11.80 ? 62  ASP A CA  1 
ATOM 63  C CA  . THR A 1 63  ? 7.438   4.822   8.682   1.00 10.60 ? 63  THR A CA  1 
ATOM 64  C CA  . ALA A 1 64  ? 6.538   1.790   10.757  1.00 10.20 ? 64  ALA A CA  1 
ATOM 65  C CA  . GLY A 1 65  ? 5.986   -1.820  9.655   1.00 6.70  ? 65  GLY A CA  1 
ATOM 66  C CA  . TYR A 1 66  ? 6.733   -5.503  9.670   1.00 8.80  ? 66  TYR A CA  1 
ATOM 67  C CA  . ILE A 1 67  ? 7.677   -8.741  7.951   1.00 6.60  ? 67  ILE A CA  1 
ATOM 68  C CA  . ALA A 1 68  ? 5.118   -11.491 8.840   1.00 8.40  ? 68  ALA A CA  1 
ATOM 69  C CA  . VAL A 1 69  ? 4.975   -15.155 7.664   1.00 7.10  ? 69  VAL A CA  1 
ATOM 70  C CA  . ASP A 1 70  ? 1.616   -16.581 6.618   1.00 11.40 ? 70  ASP A CA  1 
ATOM 71  C CA  . HIS A 1 71  ? 1.705   -20.352 6.614   1.00 13.10 ? 71  HIS A CA  1 
ATOM 72  C CA  . THR A 1 72  ? -2.046  -20.729 5.804   1.00 13.00 ? 72  THR A CA  1 
ATOM 73  C CA  . ASN A 1 73  ? -1.436  -18.928 2.485   1.00 11.90 ? 73  ASN A CA  1 
ATOM 74  C CA  . SER A 1 74  ? 2.300   -19.547 1.858   1.00 10.00 ? 74  SER A CA  1 
ATOM 75  C CA  . ALA A 1 75  ? 3.243   -15.847 1.861   1.00 6.80  ? 75  ALA A CA  1 
ATOM 76  C CA  . VAL A 1 76  ? 5.950   -13.572 3.246   1.00 8.00  ? 76  VAL A CA  1 
ATOM 77  C CA  . VAL A 1 77  ? 4.145   -10.273 4.011   1.00 9.20  ? 77  VAL A CA  1 
ATOM 78  C CA  . LEU A 1 78  ? 5.963   -6.916  3.987   1.00 6.80  ? 78  LEU A CA  1 
ATOM 79  C CA  . ALA A 1 79  ? 3.594   -4.176  5.301   1.00 4.30  ? 79  ALA A CA  1 
ATOM 80  C CA  . PHE A 1 80  ? 4.146   -0.435  5.488   1.00 6.70  ? 80  PHE A CA  1 
ATOM 81  C CA  . ARG A 1 81  ? 2.556   2.267   7.658   1.00 6.80  ? 81  ARG A CA  1 
ATOM 82  C CA  . GLY A 1 82  ? 3.465   5.884   6.602   1.00 9.00  ? 82  GLY A CA  1 
ATOM 83  C CA  . SER A 1 83  ? 2.670   9.269   8.199   1.00 11.50 ? 83  SER A CA  1 
ATOM 84  C CA  . TYR A 1 84  ? -0.590  9.406   10.143  1.00 19.90 ? 84  TYR A CA  1 
ATOM 85  C CA  . SER A 1 85  ? -0.836  13.239  9.682   1.00 17.90 ? 85  SER A CA  1 
ATOM 86  C CA  . VAL A 1 86  ? -2.610  12.632  6.328   1.00 13.00 ? 86  VAL A CA  1 
ATOM 87  C CA  . ARG A 1 87  ? -5.078  15.530  6.521   1.00 7.20  ? 87  ARG A CA  1 
ATOM 88  C CA  . ASN A 1 88  ? -2.046  17.958  6.808   1.00 9.00  ? 88  ASN A CA  1 
ATOM 89  C CA  . TRP A 1 89  ? -0.389  16.312  3.796   1.00 11.90 ? 89  TRP A CA  1 
ATOM 90  C CA  . VAL A 1 90  ? -3.475  16.740  1.538   1.00 8.30  ? 90  VAL A CA  1 
ATOM 91  C CA  . ALA A 1 91  ? -3.787  20.393  2.740   1.00 13.80 ? 91  ALA A CA  1 
ATOM 92  C CA  . ASP A 1 92  ? -0.151  21.641  2.712   1.00 14.20 ? 92  ASP A CA  1 
ATOM 93  C CA  . ALA A 1 93  ? 2.360   19.140  1.304   1.00 14.30 ? 93  ALA A CA  1 
ATOM 94  C CA  . THR A 1 94  ? 4.869   20.011  -1.400  1.00 15.50 ? 94  THR A CA  1 
ATOM 95  C CA  . PHE A 1 95  ? 6.145   17.422  -3.851  1.00 9.90  ? 95  PHE A CA  1 
ATOM 96  C CA  . VAL A 1 96  ? 9.673   17.525  -5.309  1.00 13.40 ? 96  VAL A CA  1 
ATOM 97  C CA  . HIS A 1 97  ? 11.104  15.141  -7.914  1.00 15.10 ? 97  HIS A CA  1 
ATOM 98  C CA  . THR A 1 98  ? 14.116  12.838  -7.255  1.00 14.50 ? 98  THR A CA  1 
ATOM 99  C CA  . ASN A 1 99  ? 15.702  10.152  -9.583  1.00 22.50 ? 99  ASN A CA  1 
ATOM 100 C CA  . PRO A 1 100 ? 15.363  6.846   -7.760  1.00 21.10 ? 100 PRO A CA  1 
ATOM 101 C CA  . GLY A 1 101 ? 17.932  5.061   -9.964  1.00 15.50 ? 101 GLY A CA  1 
ATOM 102 C CA  . LEU A 1 102 ? 15.196  2.625   -11.137 1.00 14.10 ? 102 LEU A CA  1 
ATOM 103 C CA  . CYS A 1 103 ? 14.932  3.412   -14.918 1.00 19.90 ? 103 CYS A CA  1 
ATOM 104 C CA  . ASP A 1 104 ? 14.729  6.885   -16.601 1.00 27.70 ? 104 ASP A CA  1 
ATOM 105 C CA  . GLY A 1 105 ? 12.897  9.500   -17.385 1.00 20.60 ? 105 GLY A CA  1 
ATOM 106 C CA  . CYS A 1 106 ? 11.881  7.625   -14.076 1.00 13.00 ? 106 CYS A CA  1 
ATOM 107 C CA  . LEU A 1 107 ? 12.602  10.101  -11.527 1.00 17.70 ? 107 LEU A CA  1 
ATOM 108 C CA  . ALA A 1 108 ? 10.076  9.834   -8.347  1.00 10.30 ? 108 ALA A CA  1 
ATOM 109 C CA  . GLU A 1 109 ? 8.454   11.746  -5.302  1.00 6.70  ? 109 GLU A CA  1 
ATOM 110 C CA  . LEU A 1 110 ? 11.296  12.695  -2.894  1.00 8.50  ? 110 LEU A CA  1 
ATOM 111 C CA  . GLY A 1 111 ? 9.320   12.147  0.437   1.00 10.00 ? 111 GLY A CA  1 
ATOM 112 C CA  . PHE A 1 112 ? 8.070   8.721   -0.577  1.00 8.90  ? 112 PHE A CA  1 
ATOM 113 C CA  . TRP A 1 113 ? 11.424  7.503   -2.004  1.00 8.50  ? 113 TRP A CA  1 
ATOM 114 C CA  . SER A 1 114 ? 13.270  8.827   1.064   1.00 10.60 ? 114 SER A CA  1 
ATOM 115 C CA  . SER A 1 115 ? 11.141  6.650   3.465   1.00 9.30  ? 115 SER A CA  1 
ATOM 116 C CA  . TRP A 1 116 ? 11.985  3.470   1.575   1.00 9.60  ? 116 TRP A CA  1 
ATOM 117 C CA  . LYS A 1 117 ? 15.733  4.223   1.107   1.00 12.20 ? 117 LYS A CA  1 
ATOM 118 C CA  . LEU A 1 118 ? 16.173  4.882   4.865   1.00 14.50 ? 118 LEU A CA  1 
ATOM 119 C CA  . VAL A 1 119 ? 14.968  1.367   5.766   1.00 14.00 ? 119 VAL A CA  1 
ATOM 120 C CA  . ARG A 1 120 ? 15.854  -0.700  2.640   1.00 15.10 ? 120 ARG A CA  1 
ATOM 121 C CA  . ASP A 1 121 ? 19.390  -2.057  3.576   1.00 14.50 ? 121 ASP A CA  1 
ATOM 122 C CA  . ASP A 1 122 ? 17.998  -3.771  6.682   1.00 14.60 ? 122 ASP A CA  1 
ATOM 123 C CA  . ILE A 1 123 ? 14.768  -4.942  5.006   1.00 10.90 ? 123 ILE A CA  1 
ATOM 124 C CA  . ILE A 1 124 ? 16.801  -6.338  2.036   1.00 12.40 ? 124 ILE A CA  1 
ATOM 125 C CA  . LYS A 1 125 ? 18.982  -8.361  4.543   1.00 10.20 ? 125 LYS A CA  1 
ATOM 126 C CA  . GLU A 1 126 ? 15.975  -9.653  6.588   1.00 10.80 ? 126 GLU A CA  1 
ATOM 127 C CA  . LEU A 1 127 ? 13.945  -10.744 3.505   1.00 11.90 ? 127 LEU A CA  1 
ATOM 128 C CA  . LYS A 1 128 ? 16.833  -12.966 2.204   1.00 14.70 ? 128 LYS A CA  1 
ATOM 129 C CA  . GLU A 1 129 ? 16.828  -14.958 5.507   1.00 14.00 ? 129 GLU A CA  1 
ATOM 130 C CA  . VAL A 1 130 ? 13.060  -15.128 5.876   1.00 9.70  ? 130 VAL A CA  1 
ATOM 131 C CA  . VAL A 1 131 ? 12.674  -16.157 2.114   1.00 12.20 ? 131 VAL A CA  1 
ATOM 132 C CA  . ALA A 1 132 ? 15.710  -18.629 2.528   1.00 15.80 ? 132 ALA A CA  1 
ATOM 133 C CA  . GLN A 1 133 ? 13.708  -20.260 5.333   1.00 18.40 ? 133 GLN A CA  1 
ATOM 134 C CA  . ASN A 1 134 ? 10.351  -20.494 3.456   1.00 18.20 ? 134 ASN A CA  1 
ATOM 135 C CA  . PRO A 1 135 ? 11.407  -21.326 -0.118  1.00 20.90 ? 135 PRO A CA  1 
ATOM 136 C CA  . ASN A 1 136 ? 8.175   -21.664 -2.183  1.00 17.80 ? 136 ASN A CA  1 
ATOM 137 C CA  . TYR A 1 137 ? 6.492   -18.684 -0.445  1.00 13.60 ? 137 TYR A CA  1 
ATOM 138 C CA  . GLU A 1 138 ? 5.497   -15.631 -2.464  1.00 13.50 ? 138 GLU A CA  1 
ATOM 139 C CA  . LEU A 1 139 ? 6.246   -12.077 -1.360  1.00 10.50 ? 139 LEU A CA  1 
ATOM 140 C CA  . VAL A 1 140 ? 3.261   -9.745  -0.866  1.00 8.40  ? 140 VAL A CA  1 
ATOM 141 C CA  . VAL A 1 141 ? 4.035   -5.989  -0.445  1.00 5.90  ? 141 VAL A CA  1 
ATOM 142 C CA  . VAL A 1 142 ? 1.144   -4.178  1.284   1.00 5.60  ? 142 VAL A CA  1 
ATOM 143 C CA  . GLY A 1 143 ? 0.193   -0.694  2.347   1.00 5.30  ? 143 GLY A CA  1 
ATOM 144 C CA  . HIS A 1 144 ? -2.603  1.701   3.045   1.00 5.40  ? 144 HIS A CA  1 
ATOM 145 N N   . SER A 1 145 ? -2.897  4.007   2.273   1.00 7.90  ? 145 SER A N   1 
ATOM 146 C CA  . SER A 1 145 ? -2.585  5.446   2.206   1.00 6.60  ? 145 SER A CA  1 
ATOM 147 C C   . SER A 1 145 ? -1.170  5.838   1.942   1.00 6.30  ? 145 SER A C   1 
ATOM 148 O O   . SER A 1 145 ? -0.531  5.416   0.945   1.00 7.20  ? 145 SER A O   1 
ATOM 149 C CB  . SER A 1 145 ? -3.127  5.937   3.539   1.00 9.30  ? 145 SER A CB  1 
ATOM 150 O OG  . SER A 1 145 ? -2.616  7.157   3.996   1.00 14.00 ? 145 SER A OG  1 
ATOM 151 C CA  . LEU A 1 146 ? 0.955   7.020   2.635   1.00 7.70  ? 146 LEU A CA  1 
ATOM 152 C CA  . GLY A 1 147 ? 2.277   3.539   3.387   1.00 4.90  ? 147 GLY A CA  1 
ATOM 153 C CA  . ALA A 1 148 ? 0.751   2.398   0.027   1.00 5.00  ? 148 ALA A CA  1 
ATOM 154 C CA  . ALA A 1 149 ? 3.032   4.923   -1.720  1.00 4.50  ? 149 ALA A CA  1 
ATOM 155 C CA  . VAL A 1 150 ? 6.164   3.610   0.132   1.00 4.40  ? 150 VAL A CA  1 
ATOM 156 C CA  . ALA A 1 151 ? 4.911   0.024   -0.494  1.00 8.00  ? 151 ALA A CA  1 
ATOM 157 C CA  . THR A 1 152 ? 4.724   0.765   -4.279  1.00 5.80  ? 152 THR A CA  1 
ATOM 158 C CA  . LEU A 1 153 ? 8.322   2.148   -4.498  1.00 5.00  ? 153 LEU A CA  1 
ATOM 159 C CA  . ALA A 1 154 ? 9.613   -0.760  -2.294  1.00 5.50  ? 154 ALA A CA  1 
ATOM 160 C CA  . ALA A 1 155 ? 7.982   -3.439  -4.545  1.00 7.60  ? 155 ALA A CA  1 
ATOM 161 C CA  . THR A 1 156 ? 9.385   -1.861  -7.707  1.00 7.10  ? 156 THR A CA  1 
ATOM 162 C CA  . ASP A 1 157 ? 12.855  -1.696  -6.192  1.00 5.20  ? 157 ASP A CA  1 
ATOM 163 C CA  . LEU A 1 158 ? 12.634  -5.338  -4.809  1.00 5.10  ? 158 LEU A CA  1 
ATOM 164 C CA  . ARG A 1 159 ? 11.560  -6.697  -8.249  1.00 6.50  ? 159 ARG A CA  1 
ATOM 165 C CA  . GLY A 1 160 ? 14.896  -5.492  -9.717  1.00 9.80  ? 160 GLY A CA  1 
ATOM 166 C CA  . LYS A 1 161 ? 16.751  -6.784  -6.675  1.00 13.20 ? 161 LYS A CA  1 
ATOM 167 C CA  . GLY A 1 162 ? 15.987  -10.511 -6.579  1.00 10.20 ? 162 GLY A CA  1 
ATOM 168 C CA  . TYR A 1 163 ? 12.200  -10.714 -6.219  1.00 5.10  ? 163 TYR A CA  1 
ATOM 169 C CA  . PRO A 1 164 ? 10.611  -10.311 -9.721  1.00 6.60  ? 164 PRO A CA  1 
ATOM 170 C CA  . SER A 1 165 ? 7.223   -11.854 -8.734  1.00 7.70  ? 165 SER A CA  1 
ATOM 171 C CA  . ALA A 1 166 ? 6.685   -9.674  -5.616  1.00 7.40  ? 166 ALA A CA  1 
ATOM 172 C CA  . LYS A 1 167 ? 2.953   -8.855  -5.531  1.00 6.10  ? 167 LYS A CA  1 
ATOM 173 C CA  . LEU A 1 168 ? 1.689   -5.336  -4.667  1.00 6.60  ? 168 LEU A CA  1 
ATOM 174 C CA  . TYR A 1 169 ? -1.543  -4.489  -2.826  1.00 5.60  ? 169 TYR A CA  1 
ATOM 175 C CA  . ALA A 1 170 ? -1.703  -0.624  -2.658  1.00 7.40  ? 170 ALA A CA  1 
ATOM 176 C CA  . TYR A 1 171 ? -4.785  0.705   -0.898  1.00 6.40  ? 171 TYR A CA  1 
ATOM 177 C CA  . ALA A 1 172 ? -5.627  4.415   -1.305  1.00 9.20  ? 172 ALA A CA  1 
ATOM 178 C CA  . SER A 1 173 ? -2.125  5.271   -2.613  1.00 6.90  ? 173 SER A CA  1 
ATOM 179 C CA  . PRO A 1 174 ? -1.257  8.785   -3.872  1.00 8.50  ? 174 PRO A CA  1 
ATOM 180 C CA  . ARG A 1 175 ? 0.764   9.056   -7.167  1.00 5.10  ? 175 ARG A CA  1 
ATOM 181 C CA  . VAL A 1 176 ? 4.419   8.134   -6.701  1.00 3.70  ? 176 VAL A CA  1 
ATOM 182 C CA  . GLY A 1 177 ? 6.214   8.949   -9.988  1.00 7.90  ? 177 GLY A CA  1 
ATOM 183 C CA  . ASN A 1 178 ? 6.170   10.444  -13.503 1.00 7.60  ? 178 ASN A CA  1 
ATOM 184 C CA  . ALA A 1 179 ? 4.910   8.699   -16.681 1.00 8.20  ? 179 ALA A CA  1 
ATOM 185 C CA  . ALA A 1 180 ? 8.126   6.779   -17.224 1.00 7.10  ? 180 ALA A CA  1 
ATOM 186 C CA  . LEU A 1 181 ? 8.054   5.409   -13.616 1.00 6.80  ? 181 LEU A CA  1 
ATOM 187 C CA  . ALA A 1 182 ? 4.246   4.585   -13.899 1.00 5.70  ? 182 ALA A CA  1 
ATOM 188 C CA  . LYS A 1 183 ? 4.975   2.733   -17.183 1.00 6.70  ? 183 LYS A CA  1 
ATOM 189 C CA  . TYR A 1 184 ? 7.882   0.668   -15.777 1.00 8.60  ? 184 TYR A CA  1 
ATOM 190 C CA  . ILE A 1 185 ? 5.913   -0.505  -12.678 1.00 7.20  ? 185 ILE A CA  1 
ATOM 191 C CA  . THR A 1 186 ? 2.667   -1.264  -14.637 1.00 8.00  ? 186 THR A CA  1 
ATOM 192 C CA  . ALA A 1 187 ? 4.772   -3.447  -17.085 1.00 9.50  ? 187 ALA A CA  1 
ATOM 193 C CA  . GLN A 1 188 ? 6.161   -5.492  -14.071 1.00 7.50  ? 188 GLN A CA  1 
ATOM 194 C CA  . GLY A 1 189 ? 2.648   -6.975  -13.449 1.00 7.60  ? 189 GLY A CA  1 
ATOM 195 C CA  . ASN A 1 190 ? 1.141   -8.167  -10.120 1.00 11.10 ? 190 ASN A CA  1 
ATOM 196 C CA  . ASN A 1 191 ? -0.107  -4.632  -9.169  1.00 9.80  ? 191 ASN A CA  1 
ATOM 197 C CA  . PHE A 1 192 ? -3.488  -4.273  -7.341  1.00 7.60  ? 192 PHE A CA  1 
ATOM 198 C CA  . ARG A 1 193 ? -4.148  -0.540  -6.685  1.00 8.00  ? 193 ARG A CA  1 
ATOM 199 C CA  . PHE A 1 194 ? -7.393  0.561   -5.144  1.00 5.80  ? 194 PHE A CA  1 
ATOM 200 C CA  . THR A 1 195 ? -9.326  3.755   -4.901  1.00 6.80  ? 195 THR A CA  1 
ATOM 201 C CA  . HIS A 1 196 ? -12.583 4.486   -3.100  1.00 9.90  ? 196 HIS A CA  1 
ATOM 202 C CA  . THR A 1 197 ? -15.372 6.849   -4.376  1.00 10.40 ? 197 THR A CA  1 
ATOM 203 C CA  . ASN A 1 198 ? -13.983 10.431  -4.187  1.00 9.50  ? 198 ASN A CA  1 
ATOM 204 N N   . ASP A 1 199 ? -12.229 9.729   -2.629  1.00 9.90  ? 199 ASP A N   1 
ATOM 205 C CA  . ASP A 1 199 ? -11.136 9.926   -1.669  1.00 7.30  ? 199 ASP A CA  1 
ATOM 206 C C   . ASP A 1 199 ? -10.141 10.863  -2.362  1.00 7.20  ? 199 ASP A C   1 
ATOM 207 O O   . ASP A 1 199 ? -9.658  10.627  -3.478  1.00 11.60 ? 199 ASP A O   1 
ATOM 208 C CB  . ASP A 1 199 ? -10.606 8.567   -1.167  1.00 6.10  ? 199 ASP A CB  1 
ATOM 209 C CG  . ASP A 1 199 ? -9.304  8.375   -0.504  1.00 6.90  ? 199 ASP A CG  1 
ATOM 210 O OD1 . ASP A 1 199 ? -8.804  9.283   0.229   1.00 4.90  ? 199 ASP A OD1 1 
ATOM 211 O OD2 . ASP A 1 199 ? -8.573  7.346   -0.532  1.00 5.20  ? 199 ASP A OD2 1 
ATOM 212 C CA  . PRO A 1 200 ? -8.736  12.879  -2.052  1.00 7.00  ? 200 PRO A CA  1 
ATOM 213 C CA  . VAL A 1 201 ? -5.473  11.073  -1.220  1.00 6.80  ? 201 VAL A CA  1 
ATOM 214 C CA  . PRO A 1 202 ? -5.251  9.068   -4.452  1.00 7.30  ? 202 PRO A CA  1 
ATOM 215 C CA  . LYS A 1 203 ? -5.801  12.320  -6.536  1.00 9.30  ? 203 LYS A CA  1 
ATOM 216 C CA  . LEU A 1 204 ? -2.355  13.638  -5.513  1.00 9.30  ? 204 LEU A CA  1 
ATOM 217 C CA  . PRO A 1 205 ? 0.076   14.852  -6.593  1.00 10.70 ? 205 PRO A CA  1 
ATOM 218 C CA  . LEU A 1 206 ? -2.017  15.949  -9.604  1.00 11.70 ? 206 LEU A CA  1 
ATOM 219 C CA  . LEU A 1 207 ? -1.814  14.850  -13.200 1.00 15.20 ? 207 LEU A CA  1 
ATOM 220 C CA  . SER A 1 208 ? -0.829  18.526  -13.901 1.00 17.00 ? 208 SER A CA  1 
ATOM 221 C CA  . MET A 1 209 ? 2.273   18.155  -11.543 1.00 12.60 ? 209 MET A CA  1 
ATOM 222 C CA  . GLY A 1 210 ? 3.686   15.516  -13.991 1.00 10.60 ? 210 GLY A CA  1 
ATOM 223 C CA  . TYR A 1 211 ? 2.766   12.436  -11.893 1.00 9.60  ? 211 TYR A CA  1 
ATOM 224 C CA  . VAL A 1 212 ? 0.992   9.297   -13.197 1.00 7.50  ? 212 VAL A CA  1 
ATOM 225 C CA  . HIS A 1 213 ? -0.498  6.327   -11.247 1.00 7.70  ? 213 HIS A CA  1 
ATOM 226 C CA  . VAL A 1 214 ? 0.328   2.642   -11.907 1.00 8.10  ? 214 VAL A CA  1 
ATOM 227 C CA  . SER A 1 215 ? -2.502  0.817   -13.850 1.00 5.80  ? 215 SER A CA  1 
ATOM 228 C CA  . PRO A 1 216 ? -5.013  -0.758  -13.647 1.00 6.40  ? 216 PRO A CA  1 
ATOM 229 C CA  . GLU A 1 217 ? -7.206  1.023   -11.035 1.00 9.20  ? 217 GLU A CA  1 
ATOM 230 C CA  . TYR A 1 218 ? -9.568  -0.903  -8.746  1.00 10.00 ? 218 TYR A CA  1 
ATOM 231 C CA  . TRP A 1 219 ? -12.323 1.739   -8.001  1.00 8.90  ? 219 TRP A CA  1 
ATOM 232 C CA  . ILE A 1 220 ? -14.576 0.885   -5.056  1.00 10.20 ? 220 ILE A CA  1 
ATOM 233 C CA  . THR A 1 221 ? -17.912 2.655   -5.700  1.00 12.50 ? 221 THR A CA  1 
ATOM 234 C CA  . SER A 1 222 ? -19.822 1.447   -2.543  1.00 15.90 ? 222 SER A CA  1 
ATOM 235 C CA  . PRO A 1 223 ? -20.215 4.044   0.259   1.00 18.10 ? 223 PRO A CA  1 
ATOM 236 C CA  . ASN A 1 224 ? -18.345 4.351   3.591   1.00 20.90 ? 224 ASN A CA  1 
ATOM 237 C CA  . ASN A 1 225 ? -19.311 1.644   6.137   1.00 23.90 ? 225 ASN A CA  1 
ATOM 238 C CA  . ALA A 1 226 ? -20.917 -0.321  3.254   1.00 23.10 ? 226 ALA A CA  1 
ATOM 239 C CA  . THR A 1 227 ? -20.048 -3.834  2.398   1.00 23.80 ? 227 THR A CA  1 
ATOM 240 C CA  . VAL A 1 228 ? -18.278 -4.042  -0.936  1.00 19.80 ? 228 VAL A CA  1 
ATOM 241 C CA  . SER A 1 229 ? -19.802 -6.443  -3.422  1.00 17.00 ? 229 SER A CA  1 
ATOM 242 C CA  . THR A 1 230 ? -18.794 -7.797  -6.815  1.00 16.00 ? 230 THR A CA  1 
ATOM 243 C CA  . SER A 1 231 ? -20.912 -5.083  -8.466  1.00 17.90 ? 231 SER A CA  1 
ATOM 244 C CA  . ASP A 1 232 ? -19.052 -2.290  -6.543  1.00 15.60 ? 232 ASP A CA  1 
ATOM 245 C CA  . ILE A 1 233 ? -15.512 -2.427  -8.097  1.00 12.60 ? 233 ILE A CA  1 
ATOM 246 C CA  . LYS A 1 234 ? -14.791 -0.933  -11.569 1.00 7.80  ? 234 LYS A CA  1 
ATOM 247 C CA  . VAL A 1 235 ? -11.486 -1.709  -13.366 1.00 9.20  ? 235 VAL A CA  1 
ATOM 248 C CA  . ILE A 1 236 ? -9.922  1.402   -15.061 1.00 9.50  ? 236 ILE A CA  1 
ATOM 249 C CA  . ASP A 1 237 ? -7.270  0.640   -17.686 1.00 12.50 ? 237 ASP A CA  1 
ATOM 250 C CA  . GLY A 1 238 ? -5.259  3.947   -17.543 1.00 16.20 ? 238 GLY A CA  1 
ATOM 251 C CA  . ASP A 1 239 ? -4.742  7.081   -15.399 1.00 13.70 ? 239 ASP A CA  1 
ATOM 252 C CA  . VAL A 1 240 ? -6.964  9.602   -17.242 1.00 17.30 ? 240 VAL A CA  1 
ATOM 253 C CA  . SER A 1 241 ? -8.422  12.928  -16.043 1.00 17.90 ? 241 SER A CA  1 
ATOM 254 C CA  . PHE A 1 242 ? -12.092 11.871  -16.561 1.00 16.60 ? 242 PHE A CA  1 
ATOM 255 C CA  . ASP A 1 243 ? -11.982 8.288   -15.217 1.00 15.60 ? 243 ASP A CA  1 
ATOM 256 C CA  . GLY A 1 244 ? -12.360 6.513   -11.831 1.00 13.40 ? 244 GLY A CA  1 
ATOM 257 C CA  . ASN A 1 245 ? -11.393 8.377   -8.659  1.00 12.90 ? 245 ASN A CA  1 
ATOM 258 C CA  . THR A 1 246 ? -9.518  11.166  -10.523 1.00 13.60 ? 246 THR A CA  1 
ATOM 259 C CA  . GLY A 1 247 ? -12.656 11.921  -12.572 1.00 14.70 ? 247 GLY A CA  1 
ATOM 260 C CA  . THR A 1 248 ? -14.713 12.821  -9.438  1.00 16.40 ? 248 THR A CA  1 
ATOM 261 C CA  . GLY A 1 249 ? -12.846 16.252  -9.394  1.00 15.40 ? 249 GLY A CA  1 
ATOM 262 C CA  . LEU A 1 250 ? -10.028 18.068  -7.528  1.00 15.40 ? 250 LEU A CA  1 
ATOM 263 C CA  . PRO A 1 251 ? -9.402  16.596  -4.142  1.00 14.70 ? 251 PRO A CA  1 
ATOM 264 C CA  . LEU A 1 252 ? -11.605 18.117  -1.380  1.00 16.90 ? 252 LEU A CA  1 
ATOM 265 C CA  . LEU A 1 253 ? -10.784 17.693  2.398   1.00 17.20 ? 253 LEU A CA  1 
ATOM 266 C CA  . THR A 1 254 ? -14.671 17.614  2.860   1.00 16.70 ? 254 THR A CA  1 
ATOM 267 C CA  . ASP A 1 255 ? -14.338 14.173  1.084   1.00 15.30 ? 255 ASP A CA  1 
ATOM 268 C CA  . PHE A 1 256 ? -11.585 12.921  3.559   1.00 15.10 ? 256 PHE A CA  1 
ATOM 269 C CA  . GLU A 1 257 ? -13.795 10.256  5.334   1.00 16.80 ? 257 GLU A CA  1 
ATOM 270 C CA  . ALA A 1 258 ? -13.818 8.002   2.075   1.00 12.30 ? 258 ALA A CA  1 
ATOM 271 N N   . HIS A 1 259 ? -11.364 7.995   2.549   1.00 11.20 ? 259 HIS A N   1 
ATOM 272 C CA  . HIS A 1 259 ? -10.004 7.567   2.739   1.00 13.40 ? 259 HIS A CA  1 
ATOM 273 C C   . HIS A 1 259 ? -9.792  6.328   3.639   1.00 13.60 ? 259 HIS A C   1 
ATOM 274 O O   . HIS A 1 259 ? -8.895  5.534   3.338   1.00 13.70 ? 259 HIS A O   1 
ATOM 275 C CB  . HIS A 1 259 ? -9.083  8.706   3.337   1.00 11.10 ? 259 HIS A CB  1 
ATOM 276 C CG  . HIS A 1 259 ? -7.644  8.355   3.142   1.00 9.70  ? 259 HIS A CG  1 
ATOM 277 N ND1 . HIS A 1 259 ? -7.108  7.915   1.942   1.00 8.80  ? 259 HIS A ND1 1 
ATOM 278 C CD2 . HIS A 1 259 ? -6.651  8.300   4.073   1.00 9.70  ? 259 HIS A CD2 1 
ATOM 279 C CE1 . HIS A 1 259 ? -5.820  7.638   2.193   1.00 8.60  ? 259 HIS A CE1 1 
ATOM 280 N NE2 . HIS A 1 259 ? -5.508  7.889   3.455   1.00 8.30  ? 259 HIS A NE2 1 
ATOM 281 C CA  . ILE A 1 260 ? -10.377 4.995   5.637   1.00 15.30 ? 260 ILE A CA  1 
ATOM 282 C CA  . TRP A 1 261 ? -13.215 2.813   4.271   1.00 14.00 ? 261 TRP A CA  1 
ATOM 283 C CA  . TYR A 1 262 ? -11.321 0.399   2.037   1.00 13.70 ? 262 TYR A CA  1 
ATOM 284 C CA  . PHE A 1 263 ? -13.282 -2.902  2.676   1.00 15.70 ? 263 PHE A CA  1 
ATOM 285 C CA  . VAL A 1 264 ? -12.901 -2.310  6.414   1.00 16.80 ? 264 VAL A CA  1 
ATOM 286 C CA  . GLN A 1 265 ? -11.888 0.603   8.605   1.00 19.60 ? 265 GLN A CA  1 
ATOM 287 C CA  . VAL A 1 266 ? -8.136  0.375   7.795   1.00 15.30 ? 266 VAL A CA  1 
ATOM 288 C CA  . ASP A 1 267 ? -6.794  2.897   10.307  1.00 18.50 ? 267 ASP A CA  1 
ATOM 289 C CA  . ALA A 1 268 ? -8.729  1.802   13.483  1.00 20.30 ? 268 ALA A CA  1 
ATOM 290 C CA  . GLY A 1 269 ? -5.192  0.798   14.964  1.00 24.20 ? 269 GLY A CA  1 
ATOM 291 C CA  . LYS A 1 270 ? -4.372  4.518   15.635  1.00 28.10 ? 270 LYS A CA  1 
ATOM 292 C CA  . GLY A 1 271 ? -6.223  6.486   12.946  1.00 31.20 ? 271 GLY A CA  1 
# 
